data_5NWX
# 
_entry.id   5NWX 
# 
_audit_conform.dict_name       mmcif_pdbx.dic 
_audit_conform.dict_version    5.383 
_audit_conform.dict_location   http://mmcif.pdb.org/dictionaries/ascii/mmcif_pdbx.dic 
# 
loop_
_database_2.database_id 
_database_2.database_code 
_database_2.pdbx_database_accession 
_database_2.pdbx_DOI 
PDB   5NWX         pdb_00005nwx 10.2210/pdb5nwx/pdb 
WWPDB D_1200004865 ?            ?                   
# 
loop_
_pdbx_audit_revision_history.ordinal 
_pdbx_audit_revision_history.data_content_type 
_pdbx_audit_revision_history.major_revision 
_pdbx_audit_revision_history.minor_revision 
_pdbx_audit_revision_history.revision_date 
1 'Structure model' 1 0 2017-12-13 
2 'Structure model' 1 1 2024-01-17 
# 
_pdbx_audit_revision_details.ordinal             1 
_pdbx_audit_revision_details.revision_ordinal    1 
_pdbx_audit_revision_details.data_content_type   'Structure model' 
_pdbx_audit_revision_details.provider            repository 
_pdbx_audit_revision_details.type                'Initial release' 
_pdbx_audit_revision_details.description         ? 
_pdbx_audit_revision_details.details             ? 
# 
loop_
_pdbx_audit_revision_group.ordinal 
_pdbx_audit_revision_group.revision_ordinal 
_pdbx_audit_revision_group.data_content_type 
_pdbx_audit_revision_group.group 
1 2 'Structure model' 'Data collection'        
2 2 'Structure model' 'Database references'    
3 2 'Structure model' 'Refinement description' 
# 
loop_
_pdbx_audit_revision_category.ordinal 
_pdbx_audit_revision_category.revision_ordinal 
_pdbx_audit_revision_category.data_content_type 
_pdbx_audit_revision_category.category 
1 2 'Structure model' chem_comp_atom                
2 2 'Structure model' chem_comp_bond                
3 2 'Structure model' database_2                    
4 2 'Structure model' pdbx_initial_refinement_model 
# 
loop_
_pdbx_audit_revision_item.ordinal 
_pdbx_audit_revision_item.revision_ordinal 
_pdbx_audit_revision_item.data_content_type 
_pdbx_audit_revision_item.item 
1 2 'Structure model' '_database_2.pdbx_DOI'                
2 2 'Structure model' '_database_2.pdbx_database_accession' 
# 
_pdbx_database_status.status_code                     REL 
_pdbx_database_status.status_code_sf                  REL 
_pdbx_database_status.status_code_mr                  ? 
_pdbx_database_status.entry_id                        5NWX 
_pdbx_database_status.recvd_initial_deposition_date   2017-05-08 
_pdbx_database_status.SG_entry                        N 
_pdbx_database_status.deposit_site                    PDBE 
_pdbx_database_status.process_site                    PDBE 
_pdbx_database_status.status_code_cs                  ? 
_pdbx_database_status.methods_development_category    ? 
_pdbx_database_status.pdb_format_compatible           Y 
_pdbx_database_status.status_code_nmr_data            ? 
# 
_pdbx_database_related.db_name        PDB 
_pdbx_database_related.details        'NMR structure of the NcoA1-STAT6 complex' 
_pdbx_database_related.db_id          5NWM 
_pdbx_database_related.content_type   unspecified 
# 
loop_
_audit_author.name 
_audit_author.pdbx_ordinal 
_audit_author.identifier_ORCID 
'Russo, L.'      1 ? 
'Giller, K.'     2 ? 
'Pfitzner, E.'   3 ? 
'Griesinger, C.' 4 ? 
'Becker, S.'     5 ? 
# 
loop_
_citation.abstract 
_citation.abstract_id_CAS 
_citation.book_id_ISBN 
_citation.book_publisher 
_citation.book_publisher_city 
_citation.book_title 
_citation.coordinate_linkage 
_citation.country 
_citation.database_id_Medline 
_citation.details 
_citation.id 
_citation.journal_abbrev 
_citation.journal_id_ASTM 
_citation.journal_id_CSD 
_citation.journal_id_ISSN 
_citation.journal_full 
_citation.journal_issue 
_citation.journal_volume 
_citation.language 
_citation.page_first 
_citation.page_last 
_citation.title 
_citation.year 
_citation.database_id_CSD 
_citation.pdbx_database_id_DOI 
_citation.pdbx_database_id_PubMed 
_citation.unpublished_flag 
? ? ? ? ? ? ? UK ? ? primary 'Sci Rep'                          ?      ?    2045-2322 ? ? 7   ? 16845 16845 
'Insight into the molecular recognition mechanism of the coactivator NCoA1 by STAT6.' 2017 ? 10.1038/s41598-017-17088-5 29203888 ? 
? ? ? ? ? ? ? UK ? ? 1       'Journal of Molecular Biology'     JMOBAK 0070 0022-2836 ? ? 336 ? 319   329   
'Structure of the NCoA-1/SRC-1 PAS-B Domain Bound to the LXXLL Motif of the STAT6 Transactivation domain' 2004 ? 
10.1016/j.jmb.2003.12.057  14757047 ? 
? ? ? ? ? ? ? DK ? ? 2       'Acta Crystallographica Section D' ABCRE6 0766 0907-4449 ? ? D60 ? 550   552   
;Crystallization and preliminary crystallographic studies of the NCoA-1/SRC-1 PAS-B domain bound to the LXXLL motif of the STAT6 transactivation domain
;
2004 ? 10.1107/S0907444903029378  14993689 ? 
# 
loop_
_citation_author.citation_id 
_citation_author.name 
_citation_author.ordinal 
_citation_author.identifier_ORCID 
primary 'Russo, L.'        1  ? 
primary 'Giller, K.'       2  ? 
primary 'Pfitzner, E.'     3  ? 
primary 'Griesinger, C.'   4  ? 
primary 'Becker, S.'       5  ? 
1       'Razeto, A.'       6  ? 
1       'Ramakrishnan, V.' 7  ? 
1       'Litterst, C.M.'   8  ? 
1       'Giller, K.'       9  ? 
1       'Griesinger, C.'   10 ? 
1       'Carlomagno, T.'   11 ? 
1       'Lakomek, N.'      12 ? 
1       'Heimburg, T.'     13 ? 
1       'Lodrini, M.'      14 ? 
1       'Pfitzner, E.'     15 ? 
1       'Becker, S.'       16 ? 
2       'Razeto, A.'       17 ? 
2       'Pfitzner, E.'     18 ? 
2       'Becker, S.'       19 ? 
# 
loop_
_entity.id 
_entity.type 
_entity.src_method 
_entity.pdbx_description 
_entity.formula_weight 
_entity.pdbx_number_of_molecules 
_entity.pdbx_ec 
_entity.pdbx_mutation 
_entity.pdbx_fragment 
_entity.details 
1 polymer man 'Nuclear receptor coactivator 1'                     14811.774 1 2.3.1.48 K343R 'UNP residues  257-385' ? 
2 polymer man 'Signal transducer and activator of transcription 6' 3452.837  1 ?        ?     'UNP residues 783-814'  ? 
3 water   nat water                                                18.015    8 ?        ?     ?                       ? 
# 
loop_
_entity_name_com.entity_id 
_entity_name_com.name 
1 'NCoA-1,Nuclear receptor coactivator protein 1,mNRC-1,Steroid receptor coactivator 1,SRC-1' 
2 'IL-4 Stat'                                                                                 
# 
loop_
_entity_poly.entity_id 
_entity_poly.type 
_entity_poly.nstd_linkage 
_entity_poly.nstd_monomer 
_entity_poly.pdbx_seq_one_letter_code 
_entity_poly.pdbx_seq_one_letter_code_can 
_entity_poly.pdbx_strand_id 
_entity_poly.pdbx_target_identifier 
1 'polypeptide(L)' no no 
;GHMTGVESFMTKQDTTGKIISIDTSSLRAAGRTGWEDLVRKCIYAFFQPQGREPSYARQLFQEVMTRGTASSPSYRFILN
DGTMLSAHTRCKLCYPQSPDMQPFIMGIHIIDREHSGLSPQDDTNSGMSIPR
;
;GHMTGVESFMTKQDTTGKIISIDTSSLRAAGRTGWEDLVRKCIYAFFQPQGREPSYARQLFQEVMTRGTASSPSYRFILN
DGTMLSAHTRCKLCYPQSPDMQPFIMGIHIIDREHSGLSPQDDTNSGMSIPR
;
A ? 
2 'polypeptide(L)' no no GTWIGEDIFPPLLPPTEQDLTKLLLEGQGESG GTWIGEDIFPPLLPPTEQDLTKLLLEGQGESG B ? 
# 
_pdbx_entity_nonpoly.entity_id   3 
_pdbx_entity_nonpoly.name        water 
_pdbx_entity_nonpoly.comp_id     HOH 
# 
loop_
_entity_poly_seq.entity_id 
_entity_poly_seq.num 
_entity_poly_seq.mon_id 
_entity_poly_seq.hetero 
1 1   GLY n 
1 2   HIS n 
1 3   MET n 
1 4   THR n 
1 5   GLY n 
1 6   VAL n 
1 7   GLU n 
1 8   SER n 
1 9   PHE n 
1 10  MET n 
1 11  THR n 
1 12  LYS n 
1 13  GLN n 
1 14  ASP n 
1 15  THR n 
1 16  THR n 
1 17  GLY n 
1 18  LYS n 
1 19  ILE n 
1 20  ILE n 
1 21  SER n 
1 22  ILE n 
1 23  ASP n 
1 24  THR n 
1 25  SER n 
1 26  SER n 
1 27  LEU n 
1 28  ARG n 
1 29  ALA n 
1 30  ALA n 
1 31  GLY n 
1 32  ARG n 
1 33  THR n 
1 34  GLY n 
1 35  TRP n 
1 36  GLU n 
1 37  ASP n 
1 38  LEU n 
1 39  VAL n 
1 40  ARG n 
1 41  LYS n 
1 42  CYS n 
1 43  ILE n 
1 44  TYR n 
1 45  ALA n 
1 46  PHE n 
1 47  PHE n 
1 48  GLN n 
1 49  PRO n 
1 50  GLN n 
1 51  GLY n 
1 52  ARG n 
1 53  GLU n 
1 54  PRO n 
1 55  SER n 
1 56  TYR n 
1 57  ALA n 
1 58  ARG n 
1 59  GLN n 
1 60  LEU n 
1 61  PHE n 
1 62  GLN n 
1 63  GLU n 
1 64  VAL n 
1 65  MET n 
1 66  THR n 
1 67  ARG n 
1 68  GLY n 
1 69  THR n 
1 70  ALA n 
1 71  SER n 
1 72  SER n 
1 73  PRO n 
1 74  SER n 
1 75  TYR n 
1 76  ARG n 
1 77  PHE n 
1 78  ILE n 
1 79  LEU n 
1 80  ASN n 
1 81  ASP n 
1 82  GLY n 
1 83  THR n 
1 84  MET n 
1 85  LEU n 
1 86  SER n 
1 87  ALA n 
1 88  HIS n 
1 89  THR n 
1 90  ARG n 
1 91  CYS n 
1 92  LYS n 
1 93  LEU n 
1 94  CYS n 
1 95  TYR n 
1 96  PRO n 
1 97  GLN n 
1 98  SER n 
1 99  PRO n 
1 100 ASP n 
1 101 MET n 
1 102 GLN n 
1 103 PRO n 
1 104 PHE n 
1 105 ILE n 
1 106 MET n 
1 107 GLY n 
1 108 ILE n 
1 109 HIS n 
1 110 ILE n 
1 111 ILE n 
1 112 ASP n 
1 113 ARG n 
1 114 GLU n 
1 115 HIS n 
1 116 SER n 
1 117 GLY n 
1 118 LEU n 
1 119 SER n 
1 120 PRO n 
1 121 GLN n 
1 122 ASP n 
1 123 ASP n 
1 124 THR n 
1 125 ASN n 
1 126 SER n 
1 127 GLY n 
1 128 MET n 
1 129 SER n 
1 130 ILE n 
1 131 PRO n 
1 132 ARG n 
2 1   GLY n 
2 2   THR n 
2 3   TRP n 
2 4   ILE n 
2 5   GLY n 
2 6   GLU n 
2 7   ASP n 
2 8   ILE n 
2 9   PHE n 
2 10  PRO n 
2 11  PRO n 
2 12  LEU n 
2 13  LEU n 
2 14  PRO n 
2 15  PRO n 
2 16  THR n 
2 17  GLU n 
2 18  GLN n 
2 19  ASP n 
2 20  LEU n 
2 21  THR n 
2 22  LYS n 
2 23  LEU n 
2 24  LEU n 
2 25  LEU n 
2 26  GLU n 
2 27  GLY n 
2 28  GLN n 
2 29  GLY n 
2 30  GLU n 
2 31  SER n 
2 32  GLY n 
# 
loop_
_entity_src_gen.entity_id 
_entity_src_gen.pdbx_src_id 
_entity_src_gen.pdbx_alt_source_flag 
_entity_src_gen.pdbx_seq_type 
_entity_src_gen.pdbx_beg_seq_num 
_entity_src_gen.pdbx_end_seq_num 
_entity_src_gen.gene_src_common_name 
_entity_src_gen.gene_src_genus 
_entity_src_gen.pdbx_gene_src_gene 
_entity_src_gen.gene_src_species 
_entity_src_gen.gene_src_strain 
_entity_src_gen.gene_src_tissue 
_entity_src_gen.gene_src_tissue_fraction 
_entity_src_gen.gene_src_details 
_entity_src_gen.pdbx_gene_src_fragment 
_entity_src_gen.pdbx_gene_src_scientific_name 
_entity_src_gen.pdbx_gene_src_ncbi_taxonomy_id 
_entity_src_gen.pdbx_gene_src_variant 
_entity_src_gen.pdbx_gene_src_cell_line 
_entity_src_gen.pdbx_gene_src_atcc 
_entity_src_gen.pdbx_gene_src_organ 
_entity_src_gen.pdbx_gene_src_organelle 
_entity_src_gen.pdbx_gene_src_cell 
_entity_src_gen.pdbx_gene_src_cellular_location 
_entity_src_gen.host_org_common_name 
_entity_src_gen.pdbx_host_org_scientific_name 
_entity_src_gen.pdbx_host_org_ncbi_taxonomy_id 
_entity_src_gen.host_org_genus 
_entity_src_gen.pdbx_host_org_gene 
_entity_src_gen.pdbx_host_org_organ 
_entity_src_gen.host_org_species 
_entity_src_gen.pdbx_host_org_tissue 
_entity_src_gen.pdbx_host_org_tissue_fraction 
_entity_src_gen.pdbx_host_org_strain 
_entity_src_gen.pdbx_host_org_variant 
_entity_src_gen.pdbx_host_org_cell_line 
_entity_src_gen.pdbx_host_org_atcc 
_entity_src_gen.pdbx_host_org_culture_collection 
_entity_src_gen.pdbx_host_org_cell 
_entity_src_gen.pdbx_host_org_organelle 
_entity_src_gen.pdbx_host_org_cellular_location 
_entity_src_gen.pdbx_host_org_vector_type 
_entity_src_gen.pdbx_host_org_vector 
_entity_src_gen.host_org_details 
_entity_src_gen.expression_system_id 
_entity_src_gen.plasmid_name 
_entity_src_gen.plasmid_details 
_entity_src_gen.pdbx_description 
1 1 sample 'Biological sequence' 1 132 Mouse ? 'Ncoa1, Src1' ? ? ? ? ? ? 'Mus musculus' 10090 ? ? ? ? ? ? ? ? 
'Escherichia coli BL21(DE3)' 469008 ? ? ? ? ? ? ? ? ? ? ? ? ? ? pET16b ? ? ? ? ? ? 
2 1 sample 'Biological sequence' 1 32  Human ? STAT6         ? ? ? ? ? ? 'Homo sapiens' 9606  ? ? ? ? ? ? ? ? 
'synthetic construct'        32630  ? ? ? ? ? ? ? ? ? ? ? ? ? ? ?      ? ? ? ? ? ? 
# 
loop_
_chem_comp.id 
_chem_comp.type 
_chem_comp.mon_nstd_flag 
_chem_comp.name 
_chem_comp.pdbx_synonyms 
_chem_comp.formula 
_chem_comp.formula_weight 
ALA 'L-peptide linking' y ALANINE         ? 'C3 H7 N O2'     89.093  
ARG 'L-peptide linking' y ARGININE        ? 'C6 H15 N4 O2 1' 175.209 
ASN 'L-peptide linking' y ASPARAGINE      ? 'C4 H8 N2 O3'    132.118 
ASP 'L-peptide linking' y 'ASPARTIC ACID' ? 'C4 H7 N O4'     133.103 
CYS 'L-peptide linking' y CYSTEINE        ? 'C3 H7 N O2 S'   121.158 
GLN 'L-peptide linking' y GLUTAMINE       ? 'C5 H10 N2 O3'   146.144 
GLU 'L-peptide linking' y 'GLUTAMIC ACID' ? 'C5 H9 N O4'     147.129 
GLY 'peptide linking'   y GLYCINE         ? 'C2 H5 N O2'     75.067  
HIS 'L-peptide linking' y HISTIDINE       ? 'C6 H10 N3 O2 1' 156.162 
HOH non-polymer         . WATER           ? 'H2 O'           18.015  
ILE 'L-peptide linking' y ISOLEUCINE      ? 'C6 H13 N O2'    131.173 
LEU 'L-peptide linking' y LEUCINE         ? 'C6 H13 N O2'    131.173 
LYS 'L-peptide linking' y LYSINE          ? 'C6 H15 N2 O2 1' 147.195 
MET 'L-peptide linking' y METHIONINE      ? 'C5 H11 N O2 S'  149.211 
PHE 'L-peptide linking' y PHENYLALANINE   ? 'C9 H11 N O2'    165.189 
PRO 'L-peptide linking' y PROLINE         ? 'C5 H9 N O2'     115.130 
SER 'L-peptide linking' y SERINE          ? 'C3 H7 N O3'     105.093 
THR 'L-peptide linking' y THREONINE       ? 'C4 H9 N O3'     119.119 
TRP 'L-peptide linking' y TRYPTOPHAN      ? 'C11 H12 N2 O2'  204.225 
TYR 'L-peptide linking' y TYROSINE        ? 'C9 H11 N O3'    181.189 
VAL 'L-peptide linking' y VALINE          ? 'C5 H11 N O2'    117.146 
# 
loop_
_pdbx_poly_seq_scheme.asym_id 
_pdbx_poly_seq_scheme.entity_id 
_pdbx_poly_seq_scheme.seq_id 
_pdbx_poly_seq_scheme.mon_id 
_pdbx_poly_seq_scheme.ndb_seq_num 
_pdbx_poly_seq_scheme.pdb_seq_num 
_pdbx_poly_seq_scheme.auth_seq_num 
_pdbx_poly_seq_scheme.pdb_mon_id 
_pdbx_poly_seq_scheme.auth_mon_id 
_pdbx_poly_seq_scheme.pdb_strand_id 
_pdbx_poly_seq_scheme.pdb_ins_code 
_pdbx_poly_seq_scheme.hetero 
A 1 1   GLY 1   254 ?   ?   ?   A . n 
A 1 2   HIS 2   255 ?   ?   ?   A . n 
A 1 3   MET 3   256 ?   ?   ?   A . n 
A 1 4   THR 4   257 ?   ?   ?   A . n 
A 1 5   GLY 5   258 ?   ?   ?   A . n 
A 1 6   VAL 6   259 259 VAL VAL A . n 
A 1 7   GLU 7   260 260 GLU GLU A . n 
A 1 8   SER 8   261 261 SER SER A . n 
A 1 9   PHE 9   262 262 PHE PHE A . n 
A 1 10  MET 10  263 263 MET MET A . n 
A 1 11  THR 11  264 264 THR THR A . n 
A 1 12  LYS 12  265 265 LYS LYS A . n 
A 1 13  GLN 13  266 266 GLN GLN A . n 
A 1 14  ASP 14  267 267 ASP ASP A . n 
A 1 15  THR 15  268 268 THR THR A . n 
A 1 16  THR 16  269 269 THR THR A . n 
A 1 17  GLY 17  270 270 GLY GLY A . n 
A 1 18  LYS 18  271 271 LYS LYS A . n 
A 1 19  ILE 19  272 272 ILE ILE A . n 
A 1 20  ILE 20  273 273 ILE ILE A . n 
A 1 21  SER 21  274 274 SER SER A . n 
A 1 22  ILE 22  275 275 ILE ILE A . n 
A 1 23  ASP 23  276 276 ASP ASP A . n 
A 1 24  THR 24  277 277 THR THR A . n 
A 1 25  SER 25  278 278 SER SER A . n 
A 1 26  SER 26  279 279 SER SER A . n 
A 1 27  LEU 27  280 280 LEU LEU A . n 
A 1 28  ARG 28  281 281 ARG ARG A . n 
A 1 29  ALA 29  282 282 ALA ALA A . n 
A 1 30  ALA 30  283 283 ALA ALA A . n 
A 1 31  GLY 31  284 284 GLY GLY A . n 
A 1 32  ARG 32  285 285 ARG ARG A . n 
A 1 33  THR 33  286 286 THR THR A . n 
A 1 34  GLY 34  287 287 GLY GLY A . n 
A 1 35  TRP 35  288 288 TRP TRP A . n 
A 1 36  GLU 36  289 289 GLU GLU A . n 
A 1 37  ASP 37  290 290 ASP ASP A . n 
A 1 38  LEU 38  291 291 LEU LEU A . n 
A 1 39  VAL 39  292 292 VAL VAL A . n 
A 1 40  ARG 40  293 293 ARG ARG A . n 
A 1 41  LYS 41  294 294 LYS LYS A . n 
A 1 42  CYS 42  295 295 CYS CYS A . n 
A 1 43  ILE 43  296 296 ILE ILE A . n 
A 1 44  TYR 44  297 297 TYR TYR A . n 
A 1 45  ALA 45  298 298 ALA ALA A . n 
A 1 46  PHE 46  299 299 PHE PHE A . n 
A 1 47  PHE 47  300 300 PHE PHE A . n 
A 1 48  GLN 48  301 301 GLN GLN A . n 
A 1 49  PRO 49  302 302 PRO PRO A . n 
A 1 50  GLN 50  303 303 GLN GLN A . n 
A 1 51  GLY 51  304 304 GLY GLY A . n 
A 1 52  ARG 52  305 305 ARG ARG A . n 
A 1 53  GLU 53  306 306 GLU GLU A . n 
A 1 54  PRO 54  307 307 PRO PRO A . n 
A 1 55  SER 55  308 308 SER SER A . n 
A 1 56  TYR 56  309 309 TYR TYR A . n 
A 1 57  ALA 57  310 310 ALA ALA A . n 
A 1 58  ARG 58  311 311 ARG ARG A . n 
A 1 59  GLN 59  312 312 GLN GLN A . n 
A 1 60  LEU 60  313 313 LEU LEU A . n 
A 1 61  PHE 61  314 314 PHE PHE A . n 
A 1 62  GLN 62  315 315 GLN GLN A . n 
A 1 63  GLU 63  316 316 GLU GLU A . n 
A 1 64  VAL 64  317 317 VAL VAL A . n 
A 1 65  MET 65  318 318 MET MET A . n 
A 1 66  THR 66  319 319 THR THR A . n 
A 1 67  ARG 67  320 320 ARG ARG A . n 
A 1 68  GLY 68  321 321 GLY GLY A . n 
A 1 69  THR 69  322 322 THR THR A . n 
A 1 70  ALA 70  323 323 ALA ALA A . n 
A 1 71  SER 71  324 324 SER SER A . n 
A 1 72  SER 72  325 325 SER SER A . n 
A 1 73  PRO 73  326 326 PRO PRO A . n 
A 1 74  SER 74  327 327 SER SER A . n 
A 1 75  TYR 75  328 328 TYR TYR A . n 
A 1 76  ARG 76  329 329 ARG ARG A . n 
A 1 77  PHE 77  330 330 PHE PHE A . n 
A 1 78  ILE 78  331 331 ILE ILE A . n 
A 1 79  LEU 79  332 332 LEU LEU A . n 
A 1 80  ASN 80  333 333 ASN ASN A . n 
A 1 81  ASP 81  334 334 ASP ASP A . n 
A 1 82  GLY 82  335 335 GLY GLY A . n 
A 1 83  THR 83  336 336 THR THR A . n 
A 1 84  MET 84  337 337 MET MET A . n 
A 1 85  LEU 85  338 338 LEU LEU A . n 
A 1 86  SER 86  339 339 SER SER A . n 
A 1 87  ALA 87  340 340 ALA ALA A . n 
A 1 88  HIS 88  341 341 HIS HIS A . n 
A 1 89  THR 89  342 342 THR THR A . n 
A 1 90  ARG 90  343 343 ARG ARG A . n 
A 1 91  CYS 91  344 344 CYS CYS A . n 
A 1 92  LYS 92  345 345 LYS LYS A . n 
A 1 93  LEU 93  346 346 LEU LEU A . n 
A 1 94  CYS 94  347 347 CYS CYS A . n 
A 1 95  TYR 95  348 348 TYR TYR A . n 
A 1 96  PRO 96  349 349 PRO PRO A . n 
A 1 97  GLN 97  350 ?   ?   ?   A . n 
A 1 98  SER 98  351 ?   ?   ?   A . n 
A 1 99  PRO 99  352 ?   ?   ?   A . n 
A 1 100 ASP 100 353 ?   ?   ?   A . n 
A 1 101 MET 101 354 ?   ?   ?   A . n 
A 1 102 GLN 102 355 355 GLN GLN A . n 
A 1 103 PRO 103 356 356 PRO PRO A . n 
A 1 104 PHE 104 357 357 PHE PHE A . n 
A 1 105 ILE 105 358 358 ILE ILE A . n 
A 1 106 MET 106 359 359 MET MET A . n 
A 1 107 GLY 107 360 360 GLY GLY A . n 
A 1 108 ILE 108 361 361 ILE ILE A . n 
A 1 109 HIS 109 362 362 HIS HIS A . n 
A 1 110 ILE 110 363 363 ILE ILE A . n 
A 1 111 ILE 111 364 364 ILE ILE A . n 
A 1 112 ASP 112 365 365 ASP ASP A . n 
A 1 113 ARG 113 366 366 ARG ARG A . n 
A 1 114 GLU 114 367 ?   ?   ?   A . n 
A 1 115 HIS 115 368 ?   ?   ?   A . n 
A 1 116 SER 116 369 ?   ?   ?   A . n 
A 1 117 GLY 117 370 ?   ?   ?   A . n 
A 1 118 LEU 118 371 ?   ?   ?   A . n 
A 1 119 SER 119 372 ?   ?   ?   A . n 
A 1 120 PRO 120 373 ?   ?   ?   A . n 
A 1 121 GLN 121 374 ?   ?   ?   A . n 
A 1 122 ASP 122 375 ?   ?   ?   A . n 
A 1 123 ASP 123 376 ?   ?   ?   A . n 
A 1 124 THR 124 377 ?   ?   ?   A . n 
A 1 125 ASN 125 378 ?   ?   ?   A . n 
A 1 126 SER 126 379 ?   ?   ?   A . n 
A 1 127 GLY 127 380 ?   ?   ?   A . n 
A 1 128 MET 128 381 ?   ?   ?   A . n 
A 1 129 SER 129 382 ?   ?   ?   A . n 
A 1 130 ILE 130 383 ?   ?   ?   A . n 
A 1 131 PRO 131 384 ?   ?   ?   A . n 
A 1 132 ARG 132 385 ?   ?   ?   A . n 
B 2 1   GLY 1   783 ?   ?   ?   B . n 
B 2 2   THR 2   784 ?   ?   ?   B . n 
B 2 3   TRP 3   785 ?   ?   ?   B . n 
B 2 4   ILE 4   786 ?   ?   ?   B . n 
B 2 5   GLY 5   787 ?   ?   ?   B . n 
B 2 6   GLU 6   788 ?   ?   ?   B . n 
B 2 7   ASP 7   789 ?   ?   ?   B . n 
B 2 8   ILE 8   790 ?   ?   ?   B . n 
B 2 9   PHE 9   791 ?   ?   ?   B . n 
B 2 10  PRO 10  792 ?   ?   ?   B . n 
B 2 11  PRO 11  793 ?   ?   ?   B . n 
B 2 12  LEU 12  794 794 LEU LEU B . n 
B 2 13  LEU 13  795 795 LEU LEU B . n 
B 2 14  PRO 14  796 796 PRO PRO B . n 
B 2 15  PRO 15  797 797 PRO PRO B . n 
B 2 16  THR 16  798 798 THR THR B . n 
B 2 17  GLU 17  799 799 GLU GLU B . n 
B 2 18  GLN 18  800 800 GLN GLN B . n 
B 2 19  ASP 19  801 801 ASP ASP B . n 
B 2 20  LEU 20  802 802 LEU LEU B . n 
B 2 21  THR 21  803 803 THR THR B . n 
B 2 22  LYS 22  804 804 LYS LYS B . n 
B 2 23  LEU 23  805 805 LEU LEU B . n 
B 2 24  LEU 24  806 806 LEU LEU B . n 
B 2 25  LEU 25  807 807 LEU LEU B . n 
B 2 26  GLU 26  808 808 GLU GLU B . n 
B 2 27  GLY 27  809 ?   ?   ?   B . n 
B 2 28  GLN 28  810 ?   ?   ?   B . n 
B 2 29  GLY 29  811 ?   ?   ?   B . n 
B 2 30  GLU 30  812 ?   ?   ?   B . n 
B 2 31  SER 31  813 ?   ?   ?   B . n 
B 2 32  GLY 32  814 ?   ?   ?   B . n 
# 
loop_
_pdbx_nonpoly_scheme.asym_id 
_pdbx_nonpoly_scheme.entity_id 
_pdbx_nonpoly_scheme.mon_id 
_pdbx_nonpoly_scheme.ndb_seq_num 
_pdbx_nonpoly_scheme.pdb_seq_num 
_pdbx_nonpoly_scheme.auth_seq_num 
_pdbx_nonpoly_scheme.pdb_mon_id 
_pdbx_nonpoly_scheme.auth_mon_id 
_pdbx_nonpoly_scheme.pdb_strand_id 
_pdbx_nonpoly_scheme.pdb_ins_code 
C 3 HOH 1 401 7 HOH HOH A . 
C 3 HOH 2 402 8 HOH HOH A . 
C 3 HOH 3 403 6 HOH HOH A . 
C 3 HOH 4 404 1 HOH HOH A . 
C 3 HOH 5 405 5 HOH HOH A . 
C 3 HOH 6 406 2 HOH HOH A . 
C 3 HOH 7 407 4 HOH HOH A . 
D 3 HOH 1 901 3 HOH HOH B . 
# 
loop_
_pdbx_unobs_or_zero_occ_atoms.id 
_pdbx_unobs_or_zero_occ_atoms.PDB_model_num 
_pdbx_unobs_or_zero_occ_atoms.polymer_flag 
_pdbx_unobs_or_zero_occ_atoms.occupancy_flag 
_pdbx_unobs_or_zero_occ_atoms.auth_asym_id 
_pdbx_unobs_or_zero_occ_atoms.auth_comp_id 
_pdbx_unobs_or_zero_occ_atoms.auth_seq_id 
_pdbx_unobs_or_zero_occ_atoms.PDB_ins_code 
_pdbx_unobs_or_zero_occ_atoms.auth_atom_id 
_pdbx_unobs_or_zero_occ_atoms.label_alt_id 
_pdbx_unobs_or_zero_occ_atoms.label_asym_id 
_pdbx_unobs_or_zero_occ_atoms.label_comp_id 
_pdbx_unobs_or_zero_occ_atoms.label_seq_id 
_pdbx_unobs_or_zero_occ_atoms.label_atom_id 
1  1 Y 1 A VAL 259 ? N   ? A VAL 6   N   
2  1 Y 1 A VAL 259 ? CA  ? A VAL 6   CA  
3  1 Y 1 A VAL 259 ? CB  ? A VAL 6   CB  
4  1 Y 1 A VAL 259 ? CG1 ? A VAL 6   CG1 
5  1 Y 1 A VAL 259 ? CG2 ? A VAL 6   CG2 
6  1 Y 1 A LYS 265 ? CG  ? A LYS 12  CG  
7  1 Y 1 A LYS 265 ? CD  ? A LYS 12  CD  
8  1 Y 1 A LYS 265 ? CE  ? A LYS 12  CE  
9  1 Y 1 A LYS 265 ? NZ  ? A LYS 12  NZ  
10 1 Y 1 A LYS 271 ? CE  ? A LYS 18  CE  
11 1 Y 1 A LYS 271 ? NZ  ? A LYS 18  NZ  
12 1 Y 1 A TYR 297 ? CG  ? A TYR 44  CG  
13 1 Y 1 A TYR 297 ? CD1 ? A TYR 44  CD1 
14 1 Y 1 A TYR 297 ? CD2 ? A TYR 44  CD2 
15 1 Y 1 A TYR 297 ? CE1 ? A TYR 44  CE1 
16 1 Y 1 A TYR 297 ? CE2 ? A TYR 44  CE2 
17 1 Y 1 A TYR 297 ? CZ  ? A TYR 44  CZ  
18 1 Y 1 A TYR 297 ? OH  ? A TYR 44  OH  
19 1 Y 1 A ARG 305 ? CG  ? A ARG 52  CG  
20 1 Y 1 A ARG 305 ? CD  ? A ARG 52  CD  
21 1 Y 1 A ARG 305 ? NE  ? A ARG 52  NE  
22 1 Y 1 A ARG 305 ? CZ  ? A ARG 52  CZ  
23 1 Y 1 A ARG 305 ? NH1 ? A ARG 52  NH1 
24 1 Y 1 A ARG 305 ? NH2 ? A ARG 52  NH2 
25 1 Y 1 A GLU 306 ? CG  ? A GLU 53  CG  
26 1 Y 1 A GLU 306 ? CD  ? A GLU 53  CD  
27 1 Y 1 A GLU 306 ? OE1 ? A GLU 53  OE1 
28 1 Y 1 A GLU 306 ? OE2 ? A GLU 53  OE2 
29 1 Y 1 A ARG 311 ? CD  ? A ARG 58  CD  
30 1 Y 1 A ARG 311 ? NE  ? A ARG 58  NE  
31 1 Y 1 A ARG 311 ? CZ  ? A ARG 58  CZ  
32 1 Y 1 A ARG 311 ? NH1 ? A ARG 58  NH1 
33 1 Y 1 A ARG 311 ? NH2 ? A ARG 58  NH2 
34 1 Y 1 A GLN 315 ? CD  ? A GLN 62  CD  
35 1 Y 1 A GLN 315 ? OE1 ? A GLN 62  OE1 
36 1 Y 1 A GLN 315 ? NE2 ? A GLN 62  NE2 
37 1 Y 1 A ARG 329 ? CZ  ? A ARG 76  CZ  
38 1 Y 1 A ARG 329 ? NH1 ? A ARG 76  NH1 
39 1 Y 1 A ARG 329 ? NH2 ? A ARG 76  NH2 
40 1 Y 1 A ARG 343 ? CZ  ? A ARG 90  CZ  
41 1 Y 1 A ARG 343 ? NH1 ? A ARG 90  NH1 
42 1 Y 1 A ARG 343 ? NH2 ? A ARG 90  NH2 
43 1 Y 1 A LYS 345 ? CG  ? A LYS 92  CG  
44 1 Y 1 A LYS 345 ? CD  ? A LYS 92  CD  
45 1 Y 1 A LYS 345 ? CE  ? A LYS 92  CE  
46 1 Y 1 A LYS 345 ? NZ  ? A LYS 92  NZ  
47 1 Y 1 A PRO 349 ? CA  ? A PRO 96  CA  
48 1 Y 1 A PRO 349 ? C   ? A PRO 96  C   
49 1 Y 1 A PRO 349 ? O   ? A PRO 96  O   
50 1 Y 1 A PRO 349 ? CB  ? A PRO 96  CB  
51 1 Y 1 A PRO 349 ? CG  ? A PRO 96  CG  
52 1 Y 1 A PRO 349 ? CD  ? A PRO 96  CD  
53 1 Y 1 A GLN 355 ? N   ? A GLN 102 N   
54 1 Y 1 A GLN 355 ? CA  ? A GLN 102 CA  
55 1 Y 1 A GLN 355 ? CB  ? A GLN 102 CB  
56 1 Y 1 A GLN 355 ? CG  ? A GLN 102 CG  
57 1 Y 1 A GLN 355 ? CD  ? A GLN 102 CD  
58 1 Y 1 A GLN 355 ? OE1 ? A GLN 102 OE1 
59 1 Y 1 A GLN 355 ? NE2 ? A GLN 102 NE2 
60 1 Y 1 A ILE 361 ? CD1 ? A ILE 108 CD1 
61 1 Y 1 B GLU 799 ? CG  ? B GLU 17  CG  
62 1 Y 1 B GLU 799 ? CD  ? B GLU 17  CD  
63 1 Y 1 B GLU 799 ? OE1 ? B GLU 17  OE1 
64 1 Y 1 B GLU 799 ? OE2 ? B GLU 17  OE2 
65 1 Y 1 B GLN 800 ? CG  ? B GLN 18  CG  
66 1 Y 1 B GLN 800 ? CD  ? B GLN 18  CD  
67 1 Y 1 B GLN 800 ? OE1 ? B GLN 18  OE1 
68 1 Y 1 B GLN 800 ? NE2 ? B GLN 18  NE2 
69 1 Y 1 B LYS 804 ? CD  ? B LYS 22  CD  
70 1 Y 1 B LYS 804 ? CE  ? B LYS 22  CE  
71 1 Y 1 B LYS 804 ? NZ  ? B LYS 22  NZ  
72 1 Y 1 B LEU 807 ? CG  ? B LEU 25  CG  
73 1 Y 1 B LEU 807 ? CD1 ? B LEU 25  CD1 
74 1 Y 1 B LEU 807 ? CD2 ? B LEU 25  CD2 
# 
loop_
_software.citation_id 
_software.classification 
_software.compiler_name 
_software.compiler_version 
_software.contact_author 
_software.contact_author_email 
_software.date 
_software.description 
_software.dependencies 
_software.hardware 
_software.language 
_software.location 
_software.mods 
_software.name 
_software.os 
_software.os_version 
_software.type 
_software.version 
_software.pdbx_ordinal 
? refinement       ? ? ? ? ? ? ? ? ? ? ? REFMAC ? ? ? 5.6.0117 1 
? 'data reduction' ? ? ? ? ? ? ? ? ? ? ? XDS    ? ? ? .        2 
? 'data scaling'   ? ? ? ? ? ? ? ? ? ? ? SADABS ? ? ? .        3 
? phasing          ? ? ? ? ? ? ? ? ? ? ? PHASER ? ? ? .        4 
# 
_cell.angle_alpha                  90.00 
_cell.angle_alpha_esd              ? 
_cell.angle_beta                   90.00 
_cell.angle_beta_esd               ? 
_cell.angle_gamma                  120.00 
_cell.angle_gamma_esd              ? 
_cell.entry_id                     5NWX 
_cell.details                      ? 
_cell.formula_units_Z              ? 
_cell.length_a                     61.631 
_cell.length_a_esd                 ? 
_cell.length_b                     61.631 
_cell.length_b_esd                 ? 
_cell.length_c                     73.283 
_cell.length_c_esd                 ? 
_cell.volume                       ? 
_cell.volume_esd                   ? 
_cell.Z_PDB                        6 
_cell.reciprocal_angle_alpha       ? 
_cell.reciprocal_angle_beta        ? 
_cell.reciprocal_angle_gamma       ? 
_cell.reciprocal_angle_alpha_esd   ? 
_cell.reciprocal_angle_beta_esd    ? 
_cell.reciprocal_angle_gamma_esd   ? 
_cell.reciprocal_length_a          ? 
_cell.reciprocal_length_b          ? 
_cell.reciprocal_length_c          ? 
_cell.reciprocal_length_a_esd      ? 
_cell.reciprocal_length_b_esd      ? 
_cell.reciprocal_length_c_esd      ? 
_cell.pdbx_unique_axis             ? 
# 
_symmetry.entry_id                         5NWX 
_symmetry.cell_setting                     ? 
_symmetry.Int_Tables_number                171 
_symmetry.space_group_name_Hall            ? 
_symmetry.space_group_name_H-M             'P 62' 
_symmetry.pdbx_full_space_group_name_H-M   ? 
# 
_exptl.absorpt_coefficient_mu     ? 
_exptl.absorpt_correction_T_max   ? 
_exptl.absorpt_correction_T_min   ? 
_exptl.absorpt_correction_type    ? 
_exptl.absorpt_process_details    ? 
_exptl.entry_id                   5NWX 
_exptl.crystals_number            1 
_exptl.details                    ? 
_exptl.method                     'X-RAY DIFFRACTION' 
_exptl.method_details             ? 
# 
_exptl_crystal.colour                      ? 
_exptl_crystal.density_diffrn              ? 
_exptl_crystal.density_Matthews            2.25 
_exptl_crystal.density_method              ? 
_exptl_crystal.density_percent_sol         44.09 
_exptl_crystal.description                 ? 
_exptl_crystal.F_000                       ? 
_exptl_crystal.id                          1 
_exptl_crystal.preparation                 ? 
_exptl_crystal.size_max                    ? 
_exptl_crystal.size_mid                    ? 
_exptl_crystal.size_min                    ? 
_exptl_crystal.size_rad                    ? 
_exptl_crystal.colour_lustre               ? 
_exptl_crystal.colour_modifier             ? 
_exptl_crystal.colour_primary              ? 
_exptl_crystal.density_meas                ? 
_exptl_crystal.density_meas_esd            ? 
_exptl_crystal.density_meas_gt             ? 
_exptl_crystal.density_meas_lt             ? 
_exptl_crystal.density_meas_temp           ? 
_exptl_crystal.density_meas_temp_esd       ? 
_exptl_crystal.density_meas_temp_gt        ? 
_exptl_crystal.density_meas_temp_lt        ? 
_exptl_crystal.pdbx_crystal_image_url      ? 
_exptl_crystal.pdbx_crystal_image_format   ? 
_exptl_crystal.pdbx_mosaicity              ? 
_exptl_crystal.pdbx_mosaicity_esd          ? 
# 
_exptl_crystal_grow.apparatus       ? 
_exptl_crystal_grow.atmosphere      ? 
_exptl_crystal_grow.crystal_id      1 
_exptl_crystal_grow.details         ? 
_exptl_crystal_grow.method          'VAPOR DIFFUSION, HANGING DROP' 
_exptl_crystal_grow.method_ref      ? 
_exptl_crystal_grow.pH              6.5 
_exptl_crystal_grow.pressure        ? 
_exptl_crystal_grow.pressure_esd    ? 
_exptl_crystal_grow.seeding         ? 
_exptl_crystal_grow.seeding_ref     ? 
_exptl_crystal_grow.temp            293 
_exptl_crystal_grow.temp_details    ? 
_exptl_crystal_grow.temp_esd        ? 
_exptl_crystal_grow.time            ? 
_exptl_crystal_grow.pdbx_details    '0.2 M sodium acetate, 0.1 M sodium cacodylate, pH 6.5, 30% PEG 8000, 5% PEG 400' 
_exptl_crystal_grow.pdbx_pH_range   ? 
# 
_diffrn.ambient_environment    ? 
_diffrn.ambient_temp           100 
_diffrn.ambient_temp_details   ? 
_diffrn.ambient_temp_esd       ? 
_diffrn.crystal_id             1 
_diffrn.crystal_support        ? 
_diffrn.crystal_treatment      ? 
_diffrn.details                ? 
_diffrn.id                     1 
_diffrn.ambient_pressure       ? 
_diffrn.ambient_pressure_esd   ? 
_diffrn.ambient_pressure_gt    ? 
_diffrn.ambient_pressure_lt    ? 
_diffrn.ambient_temp_gt        ? 
_diffrn.ambient_temp_lt        ? 
# 
_diffrn_detector.details                      ? 
_diffrn_detector.detector                     CCD 
_diffrn_detector.diffrn_id                    1 
_diffrn_detector.type                         'MARMOSAIC 225 mm CCD' 
_diffrn_detector.area_resol_mean              ? 
_diffrn_detector.dtime                        ? 
_diffrn_detector.pdbx_frames_total            ? 
_diffrn_detector.pdbx_collection_time_total   ? 
_diffrn_detector.pdbx_collection_date         2010-11-27 
# 
_diffrn_radiation.collimation                      ? 
_diffrn_radiation.diffrn_id                        1 
_diffrn_radiation.filter_edge                      ? 
_diffrn_radiation.inhomogeneity                    ? 
_diffrn_radiation.monochromator                    ? 
_diffrn_radiation.polarisn_norm                    ? 
_diffrn_radiation.polarisn_ratio                   ? 
_diffrn_radiation.probe                            ? 
_diffrn_radiation.type                             ? 
_diffrn_radiation.xray_symbol                      ? 
_diffrn_radiation.wavelength_id                    1 
_diffrn_radiation.pdbx_monochromatic_or_laue_m_l   M 
_diffrn_radiation.pdbx_wavelength_list             ? 
_diffrn_radiation.pdbx_wavelength                  ? 
_diffrn_radiation.pdbx_diffrn_protocol             'SINGLE WAVELENGTH' 
_diffrn_radiation.pdbx_analyzer                    ? 
_diffrn_radiation.pdbx_scattering_type             x-ray 
# 
_diffrn_radiation_wavelength.id           1 
_diffrn_radiation_wavelength.wavelength   0.7 
_diffrn_radiation_wavelength.wt           1.0 
# 
_diffrn_source.current                     ? 
_diffrn_source.details                     ? 
_diffrn_source.diffrn_id                   1 
_diffrn_source.power                       ? 
_diffrn_source.size                        ? 
_diffrn_source.source                      SYNCHROTRON 
_diffrn_source.target                      ? 
_diffrn_source.type                        'SLS BEAMLINE X10SA' 
_diffrn_source.voltage                     ? 
_diffrn_source.take-off_angle              ? 
_diffrn_source.pdbx_wavelength_list        0.7 
_diffrn_source.pdbx_wavelength             ? 
_diffrn_source.pdbx_synchrotron_beamline   X10SA 
_diffrn_source.pdbx_synchrotron_site       SLS 
# 
_reflns.B_iso_Wilson_estimate            ? 
_reflns.entry_id                         5NWX 
_reflns.data_reduction_details           ? 
_reflns.data_reduction_method            ? 
_reflns.d_resolution_high                2.51 
_reflns.d_resolution_low                 53.37 
_reflns.details                          ? 
_reflns.limit_h_max                      ? 
_reflns.limit_h_min                      ? 
_reflns.limit_k_max                      ? 
_reflns.limit_k_min                      ? 
_reflns.limit_l_max                      ? 
_reflns.limit_l_min                      ? 
_reflns.number_all                       ? 
_reflns.number_obs                       5471 
_reflns.observed_criterion               ? 
_reflns.observed_criterion_F_max         ? 
_reflns.observed_criterion_F_min         ? 
_reflns.observed_criterion_I_max         ? 
_reflns.observed_criterion_I_min         ? 
_reflns.observed_criterion_sigma_F       ? 
_reflns.observed_criterion_sigma_I       ? 
_reflns.percent_possible_obs             99.8 
_reflns.R_free_details                   ? 
_reflns.Rmerge_F_all                     ? 
_reflns.Rmerge_F_obs                     ? 
_reflns.Friedel_coverage                 ? 
_reflns.number_gt                        ? 
_reflns.threshold_expression             ? 
_reflns.pdbx_redundancy                  20.51 
_reflns.pdbx_Rmerge_I_obs                ? 
_reflns.pdbx_Rmerge_I_all                ? 
_reflns.pdbx_Rsym_value                  ? 
_reflns.pdbx_netI_over_av_sigmaI         ? 
_reflns.pdbx_netI_over_sigmaI            30.26 
_reflns.pdbx_res_netI_over_av_sigmaI_2   ? 
_reflns.pdbx_res_netI_over_sigmaI_2      ? 
_reflns.pdbx_chi_squared                 ? 
_reflns.pdbx_scaling_rejects             ? 
_reflns.pdbx_d_res_high_opt              ? 
_reflns.pdbx_d_res_low_opt               ? 
_reflns.pdbx_d_res_opt_method            ? 
_reflns.phase_calculation_details        ? 
_reflns.pdbx_Rrim_I_all                  0.0246 
_reflns.pdbx_Rpim_I_all                  ? 
_reflns.pdbx_d_opt                       ? 
_reflns.pdbx_number_measured_all         ? 
_reflns.pdbx_diffrn_id                   1 
_reflns.pdbx_ordinal                     1 
_reflns.pdbx_CC_half                     ? 
_reflns.pdbx_R_split                     ? 
# 
_reflns_shell.d_res_high                  2.51 
_reflns_shell.d_res_low                   2.61 
_reflns_shell.meanI_over_sigI_all         6.08 
_reflns_shell.meanI_over_sigI_obs         ? 
_reflns_shell.number_measured_all         ? 
_reflns_shell.number_measured_obs         ? 
_reflns_shell.number_possible             ? 
_reflns_shell.number_unique_all           ? 
_reflns_shell.number_unique_obs           ? 
_reflns_shell.percent_possible_all        98.3 
_reflns_shell.percent_possible_obs        ? 
_reflns_shell.Rmerge_F_all                ? 
_reflns_shell.Rmerge_F_obs                ? 
_reflns_shell.Rmerge_I_all                ? 
_reflns_shell.Rmerge_I_obs                ? 
_reflns_shell.meanI_over_sigI_gt          ? 
_reflns_shell.meanI_over_uI_all           ? 
_reflns_shell.meanI_over_uI_gt            ? 
_reflns_shell.number_measured_gt          ? 
_reflns_shell.number_unique_gt            ? 
_reflns_shell.percent_possible_gt         ? 
_reflns_shell.Rmerge_F_gt                 ? 
_reflns_shell.Rmerge_I_gt                 ? 
_reflns_shell.pdbx_redundancy             19.92 
_reflns_shell.pdbx_Rsym_value             ? 
_reflns_shell.pdbx_chi_squared            ? 
_reflns_shell.pdbx_netI_over_sigmaI_all   ? 
_reflns_shell.pdbx_netI_over_sigmaI_obs   ? 
_reflns_shell.pdbx_Rrim_I_all             0.1315 
_reflns_shell.pdbx_Rpim_I_all             ? 
_reflns_shell.pdbx_rejects                ? 
_reflns_shell.pdbx_ordinal                1 
_reflns_shell.pdbx_diffrn_id              1 
_reflns_shell.pdbx_CC_half                ? 
_reflns_shell.pdbx_R_split                ? 
# 
_refine.aniso_B[1][1]                            1.19 
_refine.aniso_B[1][2]                            0.59 
_refine.aniso_B[1][3]                            0.00 
_refine.aniso_B[2][2]                            1.19 
_refine.aniso_B[2][3]                            0.00 
_refine.aniso_B[3][3]                            -1.78 
_refine.B_iso_max                                ? 
_refine.B_iso_mean                               46.360 
_refine.B_iso_min                                ? 
_refine.correlation_coeff_Fo_to_Fc               0.958 
_refine.correlation_coeff_Fo_to_Fc_free          0.930 
_refine.details                                  'HYDROGENS HAVE BEEN USED IF PRESENT IN THE INPUT' 
_refine.diff_density_max                         ? 
_refine.diff_density_max_esd                     ? 
_refine.diff_density_min                         ? 
_refine.diff_density_min_esd                     ? 
_refine.diff_density_rms                         ? 
_refine.diff_density_rms_esd                     ? 
_refine.entry_id                                 5NWX 
_refine.pdbx_refine_id                           'X-RAY DIFFRACTION' 
_refine.ls_abs_structure_details                 ? 
_refine.ls_abs_structure_Flack                   ? 
_refine.ls_abs_structure_Flack_esd               ? 
_refine.ls_abs_structure_Rogers                  ? 
_refine.ls_abs_structure_Rogers_esd              ? 
_refine.ls_d_res_high                            2.51 
_refine.ls_d_res_low                             53.37 
_refine.ls_extinction_coef                       ? 
_refine.ls_extinction_coef_esd                   ? 
_refine.ls_extinction_expression                 ? 
_refine.ls_extinction_method                     ? 
_refine.ls_goodness_of_fit_all                   ? 
_refine.ls_goodness_of_fit_all_esd               ? 
_refine.ls_goodness_of_fit_obs                   ? 
_refine.ls_goodness_of_fit_obs_esd               ? 
_refine.ls_hydrogen_treatment                    ? 
_refine.ls_matrix_type                           ? 
_refine.ls_number_constraints                    ? 
_refine.ls_number_parameters                     ? 
_refine.ls_number_reflns_all                     ? 
_refine.ls_number_reflns_obs                     5203 
_refine.ls_number_reflns_R_free                  245 
_refine.ls_number_reflns_R_work                  ? 
_refine.ls_number_restraints                     ? 
_refine.ls_percent_reflns_obs                    99.76 
_refine.ls_percent_reflns_R_free                 4.5 
_refine.ls_R_factor_all                          ? 
_refine.ls_R_factor_obs                          0.18595 
_refine.ls_R_factor_R_free                       0.23546 
_refine.ls_R_factor_R_free_error                 ? 
_refine.ls_R_factor_R_free_error_details         ? 
_refine.ls_R_factor_R_work                       0.18352 
_refine.ls_R_Fsqd_factor_obs                     ? 
_refine.ls_R_I_factor_obs                        ? 
_refine.ls_redundancy_reflns_all                 ? 
_refine.ls_redundancy_reflns_obs                 ? 
_refine.ls_restrained_S_all                      ? 
_refine.ls_restrained_S_obs                      ? 
_refine.ls_shift_over_esd_max                    ? 
_refine.ls_shift_over_esd_mean                   ? 
_refine.ls_structure_factor_coef                 ? 
_refine.ls_weighting_details                     ? 
_refine.ls_weighting_scheme                      ? 
_refine.ls_wR_factor_all                         ? 
_refine.ls_wR_factor_obs                         ? 
_refine.ls_wR_factor_R_free                      ? 
_refine.ls_wR_factor_R_work                      ? 
_refine.occupancy_max                            ? 
_refine.occupancy_min                            ? 
_refine.solvent_model_details                    ? 
_refine.solvent_model_param_bsol                 ? 
_refine.solvent_model_param_ksol                 ? 
_refine.ls_R_factor_gt                           ? 
_refine.ls_goodness_of_fit_gt                    ? 
_refine.ls_goodness_of_fit_ref                   ? 
_refine.ls_shift_over_su_max                     ? 
_refine.ls_shift_over_su_max_lt                  ? 
_refine.ls_shift_over_su_mean                    ? 
_refine.ls_shift_over_su_mean_lt                 ? 
_refine.pdbx_ls_sigma_I                          ? 
_refine.pdbx_ls_sigma_F                          ? 
_refine.pdbx_ls_sigma_Fsqd                       ? 
_refine.pdbx_data_cutoff_high_absF               ? 
_refine.pdbx_data_cutoff_high_rms_absF           ? 
_refine.pdbx_data_cutoff_low_absF                ? 
_refine.pdbx_isotropic_thermal_model             ? 
_refine.pdbx_ls_cross_valid_method               THROUGHOUT 
_refine.pdbx_method_to_determine_struct          'MOLECULAR REPLACEMENT' 
_refine.pdbx_starting_model                      1OJ5 
_refine.pdbx_stereochemistry_target_values       'Maximum likelihood' 
_refine.pdbx_R_Free_selection_details            RANDOM 
_refine.pdbx_stereochem_target_val_spec_case     ? 
_refine.pdbx_overall_ESU_R                       0.341 
_refine.pdbx_overall_ESU_R_Free                  0.248 
_refine.pdbx_solvent_vdw_probe_radii             1.20 
_refine.pdbx_solvent_ion_probe_radii             0.80 
_refine.pdbx_solvent_shrinkage_radii             0.80 
_refine.pdbx_real_space_R                        ? 
_refine.pdbx_density_correlation                 ? 
_refine.pdbx_pd_number_of_powder_patterns        ? 
_refine.pdbx_pd_number_of_points                 ? 
_refine.pdbx_pd_meas_number_of_points            ? 
_refine.pdbx_pd_proc_ls_prof_R_factor            ? 
_refine.pdbx_pd_proc_ls_prof_wR_factor           ? 
_refine.pdbx_pd_Marquardt_correlation_coeff      ? 
_refine.pdbx_pd_Fsqrd_R_factor                   ? 
_refine.pdbx_pd_ls_matrix_band_width             ? 
_refine.pdbx_overall_phase_error                 ? 
_refine.pdbx_overall_SU_R_free_Cruickshank_DPI   ? 
_refine.pdbx_overall_SU_R_free_Blow_DPI          ? 
_refine.pdbx_overall_SU_R_Blow_DPI               ? 
_refine.pdbx_TLS_residual_ADP_flag               ? 
_refine.pdbx_diffrn_id                           1 
_refine.overall_SU_B                             9.917 
_refine.overall_SU_ML                            0.208 
_refine.overall_SU_R_Cruickshank_DPI             ? 
_refine.overall_SU_R_free                        ? 
_refine.overall_FOM_free_R_set                   ? 
_refine.overall_FOM_work_R_set                   ? 
_refine.pdbx_average_fsc_overall                 ? 
_refine.pdbx_average_fsc_work                    ? 
_refine.pdbx_average_fsc_free                    ? 
# 
_refine_hist.pdbx_refine_id                   'X-RAY DIFFRACTION' 
_refine_hist.cycle_id                         1 
_refine_hist.pdbx_number_atoms_protein        868 
_refine_hist.pdbx_number_atoms_nucleic_acid   0 
_refine_hist.pdbx_number_atoms_ligand         0 
_refine_hist.number_atoms_solvent             8 
_refine_hist.number_atoms_total               876 
_refine_hist.d_res_high                       2.51 
_refine_hist.d_res_low                        53.37 
# 
loop_
_refine_ls_restr.pdbx_refine_id 
_refine_ls_restr.criterion 
_refine_ls_restr.dev_ideal 
_refine_ls_restr.dev_ideal_target 
_refine_ls_restr.number 
_refine_ls_restr.rejects 
_refine_ls_restr.type 
_refine_ls_restr.weight 
_refine_ls_restr.pdbx_restraint_function 
'X-RAY DIFFRACTION' ? 0.016  0.020  893  ? r_bond_refined_d             ? ? 
'X-RAY DIFFRACTION' ? ?      ?      ?    ? r_bond_other_d               ? ? 
'X-RAY DIFFRACTION' ? 1.948  1.967  1211 ? r_angle_refined_deg          ? ? 
'X-RAY DIFFRACTION' ? ?      ?      ?    ? r_angle_other_deg            ? ? 
'X-RAY DIFFRACTION' ? 7.447  5.000  114  ? r_dihedral_angle_1_deg       ? ? 
'X-RAY DIFFRACTION' ? 27.805 23.333 33   ? r_dihedral_angle_2_deg       ? ? 
'X-RAY DIFFRACTION' ? 18.208 15.000 142  ? r_dihedral_angle_3_deg       ? ? 
'X-RAY DIFFRACTION' ? 25.244 15.000 5    ? r_dihedral_angle_4_deg       ? ? 
'X-RAY DIFFRACTION' ? 0.124  0.200  142  ? r_chiral_restr               ? ? 
'X-RAY DIFFRACTION' ? 0.007  0.021  661  ? r_gen_planes_refined         ? ? 
'X-RAY DIFFRACTION' ? ?      ?      ?    ? r_gen_planes_other           ? ? 
'X-RAY DIFFRACTION' ? ?      ?      ?    ? r_nbd_refined                ? ? 
'X-RAY DIFFRACTION' ? ?      ?      ?    ? r_nbd_other                  ? ? 
'X-RAY DIFFRACTION' ? ?      ?      ?    ? r_nbtor_refined              ? ? 
'X-RAY DIFFRACTION' ? ?      ?      ?    ? r_nbtor_other                ? ? 
'X-RAY DIFFRACTION' ? ?      ?      ?    ? r_xyhbond_nbd_refined        ? ? 
'X-RAY DIFFRACTION' ? ?      ?      ?    ? r_xyhbond_nbd_other          ? ? 
'X-RAY DIFFRACTION' ? ?      ?      ?    ? r_metal_ion_refined          ? ? 
'X-RAY DIFFRACTION' ? ?      ?      ?    ? r_metal_ion_other            ? ? 
'X-RAY DIFFRACTION' ? ?      ?      ?    ? r_symmetry_vdw_refined       ? ? 
'X-RAY DIFFRACTION' ? ?      ?      ?    ? r_symmetry_vdw_other         ? ? 
'X-RAY DIFFRACTION' ? ?      ?      ?    ? r_symmetry_hbond_refined     ? ? 
'X-RAY DIFFRACTION' ? ?      ?      ?    ? r_symmetry_hbond_other       ? ? 
'X-RAY DIFFRACTION' ? ?      ?      ?    ? r_symmetry_metal_ion_refined ? ? 
'X-RAY DIFFRACTION' ? ?      ?      ?    ? r_symmetry_metal_ion_other   ? ? 
'X-RAY DIFFRACTION' ? ?      ?      ?    ? r_mcbond_it                  ? ? 
'X-RAY DIFFRACTION' ? ?      ?      ?    ? r_mcbond_other               ? ? 
'X-RAY DIFFRACTION' ? ?      ?      ?    ? r_mcangle_it                 ? ? 
'X-RAY DIFFRACTION' ? ?      ?      ?    ? r_mcangle_other              ? ? 
'X-RAY DIFFRACTION' ? ?      ?      ?    ? r_scbond_it                  ? ? 
'X-RAY DIFFRACTION' ? ?      ?      ?    ? r_scbond_other               ? ? 
'X-RAY DIFFRACTION' ? ?      ?      ?    ? r_scangle_it                 ? ? 
'X-RAY DIFFRACTION' ? ?      ?      ?    ? r_scangle_other              ? ? 
'X-RAY DIFFRACTION' ? ?      ?      ?    ? r_long_range_B_refined       ? ? 
'X-RAY DIFFRACTION' ? ?      ?      ?    ? r_long_range_B_other         ? ? 
'X-RAY DIFFRACTION' ? ?      ?      ?    ? r_rigid_bond_restr           ? ? 
'X-RAY DIFFRACTION' ? ?      ?      ?    ? r_sphericity_free            ? ? 
'X-RAY DIFFRACTION' ? ?      ?      ?    ? r_sphericity_bonded          ? ? 
# 
_refine_ls_shell.pdbx_refine_id                   'X-RAY DIFFRACTION' 
_refine_ls_shell.d_res_high                       2.510 
_refine_ls_shell.d_res_low                        2.575 
_refine_ls_shell.number_reflns_all                ? 
_refine_ls_shell.number_reflns_obs                ? 
_refine_ls_shell.number_reflns_R_free             11 
_refine_ls_shell.number_reflns_R_work             359 
_refine_ls_shell.percent_reflns_obs               96.86 
_refine_ls_shell.percent_reflns_R_free            ? 
_refine_ls_shell.R_factor_all                     ? 
_refine_ls_shell.R_factor_obs                     ? 
_refine_ls_shell.R_factor_R_free                  0.320 
_refine_ls_shell.R_factor_R_free_error            ? 
_refine_ls_shell.R_factor_R_work                  0.258 
_refine_ls_shell.redundancy_reflns_all            ? 
_refine_ls_shell.redundancy_reflns_obs            ? 
_refine_ls_shell.wR_factor_all                    ? 
_refine_ls_shell.wR_factor_obs                    ? 
_refine_ls_shell.wR_factor_R_free                 ? 
_refine_ls_shell.wR_factor_R_work                 ? 
_refine_ls_shell.pdbx_total_number_of_bins_used   20 
_refine_ls_shell.pdbx_phase_error                 ? 
_refine_ls_shell.pdbx_fsc_work                    ? 
_refine_ls_shell.pdbx_fsc_free                    ? 
# 
_struct.entry_id                     5NWX 
_struct.title                        'Insight into the molecular recognition mechanism of the coactivator NCoA1 by STAT6' 
_struct.pdbx_model_details           ? 
_struct.pdbx_formula_weight          ? 
_struct.pdbx_formula_weight_method   ? 
_struct.pdbx_model_type_details      ? 
_struct.pdbx_CASP_flag               N 
# 
_struct_keywords.entry_id        5NWX 
_struct_keywords.text            'NcoA1, STAT6, PAS-B domain, transactivation domain, transcription' 
_struct_keywords.pdbx_keywords   TRANSCRIPTION 
# 
loop_
_struct_asym.id 
_struct_asym.pdbx_blank_PDB_chainid_flag 
_struct_asym.pdbx_modified 
_struct_asym.entity_id 
_struct_asym.details 
A N N 1 ? 
B N N 2 ? 
C N N 3 ? 
D N N 3 ? 
# 
loop_
_struct_ref.id 
_struct_ref.db_name 
_struct_ref.db_code 
_struct_ref.pdbx_db_accession 
_struct_ref.pdbx_db_isoform 
_struct_ref.entity_id 
_struct_ref.pdbx_seq_one_letter_code 
_struct_ref.pdbx_align_begin 
1 UNP NCOA1_MOUSE P70365 ? 1 
;TGVESFMTKQDTTGKIISIDTSSLRAAGRTGWEDLVRKCIYAFFQPQGREPSYARQLFQEVMTRGTASSPSYRFILNDGT
MLSAHTKCKLCYPQSPDMQPFIMGIHIIDREHSGLSPQDDSNSGMSIPR
;
257 
2 UNP STAT6_HUMAN P42226 ? 2 GTWIGEDIFPPLLPPTEQDLTKLLLEGQGESG 783 
# 
loop_
_struct_ref_seq.align_id 
_struct_ref_seq.ref_id 
_struct_ref_seq.pdbx_PDB_id_code 
_struct_ref_seq.pdbx_strand_id 
_struct_ref_seq.seq_align_beg 
_struct_ref_seq.pdbx_seq_align_beg_ins_code 
_struct_ref_seq.seq_align_end 
_struct_ref_seq.pdbx_seq_align_end_ins_code 
_struct_ref_seq.pdbx_db_accession 
_struct_ref_seq.db_align_beg 
_struct_ref_seq.pdbx_db_align_beg_ins_code 
_struct_ref_seq.db_align_end 
_struct_ref_seq.pdbx_db_align_end_ins_code 
_struct_ref_seq.pdbx_auth_seq_align_beg 
_struct_ref_seq.pdbx_auth_seq_align_end 
1 1 5NWX A 4 ? 132 ? P70365 257 ? 385 ? 257 385 
2 2 5NWX B 1 ? 32  ? P42226 783 ? 814 ? 783 814 
# 
loop_
_struct_ref_seq_dif.align_id 
_struct_ref_seq_dif.pdbx_pdb_id_code 
_struct_ref_seq_dif.mon_id 
_struct_ref_seq_dif.pdbx_pdb_strand_id 
_struct_ref_seq_dif.seq_num 
_struct_ref_seq_dif.pdbx_pdb_ins_code 
_struct_ref_seq_dif.pdbx_seq_db_name 
_struct_ref_seq_dif.pdbx_seq_db_accession_code 
_struct_ref_seq_dif.db_mon_id 
_struct_ref_seq_dif.pdbx_seq_db_seq_num 
_struct_ref_seq_dif.details 
_struct_ref_seq_dif.pdbx_auth_seq_num 
_struct_ref_seq_dif.pdbx_ordinal 
1 5NWX GLY A 1   ? UNP P70365 ?   ?   'expression tag' 254 1 
1 5NWX HIS A 2   ? UNP P70365 ?   ?   'expression tag' 255 2 
1 5NWX MET A 3   ? UNP P70365 ?   ?   'expression tag' 256 3 
1 5NWX ARG A 90  ? UNP P70365 LYS 343 conflict         343 4 
1 5NWX THR A 124 ? UNP P70365 SER 377 conflict         377 5 
# 
_pdbx_struct_assembly.id                   1 
_pdbx_struct_assembly.details              author_and_software_defined_assembly 
_pdbx_struct_assembly.method_details       PISA 
_pdbx_struct_assembly.oligomeric_details   dimeric 
_pdbx_struct_assembly.oligomeric_count     2 
# 
loop_
_pdbx_struct_assembly_prop.biol_id 
_pdbx_struct_assembly_prop.type 
_pdbx_struct_assembly_prop.value 
_pdbx_struct_assembly_prop.details 
1 'ABSA (A^2)' 1000 ? 
1 MORE         -10  ? 
1 'SSA (A^2)'  6460 ? 
# 
_pdbx_struct_assembly_gen.assembly_id       1 
_pdbx_struct_assembly_gen.oper_expression   1 
_pdbx_struct_assembly_gen.asym_id_list      A,B,C,D 
# 
_pdbx_struct_assembly_auth_evidence.id                     1 
_pdbx_struct_assembly_auth_evidence.assembly_id            1 
_pdbx_struct_assembly_auth_evidence.experimental_support   'gel filtration' 
_pdbx_struct_assembly_auth_evidence.details                ? 
# 
_pdbx_struct_oper_list.id                   1 
_pdbx_struct_oper_list.type                 'identity operation' 
_pdbx_struct_oper_list.name                 1_555 
_pdbx_struct_oper_list.symmetry_operation   x,y,z 
_pdbx_struct_oper_list.matrix[1][1]         1.0000000000 
_pdbx_struct_oper_list.matrix[1][2]         0.0000000000 
_pdbx_struct_oper_list.matrix[1][3]         0.0000000000 
_pdbx_struct_oper_list.vector[1]            0.0000000000 
_pdbx_struct_oper_list.matrix[2][1]         0.0000000000 
_pdbx_struct_oper_list.matrix[2][2]         1.0000000000 
_pdbx_struct_oper_list.matrix[2][3]         0.0000000000 
_pdbx_struct_oper_list.vector[2]            0.0000000000 
_pdbx_struct_oper_list.matrix[3][1]         0.0000000000 
_pdbx_struct_oper_list.matrix[3][2]         0.0000000000 
_pdbx_struct_oper_list.matrix[3][3]         1.0000000000 
_pdbx_struct_oper_list.vector[3]            0.0000000000 
# 
loop_
_struct_conf.conf_type_id 
_struct_conf.id 
_struct_conf.pdbx_PDB_helix_id 
_struct_conf.beg_label_comp_id 
_struct_conf.beg_label_asym_id 
_struct_conf.beg_label_seq_id 
_struct_conf.pdbx_beg_PDB_ins_code 
_struct_conf.end_label_comp_id 
_struct_conf.end_label_asym_id 
_struct_conf.end_label_seq_id 
_struct_conf.pdbx_end_PDB_ins_code 
_struct_conf.beg_auth_comp_id 
_struct_conf.beg_auth_asym_id 
_struct_conf.beg_auth_seq_id 
_struct_conf.end_auth_comp_id 
_struct_conf.end_auth_asym_id 
_struct_conf.end_auth_seq_id 
_struct_conf.pdbx_PDB_helix_class 
_struct_conf.details 
_struct_conf.pdbx_PDB_helix_length 
HELX_P HELX_P1 AA1 THR A 24 ? ALA A 29 ? THR A 277 ALA A 282 1 ? 6  
HELX_P HELX_P2 AA2 GLY A 34 ? PHE A 47 ? GLY A 287 PHE A 300 1 ? 14 
HELX_P HELX_P3 AA3 SER A 55 ? GLY A 68 ? SER A 308 GLY A 321 1 ? 14 
HELX_P HELX_P4 AA4 THR B 16 ? GLU B 26 ? THR B 798 GLU B 808 1 ? 11 
# 
_struct_conf_type.id          HELX_P 
_struct_conf_type.criteria    ? 
_struct_conf_type.reference   ? 
# 
loop_
_struct_sheet.id 
_struct_sheet.type 
_struct_sheet.number_strands 
_struct_sheet.details 
AA1 ? 5 ? 
AA2 ? 5 ? 
# 
loop_
_struct_sheet_order.sheet_id 
_struct_sheet_order.range_id_1 
_struct_sheet_order.range_id_2 
_struct_sheet_order.offset 
_struct_sheet_order.sense 
AA1 1 2 ? anti-parallel 
AA1 2 3 ? anti-parallel 
AA1 3 4 ? anti-parallel 
AA1 4 5 ? anti-parallel 
AA2 1 2 ? anti-parallel 
AA2 2 3 ? anti-parallel 
AA2 3 4 ? anti-parallel 
AA2 4 5 ? anti-parallel 
# 
loop_
_struct_sheet_range.sheet_id 
_struct_sheet_range.id 
_struct_sheet_range.beg_label_comp_id 
_struct_sheet_range.beg_label_asym_id 
_struct_sheet_range.beg_label_seq_id 
_struct_sheet_range.pdbx_beg_PDB_ins_code 
_struct_sheet_range.end_label_comp_id 
_struct_sheet_range.end_label_asym_id 
_struct_sheet_range.end_label_seq_id 
_struct_sheet_range.pdbx_end_PDB_ins_code 
_struct_sheet_range.beg_auth_comp_id 
_struct_sheet_range.beg_auth_asym_id 
_struct_sheet_range.beg_auth_seq_id 
_struct_sheet_range.end_auth_comp_id 
_struct_sheet_range.end_auth_asym_id 
_struct_sheet_range.end_auth_seq_id 
AA1 1 ILE A 19  ? ASP A 23  ? ILE A 272 ASP A 276 
AA1 2 SER A 8   ? GLN A 13  ? SER A 261 GLN A 266 
AA1 3 PHE A 104 ? ASP A 112 ? PHE A 357 ASP A 365 
AA1 4 MET A 84  ? CYS A 94  ? MET A 337 CYS A 347 
AA1 5 THR A 69  ? SER A 71  ? THR A 322 SER A 324 
AA2 1 ILE A 19  ? ASP A 23  ? ILE A 272 ASP A 276 
AA2 2 SER A 8   ? GLN A 13  ? SER A 261 GLN A 266 
AA2 3 PHE A 104 ? ASP A 112 ? PHE A 357 ASP A 365 
AA2 4 MET A 84  ? CYS A 94  ? MET A 337 CYS A 347 
AA2 5 TYR A 75  ? ILE A 78  ? TYR A 328 ILE A 331 
# 
loop_
_pdbx_struct_sheet_hbond.sheet_id 
_pdbx_struct_sheet_hbond.range_id_1 
_pdbx_struct_sheet_hbond.range_id_2 
_pdbx_struct_sheet_hbond.range_1_label_atom_id 
_pdbx_struct_sheet_hbond.range_1_label_comp_id 
_pdbx_struct_sheet_hbond.range_1_label_asym_id 
_pdbx_struct_sheet_hbond.range_1_label_seq_id 
_pdbx_struct_sheet_hbond.range_1_PDB_ins_code 
_pdbx_struct_sheet_hbond.range_1_auth_atom_id 
_pdbx_struct_sheet_hbond.range_1_auth_comp_id 
_pdbx_struct_sheet_hbond.range_1_auth_asym_id 
_pdbx_struct_sheet_hbond.range_1_auth_seq_id 
_pdbx_struct_sheet_hbond.range_2_label_atom_id 
_pdbx_struct_sheet_hbond.range_2_label_comp_id 
_pdbx_struct_sheet_hbond.range_2_label_asym_id 
_pdbx_struct_sheet_hbond.range_2_label_seq_id 
_pdbx_struct_sheet_hbond.range_2_PDB_ins_code 
_pdbx_struct_sheet_hbond.range_2_auth_atom_id 
_pdbx_struct_sheet_hbond.range_2_auth_comp_id 
_pdbx_struct_sheet_hbond.range_2_auth_asym_id 
_pdbx_struct_sheet_hbond.range_2_auth_seq_id 
AA1 1 2 O ASP A 23  ? O ASP A 276 N MET A 10  ? N MET A 263 
AA1 2 3 N GLN A 13  ? N GLN A 266 O ILE A 105 ? O ILE A 358 
AA1 3 4 O PHE A 104 ? O PHE A 357 N CYS A 94  ? N CYS A 347 
AA1 4 5 O CYS A 91  ? O CYS A 344 N ALA A 70  ? N ALA A 323 
AA2 1 2 O ASP A 23  ? O ASP A 276 N MET A 10  ? N MET A 263 
AA2 2 3 N GLN A 13  ? N GLN A 266 O ILE A 105 ? O ILE A 358 
AA2 3 4 O PHE A 104 ? O PHE A 357 N CYS A 94  ? N CYS A 347 
AA2 4 5 O ALA A 87  ? O ALA A 340 N TYR A 75  ? N TYR A 328 
# 
_pdbx_validate_torsion.id              1 
_pdbx_validate_torsion.PDB_model_num   1 
_pdbx_validate_torsion.auth_comp_id    LYS 
_pdbx_validate_torsion.auth_asym_id    B 
_pdbx_validate_torsion.auth_seq_id     804 
_pdbx_validate_torsion.PDB_ins_code    ? 
_pdbx_validate_torsion.label_alt_id    ? 
_pdbx_validate_torsion.phi             -39.38 
_pdbx_validate_torsion.psi             -71.75 
# 
loop_
_pdbx_unobs_or_zero_occ_residues.id 
_pdbx_unobs_or_zero_occ_residues.PDB_model_num 
_pdbx_unobs_or_zero_occ_residues.polymer_flag 
_pdbx_unobs_or_zero_occ_residues.occupancy_flag 
_pdbx_unobs_or_zero_occ_residues.auth_asym_id 
_pdbx_unobs_or_zero_occ_residues.auth_comp_id 
_pdbx_unobs_or_zero_occ_residues.auth_seq_id 
_pdbx_unobs_or_zero_occ_residues.PDB_ins_code 
_pdbx_unobs_or_zero_occ_residues.label_asym_id 
_pdbx_unobs_or_zero_occ_residues.label_comp_id 
_pdbx_unobs_or_zero_occ_residues.label_seq_id 
1  1 Y 1 A GLY 254 ? A GLY 1   
2  1 Y 1 A HIS 255 ? A HIS 2   
3  1 Y 1 A MET 256 ? A MET 3   
4  1 Y 1 A THR 257 ? A THR 4   
5  1 Y 1 A GLY 258 ? A GLY 5   
6  1 Y 1 A GLN 350 ? A GLN 97  
7  1 Y 1 A SER 351 ? A SER 98  
8  1 Y 1 A PRO 352 ? A PRO 99  
9  1 Y 1 A ASP 353 ? A ASP 100 
10 1 Y 1 A MET 354 ? A MET 101 
11 1 Y 1 A GLU 367 ? A GLU 114 
12 1 Y 1 A HIS 368 ? A HIS 115 
13 1 Y 1 A SER 369 ? A SER 116 
14 1 Y 1 A GLY 370 ? A GLY 117 
15 1 Y 1 A LEU 371 ? A LEU 118 
16 1 Y 1 A SER 372 ? A SER 119 
17 1 Y 1 A PRO 373 ? A PRO 120 
18 1 Y 1 A GLN 374 ? A GLN 121 
19 1 Y 1 A ASP 375 ? A ASP 122 
20 1 Y 1 A ASP 376 ? A ASP 123 
21 1 Y 1 A THR 377 ? A THR 124 
22 1 Y 1 A ASN 378 ? A ASN 125 
23 1 Y 1 A SER 379 ? A SER 126 
24 1 Y 1 A GLY 380 ? A GLY 127 
25 1 Y 1 A MET 381 ? A MET 128 
26 1 Y 1 A SER 382 ? A SER 129 
27 1 Y 1 A ILE 383 ? A ILE 130 
28 1 Y 1 A PRO 384 ? A PRO 131 
29 1 Y 1 A ARG 385 ? A ARG 132 
30 1 Y 1 B GLY 783 ? B GLY 1   
31 1 Y 1 B THR 784 ? B THR 2   
32 1 Y 1 B TRP 785 ? B TRP 3   
33 1 Y 1 B ILE 786 ? B ILE 4   
34 1 Y 1 B GLY 787 ? B GLY 5   
35 1 Y 1 B GLU 788 ? B GLU 6   
36 1 Y 1 B ASP 789 ? B ASP 7   
37 1 Y 1 B ILE 790 ? B ILE 8   
38 1 Y 1 B PHE 791 ? B PHE 9   
39 1 Y 1 B PRO 792 ? B PRO 10  
40 1 Y 1 B PRO 793 ? B PRO 11  
41 1 Y 1 B GLY 809 ? B GLY 27  
42 1 Y 1 B GLN 810 ? B GLN 28  
43 1 Y 1 B GLY 811 ? B GLY 29  
44 1 Y 1 B GLU 812 ? B GLU 30  
45 1 Y 1 B SER 813 ? B SER 31  
46 1 Y 1 B GLY 814 ? B GLY 32  
# 
loop_
_chem_comp_atom.comp_id 
_chem_comp_atom.atom_id 
_chem_comp_atom.type_symbol 
_chem_comp_atom.pdbx_aromatic_flag 
_chem_comp_atom.pdbx_stereo_config 
_chem_comp_atom.pdbx_ordinal 
ALA N    N N N 1   
ALA CA   C N S 2   
ALA C    C N N 3   
ALA O    O N N 4   
ALA CB   C N N 5   
ALA OXT  O N N 6   
ALA H    H N N 7   
ALA H2   H N N 8   
ALA HA   H N N 9   
ALA HB1  H N N 10  
ALA HB2  H N N 11  
ALA HB3  H N N 12  
ALA HXT  H N N 13  
ARG N    N N N 14  
ARG CA   C N S 15  
ARG C    C N N 16  
ARG O    O N N 17  
ARG CB   C N N 18  
ARG CG   C N N 19  
ARG CD   C N N 20  
ARG NE   N N N 21  
ARG CZ   C N N 22  
ARG NH1  N N N 23  
ARG NH2  N N N 24  
ARG OXT  O N N 25  
ARG H    H N N 26  
ARG H2   H N N 27  
ARG HA   H N N 28  
ARG HB2  H N N 29  
ARG HB3  H N N 30  
ARG HG2  H N N 31  
ARG HG3  H N N 32  
ARG HD2  H N N 33  
ARG HD3  H N N 34  
ARG HE   H N N 35  
ARG HH11 H N N 36  
ARG HH12 H N N 37  
ARG HH21 H N N 38  
ARG HH22 H N N 39  
ARG HXT  H N N 40  
ASN N    N N N 41  
ASN CA   C N S 42  
ASN C    C N N 43  
ASN O    O N N 44  
ASN CB   C N N 45  
ASN CG   C N N 46  
ASN OD1  O N N 47  
ASN ND2  N N N 48  
ASN OXT  O N N 49  
ASN H    H N N 50  
ASN H2   H N N 51  
ASN HA   H N N 52  
ASN HB2  H N N 53  
ASN HB3  H N N 54  
ASN HD21 H N N 55  
ASN HD22 H N N 56  
ASN HXT  H N N 57  
ASP N    N N N 58  
ASP CA   C N S 59  
ASP C    C N N 60  
ASP O    O N N 61  
ASP CB   C N N 62  
ASP CG   C N N 63  
ASP OD1  O N N 64  
ASP OD2  O N N 65  
ASP OXT  O N N 66  
ASP H    H N N 67  
ASP H2   H N N 68  
ASP HA   H N N 69  
ASP HB2  H N N 70  
ASP HB3  H N N 71  
ASP HD2  H N N 72  
ASP HXT  H N N 73  
CYS N    N N N 74  
CYS CA   C N R 75  
CYS C    C N N 76  
CYS O    O N N 77  
CYS CB   C N N 78  
CYS SG   S N N 79  
CYS OXT  O N N 80  
CYS H    H N N 81  
CYS H2   H N N 82  
CYS HA   H N N 83  
CYS HB2  H N N 84  
CYS HB3  H N N 85  
CYS HG   H N N 86  
CYS HXT  H N N 87  
GLN N    N N N 88  
GLN CA   C N S 89  
GLN C    C N N 90  
GLN O    O N N 91  
GLN CB   C N N 92  
GLN CG   C N N 93  
GLN CD   C N N 94  
GLN OE1  O N N 95  
GLN NE2  N N N 96  
GLN OXT  O N N 97  
GLN H    H N N 98  
GLN H2   H N N 99  
GLN HA   H N N 100 
GLN HB2  H N N 101 
GLN HB3  H N N 102 
GLN HG2  H N N 103 
GLN HG3  H N N 104 
GLN HE21 H N N 105 
GLN HE22 H N N 106 
GLN HXT  H N N 107 
GLU N    N N N 108 
GLU CA   C N S 109 
GLU C    C N N 110 
GLU O    O N N 111 
GLU CB   C N N 112 
GLU CG   C N N 113 
GLU CD   C N N 114 
GLU OE1  O N N 115 
GLU OE2  O N N 116 
GLU OXT  O N N 117 
GLU H    H N N 118 
GLU H2   H N N 119 
GLU HA   H N N 120 
GLU HB2  H N N 121 
GLU HB3  H N N 122 
GLU HG2  H N N 123 
GLU HG3  H N N 124 
GLU HE2  H N N 125 
GLU HXT  H N N 126 
GLY N    N N N 127 
GLY CA   C N N 128 
GLY C    C N N 129 
GLY O    O N N 130 
GLY OXT  O N N 131 
GLY H    H N N 132 
GLY H2   H N N 133 
GLY HA2  H N N 134 
GLY HA3  H N N 135 
GLY HXT  H N N 136 
HIS N    N N N 137 
HIS CA   C N S 138 
HIS C    C N N 139 
HIS O    O N N 140 
HIS CB   C N N 141 
HIS CG   C Y N 142 
HIS ND1  N Y N 143 
HIS CD2  C Y N 144 
HIS CE1  C Y N 145 
HIS NE2  N Y N 146 
HIS OXT  O N N 147 
HIS H    H N N 148 
HIS H2   H N N 149 
HIS HA   H N N 150 
HIS HB2  H N N 151 
HIS HB3  H N N 152 
HIS HD1  H N N 153 
HIS HD2  H N N 154 
HIS HE1  H N N 155 
HIS HE2  H N N 156 
HIS HXT  H N N 157 
HOH O    O N N 158 
HOH H1   H N N 159 
HOH H2   H N N 160 
ILE N    N N N 161 
ILE CA   C N S 162 
ILE C    C N N 163 
ILE O    O N N 164 
ILE CB   C N S 165 
ILE CG1  C N N 166 
ILE CG2  C N N 167 
ILE CD1  C N N 168 
ILE OXT  O N N 169 
ILE H    H N N 170 
ILE H2   H N N 171 
ILE HA   H N N 172 
ILE HB   H N N 173 
ILE HG12 H N N 174 
ILE HG13 H N N 175 
ILE HG21 H N N 176 
ILE HG22 H N N 177 
ILE HG23 H N N 178 
ILE HD11 H N N 179 
ILE HD12 H N N 180 
ILE HD13 H N N 181 
ILE HXT  H N N 182 
LEU N    N N N 183 
LEU CA   C N S 184 
LEU C    C N N 185 
LEU O    O N N 186 
LEU CB   C N N 187 
LEU CG   C N N 188 
LEU CD1  C N N 189 
LEU CD2  C N N 190 
LEU OXT  O N N 191 
LEU H    H N N 192 
LEU H2   H N N 193 
LEU HA   H N N 194 
LEU HB2  H N N 195 
LEU HB3  H N N 196 
LEU HG   H N N 197 
LEU HD11 H N N 198 
LEU HD12 H N N 199 
LEU HD13 H N N 200 
LEU HD21 H N N 201 
LEU HD22 H N N 202 
LEU HD23 H N N 203 
LEU HXT  H N N 204 
LYS N    N N N 205 
LYS CA   C N S 206 
LYS C    C N N 207 
LYS O    O N N 208 
LYS CB   C N N 209 
LYS CG   C N N 210 
LYS CD   C N N 211 
LYS CE   C N N 212 
LYS NZ   N N N 213 
LYS OXT  O N N 214 
LYS H    H N N 215 
LYS H2   H N N 216 
LYS HA   H N N 217 
LYS HB2  H N N 218 
LYS HB3  H N N 219 
LYS HG2  H N N 220 
LYS HG3  H N N 221 
LYS HD2  H N N 222 
LYS HD3  H N N 223 
LYS HE2  H N N 224 
LYS HE3  H N N 225 
LYS HZ1  H N N 226 
LYS HZ2  H N N 227 
LYS HZ3  H N N 228 
LYS HXT  H N N 229 
MET N    N N N 230 
MET CA   C N S 231 
MET C    C N N 232 
MET O    O N N 233 
MET CB   C N N 234 
MET CG   C N N 235 
MET SD   S N N 236 
MET CE   C N N 237 
MET OXT  O N N 238 
MET H    H N N 239 
MET H2   H N N 240 
MET HA   H N N 241 
MET HB2  H N N 242 
MET HB3  H N N 243 
MET HG2  H N N 244 
MET HG3  H N N 245 
MET HE1  H N N 246 
MET HE2  H N N 247 
MET HE3  H N N 248 
MET HXT  H N N 249 
PHE N    N N N 250 
PHE CA   C N S 251 
PHE C    C N N 252 
PHE O    O N N 253 
PHE CB   C N N 254 
PHE CG   C Y N 255 
PHE CD1  C Y N 256 
PHE CD2  C Y N 257 
PHE CE1  C Y N 258 
PHE CE2  C Y N 259 
PHE CZ   C Y N 260 
PHE OXT  O N N 261 
PHE H    H N N 262 
PHE H2   H N N 263 
PHE HA   H N N 264 
PHE HB2  H N N 265 
PHE HB3  H N N 266 
PHE HD1  H N N 267 
PHE HD2  H N N 268 
PHE HE1  H N N 269 
PHE HE2  H N N 270 
PHE HZ   H N N 271 
PHE HXT  H N N 272 
PRO N    N N N 273 
PRO CA   C N S 274 
PRO C    C N N 275 
PRO O    O N N 276 
PRO CB   C N N 277 
PRO CG   C N N 278 
PRO CD   C N N 279 
PRO OXT  O N N 280 
PRO H    H N N 281 
PRO HA   H N N 282 
PRO HB2  H N N 283 
PRO HB3  H N N 284 
PRO HG2  H N N 285 
PRO HG3  H N N 286 
PRO HD2  H N N 287 
PRO HD3  H N N 288 
PRO HXT  H N N 289 
SER N    N N N 290 
SER CA   C N S 291 
SER C    C N N 292 
SER O    O N N 293 
SER CB   C N N 294 
SER OG   O N N 295 
SER OXT  O N N 296 
SER H    H N N 297 
SER H2   H N N 298 
SER HA   H N N 299 
SER HB2  H N N 300 
SER HB3  H N N 301 
SER HG   H N N 302 
SER HXT  H N N 303 
THR N    N N N 304 
THR CA   C N S 305 
THR C    C N N 306 
THR O    O N N 307 
THR CB   C N R 308 
THR OG1  O N N 309 
THR CG2  C N N 310 
THR OXT  O N N 311 
THR H    H N N 312 
THR H2   H N N 313 
THR HA   H N N 314 
THR HB   H N N 315 
THR HG1  H N N 316 
THR HG21 H N N 317 
THR HG22 H N N 318 
THR HG23 H N N 319 
THR HXT  H N N 320 
TRP N    N N N 321 
TRP CA   C N S 322 
TRP C    C N N 323 
TRP O    O N N 324 
TRP CB   C N N 325 
TRP CG   C Y N 326 
TRP CD1  C Y N 327 
TRP CD2  C Y N 328 
TRP NE1  N Y N 329 
TRP CE2  C Y N 330 
TRP CE3  C Y N 331 
TRP CZ2  C Y N 332 
TRP CZ3  C Y N 333 
TRP CH2  C Y N 334 
TRP OXT  O N N 335 
TRP H    H N N 336 
TRP H2   H N N 337 
TRP HA   H N N 338 
TRP HB2  H N N 339 
TRP HB3  H N N 340 
TRP HD1  H N N 341 
TRP HE1  H N N 342 
TRP HE3  H N N 343 
TRP HZ2  H N N 344 
TRP HZ3  H N N 345 
TRP HH2  H N N 346 
TRP HXT  H N N 347 
TYR N    N N N 348 
TYR CA   C N S 349 
TYR C    C N N 350 
TYR O    O N N 351 
TYR CB   C N N 352 
TYR CG   C Y N 353 
TYR CD1  C Y N 354 
TYR CD2  C Y N 355 
TYR CE1  C Y N 356 
TYR CE2  C Y N 357 
TYR CZ   C Y N 358 
TYR OH   O N N 359 
TYR OXT  O N N 360 
TYR H    H N N 361 
TYR H2   H N N 362 
TYR HA   H N N 363 
TYR HB2  H N N 364 
TYR HB3  H N N 365 
TYR HD1  H N N 366 
TYR HD2  H N N 367 
TYR HE1  H N N 368 
TYR HE2  H N N 369 
TYR HH   H N N 370 
TYR HXT  H N N 371 
VAL N    N N N 372 
VAL CA   C N S 373 
VAL C    C N N 374 
VAL O    O N N 375 
VAL CB   C N N 376 
VAL CG1  C N N 377 
VAL CG2  C N N 378 
VAL OXT  O N N 379 
VAL H    H N N 380 
VAL H2   H N N 381 
VAL HA   H N N 382 
VAL HB   H N N 383 
VAL HG11 H N N 384 
VAL HG12 H N N 385 
VAL HG13 H N N 386 
VAL HG21 H N N 387 
VAL HG22 H N N 388 
VAL HG23 H N N 389 
VAL HXT  H N N 390 
# 
loop_
_chem_comp_bond.comp_id 
_chem_comp_bond.atom_id_1 
_chem_comp_bond.atom_id_2 
_chem_comp_bond.value_order 
_chem_comp_bond.pdbx_aromatic_flag 
_chem_comp_bond.pdbx_stereo_config 
_chem_comp_bond.pdbx_ordinal 
ALA N   CA   sing N N 1   
ALA N   H    sing N N 2   
ALA N   H2   sing N N 3   
ALA CA  C    sing N N 4   
ALA CA  CB   sing N N 5   
ALA CA  HA   sing N N 6   
ALA C   O    doub N N 7   
ALA C   OXT  sing N N 8   
ALA CB  HB1  sing N N 9   
ALA CB  HB2  sing N N 10  
ALA CB  HB3  sing N N 11  
ALA OXT HXT  sing N N 12  
ARG N   CA   sing N N 13  
ARG N   H    sing N N 14  
ARG N   H2   sing N N 15  
ARG CA  C    sing N N 16  
ARG CA  CB   sing N N 17  
ARG CA  HA   sing N N 18  
ARG C   O    doub N N 19  
ARG C   OXT  sing N N 20  
ARG CB  CG   sing N N 21  
ARG CB  HB2  sing N N 22  
ARG CB  HB3  sing N N 23  
ARG CG  CD   sing N N 24  
ARG CG  HG2  sing N N 25  
ARG CG  HG3  sing N N 26  
ARG CD  NE   sing N N 27  
ARG CD  HD2  sing N N 28  
ARG CD  HD3  sing N N 29  
ARG NE  CZ   sing N N 30  
ARG NE  HE   sing N N 31  
ARG CZ  NH1  sing N N 32  
ARG CZ  NH2  doub N N 33  
ARG NH1 HH11 sing N N 34  
ARG NH1 HH12 sing N N 35  
ARG NH2 HH21 sing N N 36  
ARG NH2 HH22 sing N N 37  
ARG OXT HXT  sing N N 38  
ASN N   CA   sing N N 39  
ASN N   H    sing N N 40  
ASN N   H2   sing N N 41  
ASN CA  C    sing N N 42  
ASN CA  CB   sing N N 43  
ASN CA  HA   sing N N 44  
ASN C   O    doub N N 45  
ASN C   OXT  sing N N 46  
ASN CB  CG   sing N N 47  
ASN CB  HB2  sing N N 48  
ASN CB  HB3  sing N N 49  
ASN CG  OD1  doub N N 50  
ASN CG  ND2  sing N N 51  
ASN ND2 HD21 sing N N 52  
ASN ND2 HD22 sing N N 53  
ASN OXT HXT  sing N N 54  
ASP N   CA   sing N N 55  
ASP N   H    sing N N 56  
ASP N   H2   sing N N 57  
ASP CA  C    sing N N 58  
ASP CA  CB   sing N N 59  
ASP CA  HA   sing N N 60  
ASP C   O    doub N N 61  
ASP C   OXT  sing N N 62  
ASP CB  CG   sing N N 63  
ASP CB  HB2  sing N N 64  
ASP CB  HB3  sing N N 65  
ASP CG  OD1  doub N N 66  
ASP CG  OD2  sing N N 67  
ASP OD2 HD2  sing N N 68  
ASP OXT HXT  sing N N 69  
CYS N   CA   sing N N 70  
CYS N   H    sing N N 71  
CYS N   H2   sing N N 72  
CYS CA  C    sing N N 73  
CYS CA  CB   sing N N 74  
CYS CA  HA   sing N N 75  
CYS C   O    doub N N 76  
CYS C   OXT  sing N N 77  
CYS CB  SG   sing N N 78  
CYS CB  HB2  sing N N 79  
CYS CB  HB3  sing N N 80  
CYS SG  HG   sing N N 81  
CYS OXT HXT  sing N N 82  
GLN N   CA   sing N N 83  
GLN N   H    sing N N 84  
GLN N   H2   sing N N 85  
GLN CA  C    sing N N 86  
GLN CA  CB   sing N N 87  
GLN CA  HA   sing N N 88  
GLN C   O    doub N N 89  
GLN C   OXT  sing N N 90  
GLN CB  CG   sing N N 91  
GLN CB  HB2  sing N N 92  
GLN CB  HB3  sing N N 93  
GLN CG  CD   sing N N 94  
GLN CG  HG2  sing N N 95  
GLN CG  HG3  sing N N 96  
GLN CD  OE1  doub N N 97  
GLN CD  NE2  sing N N 98  
GLN NE2 HE21 sing N N 99  
GLN NE2 HE22 sing N N 100 
GLN OXT HXT  sing N N 101 
GLU N   CA   sing N N 102 
GLU N   H    sing N N 103 
GLU N   H2   sing N N 104 
GLU CA  C    sing N N 105 
GLU CA  CB   sing N N 106 
GLU CA  HA   sing N N 107 
GLU C   O    doub N N 108 
GLU C   OXT  sing N N 109 
GLU CB  CG   sing N N 110 
GLU CB  HB2  sing N N 111 
GLU CB  HB3  sing N N 112 
GLU CG  CD   sing N N 113 
GLU CG  HG2  sing N N 114 
GLU CG  HG3  sing N N 115 
GLU CD  OE1  doub N N 116 
GLU CD  OE2  sing N N 117 
GLU OE2 HE2  sing N N 118 
GLU OXT HXT  sing N N 119 
GLY N   CA   sing N N 120 
GLY N   H    sing N N 121 
GLY N   H2   sing N N 122 
GLY CA  C    sing N N 123 
GLY CA  HA2  sing N N 124 
GLY CA  HA3  sing N N 125 
GLY C   O    doub N N 126 
GLY C   OXT  sing N N 127 
GLY OXT HXT  sing N N 128 
HIS N   CA   sing N N 129 
HIS N   H    sing N N 130 
HIS N   H2   sing N N 131 
HIS CA  C    sing N N 132 
HIS CA  CB   sing N N 133 
HIS CA  HA   sing N N 134 
HIS C   O    doub N N 135 
HIS C   OXT  sing N N 136 
HIS CB  CG   sing N N 137 
HIS CB  HB2  sing N N 138 
HIS CB  HB3  sing N N 139 
HIS CG  ND1  sing Y N 140 
HIS CG  CD2  doub Y N 141 
HIS ND1 CE1  doub Y N 142 
HIS ND1 HD1  sing N N 143 
HIS CD2 NE2  sing Y N 144 
HIS CD2 HD2  sing N N 145 
HIS CE1 NE2  sing Y N 146 
HIS CE1 HE1  sing N N 147 
HIS NE2 HE2  sing N N 148 
HIS OXT HXT  sing N N 149 
HOH O   H1   sing N N 150 
HOH O   H2   sing N N 151 
ILE N   CA   sing N N 152 
ILE N   H    sing N N 153 
ILE N   H2   sing N N 154 
ILE CA  C    sing N N 155 
ILE CA  CB   sing N N 156 
ILE CA  HA   sing N N 157 
ILE C   O    doub N N 158 
ILE C   OXT  sing N N 159 
ILE CB  CG1  sing N N 160 
ILE CB  CG2  sing N N 161 
ILE CB  HB   sing N N 162 
ILE CG1 CD1  sing N N 163 
ILE CG1 HG12 sing N N 164 
ILE CG1 HG13 sing N N 165 
ILE CG2 HG21 sing N N 166 
ILE CG2 HG22 sing N N 167 
ILE CG2 HG23 sing N N 168 
ILE CD1 HD11 sing N N 169 
ILE CD1 HD12 sing N N 170 
ILE CD1 HD13 sing N N 171 
ILE OXT HXT  sing N N 172 
LEU N   CA   sing N N 173 
LEU N   H    sing N N 174 
LEU N   H2   sing N N 175 
LEU CA  C    sing N N 176 
LEU CA  CB   sing N N 177 
LEU CA  HA   sing N N 178 
LEU C   O    doub N N 179 
LEU C   OXT  sing N N 180 
LEU CB  CG   sing N N 181 
LEU CB  HB2  sing N N 182 
LEU CB  HB3  sing N N 183 
LEU CG  CD1  sing N N 184 
LEU CG  CD2  sing N N 185 
LEU CG  HG   sing N N 186 
LEU CD1 HD11 sing N N 187 
LEU CD1 HD12 sing N N 188 
LEU CD1 HD13 sing N N 189 
LEU CD2 HD21 sing N N 190 
LEU CD2 HD22 sing N N 191 
LEU CD2 HD23 sing N N 192 
LEU OXT HXT  sing N N 193 
LYS N   CA   sing N N 194 
LYS N   H    sing N N 195 
LYS N   H2   sing N N 196 
LYS CA  C    sing N N 197 
LYS CA  CB   sing N N 198 
LYS CA  HA   sing N N 199 
LYS C   O    doub N N 200 
LYS C   OXT  sing N N 201 
LYS CB  CG   sing N N 202 
LYS CB  HB2  sing N N 203 
LYS CB  HB3  sing N N 204 
LYS CG  CD   sing N N 205 
LYS CG  HG2  sing N N 206 
LYS CG  HG3  sing N N 207 
LYS CD  CE   sing N N 208 
LYS CD  HD2  sing N N 209 
LYS CD  HD3  sing N N 210 
LYS CE  NZ   sing N N 211 
LYS CE  HE2  sing N N 212 
LYS CE  HE3  sing N N 213 
LYS NZ  HZ1  sing N N 214 
LYS NZ  HZ2  sing N N 215 
LYS NZ  HZ3  sing N N 216 
LYS OXT HXT  sing N N 217 
MET N   CA   sing N N 218 
MET N   H    sing N N 219 
MET N   H2   sing N N 220 
MET CA  C    sing N N 221 
MET CA  CB   sing N N 222 
MET CA  HA   sing N N 223 
MET C   O    doub N N 224 
MET C   OXT  sing N N 225 
MET CB  CG   sing N N 226 
MET CB  HB2  sing N N 227 
MET CB  HB3  sing N N 228 
MET CG  SD   sing N N 229 
MET CG  HG2  sing N N 230 
MET CG  HG3  sing N N 231 
MET SD  CE   sing N N 232 
MET CE  HE1  sing N N 233 
MET CE  HE2  sing N N 234 
MET CE  HE3  sing N N 235 
MET OXT HXT  sing N N 236 
PHE N   CA   sing N N 237 
PHE N   H    sing N N 238 
PHE N   H2   sing N N 239 
PHE CA  C    sing N N 240 
PHE CA  CB   sing N N 241 
PHE CA  HA   sing N N 242 
PHE C   O    doub N N 243 
PHE C   OXT  sing N N 244 
PHE CB  CG   sing N N 245 
PHE CB  HB2  sing N N 246 
PHE CB  HB3  sing N N 247 
PHE CG  CD1  doub Y N 248 
PHE CG  CD2  sing Y N 249 
PHE CD1 CE1  sing Y N 250 
PHE CD1 HD1  sing N N 251 
PHE CD2 CE2  doub Y N 252 
PHE CD2 HD2  sing N N 253 
PHE CE1 CZ   doub Y N 254 
PHE CE1 HE1  sing N N 255 
PHE CE2 CZ   sing Y N 256 
PHE CE2 HE2  sing N N 257 
PHE CZ  HZ   sing N N 258 
PHE OXT HXT  sing N N 259 
PRO N   CA   sing N N 260 
PRO N   CD   sing N N 261 
PRO N   H    sing N N 262 
PRO CA  C    sing N N 263 
PRO CA  CB   sing N N 264 
PRO CA  HA   sing N N 265 
PRO C   O    doub N N 266 
PRO C   OXT  sing N N 267 
PRO CB  CG   sing N N 268 
PRO CB  HB2  sing N N 269 
PRO CB  HB3  sing N N 270 
PRO CG  CD   sing N N 271 
PRO CG  HG2  sing N N 272 
PRO CG  HG3  sing N N 273 
PRO CD  HD2  sing N N 274 
PRO CD  HD3  sing N N 275 
PRO OXT HXT  sing N N 276 
SER N   CA   sing N N 277 
SER N   H    sing N N 278 
SER N   H2   sing N N 279 
SER CA  C    sing N N 280 
SER CA  CB   sing N N 281 
SER CA  HA   sing N N 282 
SER C   O    doub N N 283 
SER C   OXT  sing N N 284 
SER CB  OG   sing N N 285 
SER CB  HB2  sing N N 286 
SER CB  HB3  sing N N 287 
SER OG  HG   sing N N 288 
SER OXT HXT  sing N N 289 
THR N   CA   sing N N 290 
THR N   H    sing N N 291 
THR N   H2   sing N N 292 
THR CA  C    sing N N 293 
THR CA  CB   sing N N 294 
THR CA  HA   sing N N 295 
THR C   O    doub N N 296 
THR C   OXT  sing N N 297 
THR CB  OG1  sing N N 298 
THR CB  CG2  sing N N 299 
THR CB  HB   sing N N 300 
THR OG1 HG1  sing N N 301 
THR CG2 HG21 sing N N 302 
THR CG2 HG22 sing N N 303 
THR CG2 HG23 sing N N 304 
THR OXT HXT  sing N N 305 
TRP N   CA   sing N N 306 
TRP N   H    sing N N 307 
TRP N   H2   sing N N 308 
TRP CA  C    sing N N 309 
TRP CA  CB   sing N N 310 
TRP CA  HA   sing N N 311 
TRP C   O    doub N N 312 
TRP C   OXT  sing N N 313 
TRP CB  CG   sing N N 314 
TRP CB  HB2  sing N N 315 
TRP CB  HB3  sing N N 316 
TRP CG  CD1  doub Y N 317 
TRP CG  CD2  sing Y N 318 
TRP CD1 NE1  sing Y N 319 
TRP CD1 HD1  sing N N 320 
TRP CD2 CE2  doub Y N 321 
TRP CD2 CE3  sing Y N 322 
TRP NE1 CE2  sing Y N 323 
TRP NE1 HE1  sing N N 324 
TRP CE2 CZ2  sing Y N 325 
TRP CE3 CZ3  doub Y N 326 
TRP CE3 HE3  sing N N 327 
TRP CZ2 CH2  doub Y N 328 
TRP CZ2 HZ2  sing N N 329 
TRP CZ3 CH2  sing Y N 330 
TRP CZ3 HZ3  sing N N 331 
TRP CH2 HH2  sing N N 332 
TRP OXT HXT  sing N N 333 
TYR N   CA   sing N N 334 
TYR N   H    sing N N 335 
TYR N   H2   sing N N 336 
TYR CA  C    sing N N 337 
TYR CA  CB   sing N N 338 
TYR CA  HA   sing N N 339 
TYR C   O    doub N N 340 
TYR C   OXT  sing N N 341 
TYR CB  CG   sing N N 342 
TYR CB  HB2  sing N N 343 
TYR CB  HB3  sing N N 344 
TYR CG  CD1  doub Y N 345 
TYR CG  CD2  sing Y N 346 
TYR CD1 CE1  sing Y N 347 
TYR CD1 HD1  sing N N 348 
TYR CD2 CE2  doub Y N 349 
TYR CD2 HD2  sing N N 350 
TYR CE1 CZ   doub Y N 351 
TYR CE1 HE1  sing N N 352 
TYR CE2 CZ   sing Y N 353 
TYR CE2 HE2  sing N N 354 
TYR CZ  OH   sing N N 355 
TYR OH  HH   sing N N 356 
TYR OXT HXT  sing N N 357 
VAL N   CA   sing N N 358 
VAL N   H    sing N N 359 
VAL N   H2   sing N N 360 
VAL CA  C    sing N N 361 
VAL CA  CB   sing N N 362 
VAL CA  HA   sing N N 363 
VAL C   O    doub N N 364 
VAL C   OXT  sing N N 365 
VAL CB  CG1  sing N N 366 
VAL CB  CG2  sing N N 367 
VAL CB  HB   sing N N 368 
VAL CG1 HG11 sing N N 369 
VAL CG1 HG12 sing N N 370 
VAL CG1 HG13 sing N N 371 
VAL CG2 HG21 sing N N 372 
VAL CG2 HG22 sing N N 373 
VAL CG2 HG23 sing N N 374 
VAL OXT HXT  sing N N 375 
# 
_pdbx_initial_refinement_model.id               1 
_pdbx_initial_refinement_model.entity_id_list   ? 
_pdbx_initial_refinement_model.type             'experimental model' 
_pdbx_initial_refinement_model.source_name      PDB 
_pdbx_initial_refinement_model.accession_code   1OJ5 
_pdbx_initial_refinement_model.details          ? 
# 
_atom_sites.entry_id                    5NWX 
_atom_sites.fract_transf_matrix[1][1]   0.00877069 
_atom_sites.fract_transf_matrix[1][2]   0.00334414 
_atom_sites.fract_transf_matrix[1][3]   0.01621424 
_atom_sites.fract_transf_matrix[2][1]   0.01853063 
_atom_sites.fract_transf_matrix[2][2]   0.00275671 
_atom_sites.fract_transf_matrix[2][3]   0.00023273 
_atom_sites.fract_transf_matrix[3][1]   -0.00197153 
_atom_sites.fract_transf_matrix[3][2]   0.01339584 
_atom_sites.fract_transf_matrix[3][3]   -0.00169640 
_atom_sites.fract_transf_vector[1]      -0.208854 
_atom_sites.fract_transf_vector[2]      0.310185 
_atom_sites.fract_transf_vector[3]      0.054368 
# 
loop_
_atom_type.symbol 
C 
N 
O 
S 
# 
loop_
_atom_site.group_PDB 
_atom_site.id 
_atom_site.type_symbol 
_atom_site.label_atom_id 
_atom_site.label_alt_id 
_atom_site.label_comp_id 
_atom_site.label_asym_id 
_atom_site.label_entity_id 
_atom_site.label_seq_id 
_atom_site.pdbx_PDB_ins_code 
_atom_site.Cartn_x 
_atom_site.Cartn_y 
_atom_site.Cartn_z 
_atom_site.occupancy 
_atom_site.B_iso_or_equiv 
_atom_site.pdbx_formal_charge 
_atom_site.auth_seq_id 
_atom_site.auth_comp_id 
_atom_site.auth_asym_id 
_atom_site.auth_atom_id 
_atom_site.pdbx_PDB_model_num 
ATOM   1   C C   . VAL A 1 6   ? 2.434   -1.218  -14.510 1.00 80.06  ? 259 VAL A C   1 
ATOM   2   O O   . VAL A 1 6   ? 1.268   -0.878  -14.646 1.00 72.24  ? 259 VAL A O   1 
ATOM   3   N N   . GLU A 1 7   ? 3.221   -0.628  -13.624 1.00 74.31  ? 260 GLU A N   1 
ATOM   4   C CA  . GLU A 1 7   ? 3.671   -1.312  -12.419 1.00 65.82  ? 260 GLU A CA  1 
ATOM   5   C C   . GLU A 1 7   ? 2.892   -0.968  -11.135 1.00 57.08  ? 260 GLU A C   1 
ATOM   6   O O   . GLU A 1 7   ? 2.990   0.131   -10.579 1.00 48.79  ? 260 GLU A O   1 
ATOM   7   C CB  . GLU A 1 7   ? 5.125   -0.973  -12.211 1.00 67.01  ? 260 GLU A CB  1 
ATOM   8   C CG  . GLU A 1 7   ? 5.908   -2.041  -11.501 1.00 65.45  ? 260 GLU A CG  1 
ATOM   9   C CD  . GLU A 1 7   ? 7.406   -1.767  -11.590 1.00 77.33  ? 260 GLU A CD  1 
ATOM   10  O OE1 . GLU A 1 7   ? 7.800   -0.656  -12.061 1.00 82.09  ? 260 GLU A OE1 1 
ATOM   11  O OE2 . GLU A 1 7   ? 8.182   -2.662  -11.176 1.00 73.52  ? 260 GLU A OE2 1 
ATOM   12  N N   . SER A 1 8   ? 2.168   -1.939  -10.615 1.00 49.53  ? 261 SER A N   1 
ATOM   13  C CA  . SER A 1 8   ? 1.304   -1.650  -9.526  1.00 40.64  ? 261 SER A CA  1 
ATOM   14  C C   . SER A 1 8   ? 0.922   -2.916  -8.751  1.00 43.83  ? 261 SER A C   1 
ATOM   15  O O   . SER A 1 8   ? 1.231   -4.064  -9.161  1.00 42.64  ? 261 SER A O   1 
ATOM   16  C CB  . SER A 1 8   ? 0.062   -1.023  -10.113 1.00 39.98  ? 261 SER A CB  1 
ATOM   17  O OG  . SER A 1 8   ? -0.917  -2.024  -10.367 1.00 48.13  ? 261 SER A OG  1 
ATOM   18  N N   . PHE A 1 9   ? 0.216   -2.709  -7.642  1.00 40.42  ? 262 PHE A N   1 
ATOM   19  C CA  . PHE A 1 9   ? -0.408  -3.821  -6.934  1.00 40.46  ? 262 PHE A CA  1 
ATOM   20  C C   . PHE A 1 9   ? -1.640  -3.326  -6.167  1.00 38.75  ? 262 PHE A C   1 
ATOM   21  O O   . PHE A 1 9   ? -1.859  -2.119  -6.048  1.00 43.21  ? 262 PHE A O   1 
ATOM   22  C CB  . PHE A 1 9   ? 0.602   -4.487  -6.011  1.00 36.33  ? 262 PHE A CB  1 
ATOM   23  C CG  . PHE A 1 9   ? 0.981   -3.644  -4.809  1.00 38.32  ? 262 PHE A CG  1 
ATOM   24  C CD1 . PHE A 1 9   ? 0.237   -3.690  -3.642  1.00 37.09  ? 262 PHE A CD1 1 
ATOM   25  C CD2 . PHE A 1 9   ? 2.101   -2.805  -4.835  1.00 38.60  ? 262 PHE A CD2 1 
ATOM   26  C CE1 . PHE A 1 9   ? 0.584   -2.907  -2.529  1.00 38.78  ? 262 PHE A CE1 1 
ATOM   27  C CE2 . PHE A 1 9   ? 2.456   -2.047  -3.712  1.00 35.44  ? 262 PHE A CE2 1 
ATOM   28  C CZ  . PHE A 1 9   ? 1.699   -2.104  -2.555  1.00 33.09  ? 262 PHE A CZ  1 
ATOM   29  N N   . MET A 1 10  ? -2.434  -4.246  -5.640  1.00 41.40  ? 263 MET A N   1 
ATOM   30  C CA  . MET A 1 10  ? -3.743  -3.903  -5.068  1.00 47.66  ? 263 MET A CA  1 
ATOM   31  C C   . MET A 1 10  ? -3.922  -4.530  -3.715  1.00 48.38  ? 263 MET A C   1 
ATOM   32  O O   . MET A 1 10  ? -3.436  -5.626  -3.470  1.00 49.88  ? 263 MET A O   1 
ATOM   33  C CB  . MET A 1 10  ? -4.903  -4.350  -5.973  1.00 53.36  ? 263 MET A CB  1 
ATOM   34  C CG  . MET A 1 10  ? -4.599  -4.183  -7.465  1.00 69.23  ? 263 MET A CG  1 
ATOM   35  S SD  . MET A 1 10  ? -6.034  -3.846  -8.500  1.00 93.04  ? 263 MET A SD  1 
ATOM   36  C CE  . MET A 1 10  ? -6.667  -2.386  -7.662  1.00 84.79  ? 263 MET A CE  1 
ATOM   37  N N   . THR A 1 11  ? -4.651  -3.834  -2.847  1.00 44.46  ? 264 THR A N   1 
ATOM   38  C CA  . THR A 1 11  ? -4.951  -4.326  -1.530  1.00 42.73  ? 264 THR A CA  1 
ATOM   39  C C   . THR A 1 11  ? -6.449  -4.198  -1.283  1.00 45.77  ? 264 THR A C   1 
ATOM   40  O O   . THR A 1 11  ? -7.099  -3.329  -1.869  1.00 51.48  ? 264 THR A O   1 
ATOM   41  C CB  . THR A 1 11  ? -4.221  -3.464  -0.468  1.00 48.43  ? 264 THR A CB  1 
ATOM   42  O OG1 . THR A 1 11  ? -4.629  -2.080  -0.584  1.00 47.59  ? 264 THR A OG1 1 
ATOM   43  C CG2 . THR A 1 11  ? -2.662  -3.604  -0.598  1.00 49.05  ? 264 THR A CG2 1 
ATOM   44  N N   . LYS A 1 12  ? -6.996  -5.023  -0.405  1.00 40.05  ? 265 LYS A N   1 
ATOM   45  C CA  . LYS A 1 12  ? -8.305  -4.743  0.130   1.00 46.16  ? 265 LYS A CA  1 
ATOM   46  C C   . LYS A 1 12  ? -8.096  -4.669  1.618   1.00 46.82  ? 265 LYS A C   1 
ATOM   47  O O   . LYS A 1 12  ? -7.283  -5.434  2.191   1.00 47.65  ? 265 LYS A O   1 
ATOM   48  C CB  . LYS A 1 12  ? -9.370  -5.803  -0.265  1.00 50.08  ? 265 LYS A CB  1 
ATOM   49  N N   . GLN A 1 13  ? -8.802  -3.733  2.241   1.00 42.38  ? 266 GLN A N   1 
ATOM   50  C CA  . GLN A 1 13  ? -8.780  -3.605  3.687   1.00 40.48  ? 266 GLN A CA  1 
ATOM   51  C C   . GLN A 1 13  ? -10.202 -3.724  4.179   1.00 44.34  ? 266 GLN A C   1 
ATOM   52  O O   . GLN A 1 13  ? -11.133 -3.333  3.483   1.00 50.28  ? 266 GLN A O   1 
ATOM   53  C CB  . GLN A 1 13  ? -8.282  -2.239  4.086   1.00 40.25  ? 266 GLN A CB  1 
ATOM   54  C CG  . GLN A 1 13  ? -6.807  -1.974  3.905   1.00 40.77  ? 266 GLN A CG  1 
ATOM   55  C CD  . GLN A 1 13  ? -6.557  -0.473  3.827   1.00 43.47  ? 266 GLN A CD  1 
ATOM   56  O OE1 . GLN A 1 13  ? -6.835  0.149   2.803   1.00 43.68  ? 266 GLN A OE1 1 
ATOM   57  N NE2 . GLN A 1 13  ? -6.052  0.119   4.919   1.00 37.30  ? 266 GLN A NE2 1 
ATOM   58  N N   . ASP A 1 14  ? -10.383 -4.240  5.384   1.00 49.87  ? 267 ASP A N   1 
ATOM   59  C CA  . ASP A 1 14  ? -11.714 -4.280  5.983   1.00 55.36  ? 267 ASP A CA  1 
ATOM   60  C C   . ASP A 1 14  ? -11.955 -2.911  6.599   1.00 53.04  ? 267 ASP A C   1 
ATOM   61  O O   . ASP A 1 14  ? -11.079 -2.045  6.588   1.00 56.61  ? 267 ASP A O   1 
ATOM   62  C CB  . ASP A 1 14  ? -11.894 -5.450  6.991   1.00 53.46  ? 267 ASP A CB  1 
ATOM   63  C CG  . ASP A 1 14  ? -11.137 -5.233  8.320   1.00 63.56  ? 267 ASP A CG  1 
ATOM   64  O OD1 . ASP A 1 14  ? -10.994 -4.062  8.752   1.00 57.17  ? 267 ASP A OD1 1 
ATOM   65  O OD2 . ASP A 1 14  ? -10.709 -6.239  8.961   1.00 70.80  ? 267 ASP A OD2 1 
ATOM   66  N N   . THR A 1 15  ? -13.136 -2.708  7.145   1.00 51.65  ? 268 THR A N   1 
ATOM   67  C CA  . THR A 1 15  ? -13.500 -1.374  7.518   1.00 54.69  ? 268 THR A CA  1 
ATOM   68  C C   . THR A 1 15  ? -12.931 -0.992  8.868   1.00 51.06  ? 268 THR A C   1 
ATOM   69  O O   . THR A 1 15  ? -13.344 -0.002  9.430   1.00 56.66  ? 268 THR A O   1 
ATOM   70  C CB  . THR A 1 15  ? -15.036 -1.170  7.498   1.00 60.24  ? 268 THR A CB  1 
ATOM   71  O OG1 . THR A 1 15  ? -15.631 -1.996  8.501   1.00 59.13  ? 268 THR A OG1 1 
ATOM   72  C CG2 . THR A 1 15  ? -15.645 -1.485  6.090   1.00 54.82  ? 268 THR A CG2 1 
ATOM   73  N N   . THR A 1 16  ? -11.984 -1.758  9.387   1.00 48.70  ? 269 THR A N   1 
ATOM   74  C CA  . THR A 1 16  ? -11.177 -1.289  10.550  1.00 46.92  ? 269 THR A CA  1 
ATOM   75  C C   . THR A 1 16  ? -9.791  -0.847  10.098  1.00 47.00  ? 269 THR A C   1 
ATOM   76  O O   . THR A 1 16  ? -9.038  -0.303  10.891  1.00 46.52  ? 269 THR A O   1 
ATOM   77  C CB  . THR A 1 16  ? -10.905 -2.405  11.563  1.00 46.43  ? 269 THR A CB  1 
ATOM   78  O OG1 . THR A 1 16  ? -9.997  -3.350  10.960  1.00 46.50  ? 269 THR A OG1 1 
ATOM   79  C CG2 . THR A 1 16  ? -12.199 -3.115  11.951  1.00 40.39  ? 269 THR A CG2 1 
ATOM   80  N N   . GLY A 1 17  ? -9.451  -1.106  8.829   1.00 46.09  ? 270 GLY A N   1 
ATOM   81  C CA  . GLY A 1 17  ? -8.139  -0.782  8.279   1.00 47.66  ? 270 GLY A CA  1 
ATOM   82  C C   . GLY A 1 17  ? -7.142  -1.922  8.019   1.00 53.68  ? 270 GLY A C   1 
ATOM   83  O O   . GLY A 1 17  ? -6.146  -1.708  7.303   1.00 50.14  ? 270 GLY A O   1 
ATOM   84  N N   . LYS A 1 18  ? -7.408  -3.114  8.589   1.00 48.61  ? 271 LYS A N   1 
ATOM   85  C CA  . LYS A 1 18  ? -6.561  -4.306  8.454   1.00 42.25  ? 271 LYS A CA  1 
ATOM   86  C C   . LYS A 1 18  ? -6.544  -4.699  6.952   1.00 43.89  ? 271 LYS A C   1 
ATOM   87  O O   . LYS A 1 18  ? -7.582  -4.736  6.277   1.00 44.38  ? 271 LYS A O   1 
ATOM   88  C CB  . LYS A 1 18  ? -7.112  -5.427  9.379   1.00 40.78  ? 271 LYS A CB  1 
ATOM   89  C CG  . LYS A 1 18  ? -6.440  -6.812  9.306   1.00 43.77  ? 271 LYS A CG  1 
ATOM   90  C CD  . LYS A 1 18  ? -7.200  -7.866  10.120  1.00 41.25  ? 271 LYS A CD  1 
ATOM   91  N N   . ILE A 1 19  ? -5.366  -4.942  6.404   1.00 41.70  ? 272 ILE A N   1 
ATOM   92  C CA  . ILE A 1 19  ? -5.307  -5.364  5.011   1.00 46.10  ? 272 ILE A CA  1 
ATOM   93  C C   . ILE A 1 19  ? -5.766  -6.802  4.954   1.00 49.40  ? 272 ILE A C   1 
ATOM   94  O O   . ILE A 1 19  ? -5.157  -7.629  5.612   1.00 53.86  ? 272 ILE A O   1 
ATOM   95  C CB  . ILE A 1 19  ? -3.866  -5.282  4.493   1.00 40.02  ? 272 ILE A CB  1 
ATOM   96  C CG1 . ILE A 1 19  ? -3.413  -3.827  4.556   1.00 37.29  ? 272 ILE A CG1 1 
ATOM   97  C CG2 . ILE A 1 19  ? -3.744  -5.865  3.087   1.00 33.20  ? 272 ILE A CG2 1 
ATOM   98  C CD1 . ILE A 1 19  ? -2.138  -3.582  3.786   1.00 33.89  ? 272 ILE A CD1 1 
ATOM   99  N N   . ILE A 1 20  ? -6.813  -7.126  4.194   1.00 54.69  ? 273 ILE A N   1 
ATOM   100 C CA  . ILE A 1 20  ? -7.278  -8.524  4.222   1.00 51.39  ? 273 ILE A CA  1 
ATOM   101 C C   . ILE A 1 20  ? -6.781  -9.346  3.028   1.00 52.84  ? 273 ILE A C   1 
ATOM   102 O O   . ILE A 1 20  ? -6.799  -10.579 3.081   1.00 52.30  ? 273 ILE A O   1 
ATOM   103 C CB  . ILE A 1 20  ? -8.781  -8.696  4.502   1.00 50.04  ? 273 ILE A CB  1 
ATOM   104 C CG1 . ILE A 1 20  ? -9.599  -7.920  3.482   1.00 58.09  ? 273 ILE A CG1 1 
ATOM   105 C CG2 . ILE A 1 20  ? -9.122  -8.285  5.929   1.00 47.57  ? 273 ILE A CG2 1 
ATOM   106 C CD1 . ILE A 1 20  ? -11.037 -8.416  3.348   1.00 69.25  ? 273 ILE A CD1 1 
ATOM   107 N N   . SER A 1 21  ? -6.299  -8.681  1.977   1.00 52.92  ? 274 SER A N   1 
ATOM   108 C CA  . SER A 1 21  ? -5.546  -9.385  0.923   1.00 51.32  ? 274 SER A CA  1 
ATOM   109 C C   . SER A 1 21  ? -4.731  -8.417  0.104   1.00 48.54  ? 274 SER A C   1 
ATOM   110 O O   . SER A 1 21  ? -5.034  -7.232  0.085   1.00 47.99  ? 274 SER A O   1 
ATOM   111 C CB  . SER A 1 21  ? -6.504  -10.034 -0.039  1.00 56.79  ? 274 SER A CB  1 
ATOM   112 O OG  . SER A 1 21  ? -6.965  -9.061  -0.963  1.00 62.68  ? 274 SER A OG  1 
ATOM   113 N N   . ILE A 1 22  ? -3.756  -8.944  -0.630  1.00 44.72  ? 275 ILE A N   1 
ATOM   114 C CA  . ILE A 1 22  ? -2.950  -8.193  -1.587  1.00 40.72  ? 275 ILE A CA  1 
ATOM   115 C C   . ILE A 1 22  ? -2.941  -8.924  -2.916  1.00 44.32  ? 275 ILE A C   1 
ATOM   116 O O   . ILE A 1 22  ? -2.802  -10.137 -2.931  1.00 51.26  ? 275 ILE A O   1 
ATOM   117 C CB  . ILE A 1 22  ? -1.485  -8.098  -1.133  1.00 38.49  ? 275 ILE A CB  1 
ATOM   118 C CG1 . ILE A 1 22  ? -1.423  -7.483  0.253   1.00 44.07  ? 275 ILE A CG1 1 
ATOM   119 C CG2 . ILE A 1 22  ? -0.636  -7.239  -2.100  1.00 31.45  ? 275 ILE A CG2 1 
ATOM   120 C CD1 . ILE A 1 22  ? 0.015   -7.318  0.735   1.00 43.67  ? 275 ILE A CD1 1 
ATOM   121 N N   . ASP A 1 23  ? -3.067  -8.200  -4.031  1.00 49.25  ? 276 ASP A N   1 
ATOM   122 C CA  . ASP A 1 23  ? -2.948  -8.808  -5.367  1.00 47.62  ? 276 ASP A CA  1 
ATOM   123 C C   . ASP A 1 23  ? -1.719  -8.240  -6.046  1.00 47.40  ? 276 ASP A C   1 
ATOM   124 O O   . ASP A 1 23  ? -1.656  -7.049  -6.405  1.00 50.65  ? 276 ASP A O   1 
ATOM   125 C CB  . ASP A 1 23  ? -4.226  -8.664  -6.227  1.00 53.10  ? 276 ASP A CB  1 
ATOM   126 C CG  . ASP A 1 23  ? -4.001  -9.040  -7.699  1.00 59.52  ? 276 ASP A CG  1 
ATOM   127 O OD1 . ASP A 1 23  ? -3.142  -9.893  -7.968  1.00 62.10  ? 276 ASP A OD1 1 
ATOM   128 O OD2 . ASP A 1 23  ? -4.662  -8.485  -8.608  1.00 61.36  ? 276 ASP A OD2 1 
ATOM   129 N N   . THR A 1 24  ? -0.751  -9.144  -6.200  1.00 42.39  ? 277 THR A N   1 
ATOM   130 C CA  . THR A 1 24  ? 0.572   -8.926  -6.745  1.00 39.36  ? 277 THR A CA  1 
ATOM   131 C C   . THR A 1 24  ? 0.658   -9.392  -8.225  1.00 45.42  ? 277 THR A C   1 
ATOM   132 O O   . THR A 1 24  ? 1.767   -9.527  -8.811  1.00 45.31  ? 277 THR A O   1 
ATOM   133 C CB  . THR A 1 24  ? 1.598   -9.718  -5.867  1.00 43.01  ? 277 THR A CB  1 
ATOM   134 O OG1 . THR A 1 24  ? 1.440   -11.116 -6.091  1.00 46.77  ? 277 THR A OG1 1 
ATOM   135 C CG2 . THR A 1 24  ? 1.365   -9.520  -4.364  1.00 37.65  ? 277 THR A CG2 1 
ATOM   136 N N   . SER A 1 25  ? -0.513  -9.636  -8.833  1.00 50.97  ? 278 SER A N   1 
ATOM   137 C CA  . SER A 1 25  ? -0.614  -10.208 -10.190 1.00 52.55  ? 278 SER A CA  1 
ATOM   138 C C   . SER A 1 25  ? 0.202   -9.408  -11.164 1.00 55.50  ? 278 SER A C   1 
ATOM   139 O O   . SER A 1 25  ? 1.081   -9.967  -11.857 1.00 61.51  ? 278 SER A O   1 
ATOM   140 C CB  . SER A 1 25  ? -2.067  -10.263 -10.673 1.00 57.39  ? 278 SER A CB  1 
ATOM   141 O OG  . SER A 1 25  ? -2.657  -8.966  -10.674 1.00 71.82  ? 278 SER A OG  1 
ATOM   142 N N   . SER A 1 26  ? -0.051  -8.095  -11.202 1.00 56.58  ? 279 SER A N   1 
ATOM   143 C CA  . SER A 1 26  ? 0.499   -7.279  -12.287 1.00 51.63  ? 279 SER A CA  1 
ATOM   144 C C   . SER A 1 26  ? 1.982   -7.059  -12.032 1.00 48.31  ? 279 SER A C   1 
ATOM   145 O O   . SER A 1 26  ? 2.786   -7.031  -12.968 1.00 48.44  ? 279 SER A O   1 
ATOM   146 C CB  . SER A 1 26  ? -0.285  -5.987  -12.453 1.00 46.69  ? 279 SER A CB  1 
ATOM   147 O OG  . SER A 1 26  ? 0.190   -5.060  -11.523 1.00 61.07  ? 279 SER A OG  1 
ATOM   148 N N   . LEU A 1 27  ? 2.350   -6.970  -10.758 1.00 45.45  ? 280 LEU A N   1 
ATOM   149 C CA  . LEU A 1 27  ? 3.774   -6.975  -10.380 1.00 51.66  ? 280 LEU A CA  1 
ATOM   150 C C   . LEU A 1 27  ? 4.493   -8.288  -10.777 1.00 52.11  ? 280 LEU A C   1 
ATOM   151 O O   . LEU A 1 27  ? 5.638   -8.290  -11.261 1.00 48.64  ? 280 LEU A O   1 
ATOM   152 C CB  . LEU A 1 27  ? 3.927   -6.800  -8.874  1.00 49.38  ? 280 LEU A CB  1 
ATOM   153 C CG  . LEU A 1 27  ? 4.025   -5.404  -8.300  1.00 45.69  ? 280 LEU A CG  1 
ATOM   154 C CD1 . LEU A 1 27  ? 4.162   -5.580  -6.810  1.00 42.56  ? 280 LEU A CD1 1 
ATOM   155 C CD2 . LEU A 1 27  ? 5.252   -4.734  -8.853  1.00 45.37  ? 280 LEU A CD2 1 
ATOM   156 N N   . ARG A 1 28  ? 3.831   -9.411  -10.544 1.00 49.88  ? 281 ARG A N   1 
ATOM   157 C CA  . ARG A 1 28  ? 4.408   -10.667 -10.966 1.00 50.46  ? 281 ARG A CA  1 
ATOM   158 C C   . ARG A 1 28  ? 4.509   -10.804 -12.487 1.00 53.17  ? 281 ARG A C   1 
ATOM   159 O O   . ARG A 1 28  ? 5.435   -11.439 -12.985 1.00 52.85  ? 281 ARG A O   1 
ATOM   160 C CB  . ARG A 1 28  ? 3.653   -11.813 -10.349 1.00 47.48  ? 281 ARG A CB  1 
ATOM   161 C CG  . ARG A 1 28  ? 4.460   -12.439 -9.255  1.00 46.23  ? 281 ARG A CG  1 
ATOM   162 C CD  . ARG A 1 28  ? 3.653   -12.663 -8.010  1.00 46.61  ? 281 ARG A CD  1 
ATOM   163 N NE  . ARG A 1 28  ? 2.226   -13.037 -8.117  1.00 54.13  ? 281 ARG A NE  1 
ATOM   164 C CZ  . ARG A 1 28  ? 1.642   -13.858 -8.997  1.00 61.23  ? 281 ARG A CZ  1 
ATOM   165 N NH1 . ARG A 1 28  ? 2.334   -14.473 -9.964  1.00 66.99  ? 281 ARG A NH1 1 
ATOM   166 N NH2 . ARG A 1 28  ? 0.329   -14.058 -8.895  1.00 57.46  ? 281 ARG A NH2 1 
ATOM   167 N N   . ALA A 1 29  ? 3.562   -10.200 -13.217 1.00 53.04  ? 282 ALA A N   1 
ATOM   168 C CA  . ALA A 1 29  ? 3.621   -10.186 -14.681 1.00 49.92  ? 282 ALA A CA  1 
ATOM   169 C C   . ALA A 1 29  ? 4.647   -9.222  -15.229 1.00 52.21  ? 282 ALA A C   1 
ATOM   170 O O   . ALA A 1 29  ? 4.901   -9.229  -16.431 1.00 54.31  ? 282 ALA A O   1 
ATOM   171 C CB  . ALA A 1 29  ? 2.248   -9.898  -15.292 1.00 47.89  ? 282 ALA A CB  1 
ATOM   172 N N   . ALA A 1 30  ? 5.267   -8.418  -14.366 1.00 53.05  ? 283 ALA A N   1 
ATOM   173 C CA  . ALA A 1 30  ? 6.136   -7.333  -14.844 1.00 50.35  ? 283 ALA A CA  1 
ATOM   174 C C   . ALA A 1 30  ? 7.607   -7.676  -15.128 1.00 56.22  ? 283 ALA A C   1 
ATOM   175 O O   . ALA A 1 30  ? 8.383   -6.790  -15.514 1.00 59.70  ? 283 ALA A O   1 
ATOM   176 C CB  . ALA A 1 30  ? 6.022   -6.118  -13.931 1.00 51.46  ? 283 ALA A CB  1 
ATOM   177 N N   . GLY A 1 31  ? 8.009   -8.936  -14.954 1.00 59.71  ? 284 GLY A N   1 
ATOM   178 C CA  . GLY A 1 31  ? 9.400   -9.356  -15.292 1.00 58.33  ? 284 GLY A CA  1 
ATOM   179 C C   . GLY A 1 31  ? 10.639  -8.852  -14.505 1.00 63.04  ? 284 GLY A C   1 
ATOM   180 O O   . GLY A 1 31  ? 11.800  -9.163  -14.888 1.00 55.12  ? 284 GLY A O   1 
ATOM   181 N N   . ARG A 1 32  ? 10.445  -8.075  -13.427 1.00 59.08  ? 285 ARG A N   1 
ATOM   182 C CA  . ARG A 1 32  ? 11.605  -7.691  -12.571 1.00 59.98  ? 285 ARG A CA  1 
ATOM   183 C C   . ARG A 1 32  ? 11.623  -8.498  -11.291 1.00 54.32  ? 285 ARG A C   1 
ATOM   184 O O   . ARG A 1 32  ? 10.578  -8.762  -10.686 1.00 54.53  ? 285 ARG A O   1 
ATOM   185 C CB  . ARG A 1 32  ? 11.609  -6.210  -12.167 1.00 60.98  ? 285 ARG A CB  1 
ATOM   186 C CG  . ARG A 1 32  ? 11.516  -5.195  -13.287 1.00 66.42  ? 285 ARG A CG  1 
ATOM   187 C CD  . ARG A 1 32  ? 10.887  -3.926  -12.734 1.00 69.18  ? 285 ARG A CD  1 
ATOM   188 N NE  . ARG A 1 32  ? 10.884  -2.836  -13.710 1.00 76.52  ? 285 ARG A NE  1 
ATOM   189 C CZ  . ARG A 1 32  ? 11.956  -2.109  -14.021 1.00 81.58  ? 285 ARG A CZ  1 
ATOM   190 N NH1 . ARG A 1 32  ? 13.125  -2.370  -13.429 1.00 74.33  ? 285 ARG A NH1 1 
ATOM   191 N NH2 . ARG A 1 32  ? 11.859  -1.125  -14.917 1.00 79.49  ? 285 ARG A NH2 1 
ATOM   192 N N   . THR A 1 33  ? 12.818  -8.852  -10.868 1.00 46.74  ? 286 THR A N   1 
ATOM   193 C CA  . THR A 1 33  ? 12.991  -9.475  -9.582  1.00 48.43  ? 286 THR A CA  1 
ATOM   194 C C   . THR A 1 33  ? 12.800  -8.379  -8.539  1.00 47.83  ? 286 THR A C   1 
ATOM   195 O O   . THR A 1 33  ? 12.726  -7.207  -8.873  1.00 53.57  ? 286 THR A O   1 
ATOM   196 C CB  . THR A 1 33  ? 14.389  -10.055 -9.500  1.00 45.19  ? 286 THR A CB  1 
ATOM   197 O OG1 . THR A 1 33  ? 15.303  -8.994  -9.724  1.00 51.66  ? 286 THR A OG1 1 
ATOM   198 C CG2 . THR A 1 33  ? 14.608  -11.024 -10.652 1.00 49.82  ? 286 THR A CG2 1 
ATOM   199 N N   . GLY A 1 34  ? 12.677  -8.755  -7.283  1.00 46.79  ? 287 GLY A N   1 
ATOM   200 C CA  . GLY A 1 34  ? 12.704  -7.786  -6.209  1.00 45.97  ? 287 GLY A CA  1 
ATOM   201 C C   . GLY A 1 34  ? 11.331  -7.413  -5.712  1.00 44.77  ? 287 GLY A C   1 
ATOM   202 O O   . GLY A 1 34  ? 11.191  -6.747  -4.680  1.00 46.52  ? 287 GLY A O   1 
ATOM   203 N N   . TRP A 1 35  ? 10.326  -7.872  -6.432  1.00 41.01  ? 288 TRP A N   1 
ATOM   204 C CA  . TRP A 1 35  ? 8.979   -7.417  -6.233  1.00 40.40  ? 288 TRP A CA  1 
ATOM   205 C C   . TRP A 1 35  ? 8.420   -7.691  -4.859  1.00 44.66  ? 288 TRP A C   1 
ATOM   206 O O   . TRP A 1 35  ? 7.490   -7.012  -4.437  1.00 51.42  ? 288 TRP A O   1 
ATOM   207 C CB  . TRP A 1 35  ? 8.064   -7.945  -7.349  1.00 39.03  ? 288 TRP A CB  1 
ATOM   208 C CG  . TRP A 1 35  ? 7.745   -9.394  -7.175  1.00 42.71  ? 288 TRP A CG  1 
ATOM   209 C CD1 . TRP A 1 35  ? 8.259   -10.460 -7.880  1.00 43.37  ? 288 TRP A CD1 1 
ATOM   210 C CD2 . TRP A 1 35  ? 6.841   -10.009 -6.181  1.00 45.51  ? 288 TRP A CD2 1 
ATOM   211 N NE1 . TRP A 1 35  ? 7.749   -11.660 -7.408  1.00 44.48  ? 288 TRP A NE1 1 
ATOM   212 C CE2 . TRP A 1 35  ? 6.910   -11.463 -6.402  1.00 43.43  ? 288 TRP A CE2 1 
ATOM   213 C CE3 . TRP A 1 35  ? 6.025   -9.527  -5.166  1.00 46.09  ? 288 TRP A CE3 1 
ATOM   214 C CZ2 . TRP A 1 35  ? 6.175   -12.364 -5.635  1.00 51.89  ? 288 TRP A CZ2 1 
ATOM   215 C CZ3 . TRP A 1 35  ? 5.289   -10.456 -4.382  1.00 53.05  ? 288 TRP A CZ3 1 
ATOM   216 C CH2 . TRP A 1 35  ? 5.355   -11.836 -4.620  1.00 48.51  ? 288 TRP A CH2 1 
ATOM   217 N N   . GLU A 1 36  ? 8.941   -8.662  -4.125  1.00 42.25  ? 289 GLU A N   1 
ATOM   218 C CA  . GLU A 1 36  ? 8.419   -8.901  -2.749  1.00 43.87  ? 289 GLU A CA  1 
ATOM   219 C C   . GLU A 1 36  ? 8.908   -7.814  -1.786  1.00 43.17  ? 289 GLU A C   1 
ATOM   220 O O   . GLU A 1 36  ? 8.173   -7.343  -0.917  1.00 46.18  ? 289 GLU A O   1 
ATOM   221 C CB  . GLU A 1 36  ? 8.847   -10.290 -2.229  1.00 50.82  ? 289 GLU A CB  1 
ATOM   222 C CG  . GLU A 1 36  ? 8.107   -10.778 -0.987  1.00 64.88  ? 289 GLU A CG  1 
ATOM   223 C CD  . GLU A 1 36  ? 8.849   -11.867 -0.193  1.00 75.57  ? 289 GLU A CD  1 
ATOM   224 O OE1 . GLU A 1 36  ? 9.693   -12.567 -0.790  1.00 89.62  ? 289 GLU A OE1 1 
ATOM   225 O OE2 . GLU A 1 36  ? 8.581   -12.032 1.030   1.00 66.63  ? 289 GLU A OE2 1 
ATOM   226 N N   . ASP A 1 37  ? 10.184  -7.471  -1.918  1.00 42.39  ? 290 ASP A N   1 
ATOM   227 C CA  . ASP A 1 37  ? 10.825  -6.423  -1.145  1.00 42.93  ? 290 ASP A CA  1 
ATOM   228 C C   . ASP A 1 37  ? 10.053  -5.132  -1.466  1.00 45.26  ? 290 ASP A C   1 
ATOM   229 O O   . ASP A 1 37  ? 9.568   -4.421  -0.550  1.00 48.16  ? 290 ASP A O   1 
ATOM   230 C CB  . ASP A 1 37  ? 12.313  -6.303  -1.541  1.00 40.34  ? 290 ASP A CB  1 
ATOM   231 C CG  . ASP A 1 37  ? 13.047  -5.208  -0.772  1.00 46.25  ? 290 ASP A CG  1 
ATOM   232 O OD1 . ASP A 1 37  ? 12.714  -4.985  0.436   1.00 43.73  ? 290 ASP A OD1 1 
ATOM   233 O OD2 . ASP A 1 37  ? 13.954  -4.571  -1.385  1.00 42.36  ? 290 ASP A OD2 1 
ATOM   234 N N   . LEU A 1 38  ? 9.902   -4.862  -2.763  1.00 38.48  ? 291 LEU A N   1 
ATOM   235 C CA  . LEU A 1 38  ? 9.134   -3.693  -3.233  1.00 41.64  ? 291 LEU A CA  1 
ATOM   236 C C   . LEU A 1 38  ? 7.748   -3.485  -2.532  1.00 40.61  ? 291 LEU A C   1 
ATOM   237 O O   . LEU A 1 38  ? 7.529   -2.473  -1.878  1.00 50.66  ? 291 LEU A O   1 
ATOM   238 C CB  . LEU A 1 38  ? 9.085   -3.699  -4.754  1.00 37.50  ? 291 LEU A CB  1 
ATOM   239 C CG  . LEU A 1 38  ? 8.424   -2.542  -5.437  1.00 36.58  ? 291 LEU A CG  1 
ATOM   240 C CD1 . LEU A 1 38  ? 8.631   -2.643  -6.931  1.00 30.09  ? 291 LEU A CD1 1 
ATOM   241 C CD2 . LEU A 1 38  ? 6.948   -2.699  -5.108  1.00 37.05  ? 291 LEU A CD2 1 
ATOM   242 N N   . VAL A 1 39  ? 6.856   -4.461  -2.582  1.00 40.29  ? 292 VAL A N   1 
ATOM   243 C CA  . VAL A 1 39  ? 5.575   -4.398  -1.854  1.00 36.76  ? 292 VAL A CA  1 
ATOM   244 C C   . VAL A 1 39  ? 5.752   -4.153  -0.376  1.00 41.93  ? 292 VAL A C   1 
ATOM   245 O O   . VAL A 1 39  ? 5.061   -3.319  0.212   1.00 38.13  ? 292 VAL A O   1 
ATOM   246 C CB  . VAL A 1 39  ? 4.785   -5.723  -2.006  1.00 37.15  ? 292 VAL A CB  1 
ATOM   247 C CG1 . VAL A 1 39  ? 3.624   -5.809  -1.025  1.00 33.99  ? 292 VAL A CG1 1 
ATOM   248 C CG2 . VAL A 1 39  ? 4.268   -5.849  -3.412  1.00 32.04  ? 292 VAL A CG2 1 
ATOM   249 N N   . ARG A 1 40  ? 6.653   -4.930  0.232   1.00 46.54  ? 293 ARG A N   1 
ATOM   250 C CA  . ARG A 1 40  ? 6.933   -4.792  1.660   1.00 47.82  ? 293 ARG A CA  1 
ATOM   251 C C   . ARG A 1 40  ? 7.361   -3.384  1.964   1.00 45.28  ? 293 ARG A C   1 
ATOM   252 O O   . ARG A 1 40  ? 6.831   -2.763  2.873   1.00 49.40  ? 293 ARG A O   1 
ATOM   253 C CB  . ARG A 1 40  ? 8.016   -5.759  2.113   1.00 50.32  ? 293 ARG A CB  1 
ATOM   254 C CG  . ARG A 1 40  ? 7.474   -7.146  2.421   1.00 54.04  ? 293 ARG A CG  1 
ATOM   255 C CD  . ARG A 1 40  ? 8.563   -8.024  3.041   1.00 56.79  ? 293 ARG A CD  1 
ATOM   256 N NE  . ARG A 1 40  ? 8.161   -9.422  3.023   1.00 57.97  ? 293 ARG A NE  1 
ATOM   257 C CZ  . ARG A 1 40  ? 7.393   -9.987  3.948   1.00 62.69  ? 293 ARG A CZ  1 
ATOM   258 N NH1 . ARG A 1 40  ? 6.968   -9.283  4.993   1.00 64.58  ? 293 ARG A NH1 1 
ATOM   259 N NH2 . ARG A 1 40  ? 7.050   -11.263 3.833   1.00 67.59  ? 293 ARG A NH2 1 
ATOM   260 N N   . LYS A 1 41  ? 8.311   -2.868  1.204   1.00 43.84  ? 294 LYS A N   1 
ATOM   261 C CA  . LYS A 1 41  ? 8.778   -1.489  1.427   1.00 42.10  ? 294 LYS A CA  1 
ATOM   262 C C   . LYS A 1 41  ? 7.719   -0.392  1.177   1.00 44.51  ? 294 LYS A C   1 
ATOM   263 O O   . LYS A 1 41  ? 7.631   0.578   1.942   1.00 42.85  ? 294 LYS A O   1 
ATOM   264 C CB  . LYS A 1 41  ? 9.994   -1.202  0.565   1.00 38.95  ? 294 LYS A CB  1 
ATOM   265 C CG  . LYS A 1 41  ? 11.170  -2.038  0.942   1.00 41.20  ? 294 LYS A CG  1 
ATOM   266 C CD  . LYS A 1 41  ? 11.795  -1.526  2.225   1.00 40.49  ? 294 LYS A CD  1 
ATOM   267 C CE  . LYS A 1 41  ? 12.922  -2.431  2.691   1.00 40.53  ? 294 LYS A CE  1 
ATOM   268 N NZ  . LYS A 1 41  ? 13.902  -2.770  1.601   1.00 45.58  ? 294 LYS A NZ  1 
ATOM   269 N N   . CYS A 1 42  ? 6.948   -0.547  0.098   1.00 41.25  ? 295 CYS A N   1 
ATOM   270 C CA  . CYS A 1 42  ? 5.987   0.459   -0.313  1.00 38.58  ? 295 CYS A CA  1 
ATOM   271 C C   . CYS A 1 42  ? 4.912   0.572   0.735   1.00 36.93  ? 295 CYS A C   1 
ATOM   272 O O   . CYS A 1 42  ? 4.543   1.662   1.185   1.00 37.76  ? 295 CYS A O   1 
ATOM   273 C CB  . CYS A 1 42  ? 5.371   0.007   -1.594  1.00 41.18  ? 295 CYS A CB  1 
ATOM   274 S SG  . CYS A 1 42  ? 4.289   1.216   -2.347  1.00 43.73  ? 295 CYS A SG  1 
ATOM   275 N N   . ILE A 1 43  ? 4.419   -0.565  1.165   1.00 33.71  ? 296 ILE A N   1 
ATOM   276 C CA  . ILE A 1 43  ? 3.465   -0.561  2.259   1.00 37.61  ? 296 ILE A CA  1 
ATOM   277 C C   . ILE A 1 43  ? 4.000   0.121   3.533   1.00 41.18  ? 296 ILE A C   1 
ATOM   278 O O   . ILE A 1 43  ? 3.348   0.995   4.091   1.00 44.76  ? 296 ILE A O   1 
ATOM   279 C CB  . ILE A 1 43  ? 2.949   -1.979  2.527   1.00 35.85  ? 296 ILE A CB  1 
ATOM   280 C CG1 . ILE A 1 43  ? 2.119   -2.410  1.333   1.00 37.84  ? 296 ILE A CG1 1 
ATOM   281 C CG2 . ILE A 1 43  ? 2.120   -2.068  3.819   1.00 33.73  ? 296 ILE A CG2 1 
ATOM   282 C CD1 . ILE A 1 43  ? 1.554   -3.790  1.523   1.00 40.44  ? 296 ILE A CD1 1 
ATOM   283 N N   . TYR A 1 44  ? 5.192   -0.244  3.980   1.00 39.84  ? 297 TYR A N   1 
ATOM   284 C CA  . TYR A 1 44  ? 5.676   0.298   5.229   1.00 37.48  ? 297 TYR A CA  1 
ATOM   285 C C   . TYR A 1 44  ? 5.775   1.837   5.071   1.00 36.40  ? 297 TYR A C   1 
ATOM   286 O O   . TYR A 1 44  ? 5.486   2.600   6.002   1.00 39.36  ? 297 TYR A O   1 
ATOM   287 C CB  . TYR A 1 44  ? 7.017   -0.361  5.629   1.00 32.77  ? 297 TYR A CB  1 
ATOM   288 N N   . ALA A 1 45  ? 6.193   2.290   3.903   1.00 31.46  ? 298 ALA A N   1 
ATOM   289 C CA  . ALA A 1 45  ? 6.296   3.740   3.645   1.00 36.02  ? 298 ALA A CA  1 
ATOM   290 C C   . ALA A 1 45  ? 4.891   4.323   3.761   1.00 39.08  ? 298 ALA A C   1 
ATOM   291 O O   . ALA A 1 45  ? 4.651   5.235   4.529   1.00 44.23  ? 298 ALA A O   1 
ATOM   292 C CB  . ALA A 1 45  ? 6.865   4.030   2.269   1.00 28.58  ? 298 ALA A CB  1 
ATOM   293 N N   . PHE A 1 46  ? 3.957   3.726   3.042   1.00 35.06  ? 299 PHE A N   1 
ATOM   294 C CA  . PHE A 1 46  ? 2.587   4.130   3.130   1.00 34.15  ? 299 PHE A CA  1 
ATOM   295 C C   . PHE A 1 46  ? 2.092   4.282   4.577   1.00 34.13  ? 299 PHE A C   1 
ATOM   296 O O   . PHE A 1 46  ? 1.280   5.159   4.873   1.00 37.67  ? 299 PHE A O   1 
ATOM   297 C CB  . PHE A 1 46  ? 1.743   3.167   2.308   1.00 33.98  ? 299 PHE A CB  1 
ATOM   298 C CG  . PHE A 1 46  ? 0.306   3.548   2.200   1.00 32.08  ? 299 PHE A CG  1 
ATOM   299 C CD1 . PHE A 1 46  ? -0.066  4.819   1.755   1.00 32.54  ? 299 PHE A CD1 1 
ATOM   300 C CD2 . PHE A 1 46  ? -0.708  2.605   2.516   1.00 34.51  ? 299 PHE A CD2 1 
ATOM   301 C CE1 . PHE A 1 46  ? -1.423  5.165   1.628   1.00 31.76  ? 299 PHE A CE1 1 
ATOM   302 C CE2 . PHE A 1 46  ? -2.065  2.944   2.390   1.00 34.71  ? 299 PHE A CE2 1 
ATOM   303 C CZ  . PHE A 1 46  ? -2.414  4.237   1.941   1.00 33.33  ? 299 PHE A CZ  1 
ATOM   304 N N   . PHE A 1 47  ? 2.604   3.491   5.498   1.00 34.43  ? 300 PHE A N   1 
ATOM   305 C CA  . PHE A 1 47  ? 2.132   3.562   6.868   1.00 33.55  ? 300 PHE A CA  1 
ATOM   306 C C   . PHE A 1 47  ? 3.061   4.360   7.757   1.00 37.64  ? 300 PHE A C   1 
ATOM   307 O O   . PHE A 1 47  ? 2.814   4.466   8.965   1.00 41.89  ? 300 PHE A O   1 
ATOM   308 C CB  . PHE A 1 47  ? 2.009   2.161   7.425   1.00 34.57  ? 300 PHE A CB  1 
ATOM   309 C CG  . PHE A 1 47  ? 0.719   1.477   7.048   1.00 34.24  ? 300 PHE A CG  1 
ATOM   310 C CD1 . PHE A 1 47  ? 0.568   0.837   5.804   1.00 37.83  ? 300 PHE A CD1 1 
ATOM   311 C CD2 . PHE A 1 47  ? -0.347  1.473   7.914   1.00 32.72  ? 300 PHE A CD2 1 
ATOM   312 C CE1 . PHE A 1 47  ? -0.646  0.214   5.449   1.00 33.72  ? 300 PHE A CE1 1 
ATOM   313 C CE2 . PHE A 1 47  ? -1.559  0.855   7.556   1.00 32.16  ? 300 PHE A CE2 1 
ATOM   314 C CZ  . PHE A 1 47  ? -1.715  0.253   6.332   1.00 29.16  ? 300 PHE A CZ  1 
ATOM   315 N N   . GLN A 1 48  ? 4.131   4.908   7.187   1.00 37.19  ? 301 GLN A N   1 
ATOM   316 C CA  . GLN A 1 48  ? 5.099   5.718   7.958   1.00 45.32  ? 301 GLN A CA  1 
ATOM   317 C C   . GLN A 1 48  ? 4.497   7.068   8.271   1.00 44.88  ? 301 GLN A C   1 
ATOM   318 O O   . GLN A 1 48  ? 4.001   7.738   7.352   1.00 43.27  ? 301 GLN A O   1 
ATOM   319 C CB  . GLN A 1 48  ? 6.365   5.997   7.119   1.00 53.73  ? 301 GLN A CB  1 
ATOM   320 C CG  . GLN A 1 48  ? 7.620   5.214   7.482   1.00 68.36  ? 301 GLN A CG  1 
ATOM   321 C CD  . GLN A 1 48  ? 7.971   5.287   8.959   1.00 71.08  ? 301 GLN A CD  1 
ATOM   322 O OE1 . GLN A 1 48  ? 7.239   4.766   9.792   1.00 80.65  ? 301 GLN A OE1 1 
ATOM   323 N NE2 . GLN A 1 48  ? 9.095   5.907   9.284   1.00 67.21  ? 301 GLN A NE2 1 
ATOM   324 N N   . PRO A 1 49  ? 4.583   7.521   9.534   1.00 42.25  ? 302 PRO A N   1 
ATOM   325 C CA  . PRO A 1 49  ? 4.140   8.918   9.782   1.00 45.08  ? 302 PRO A CA  1 
ATOM   326 C C   . PRO A 1 49  ? 4.853   9.899   8.862   1.00 46.15  ? 302 PRO A C   1 
ATOM   327 O O   . PRO A 1 49  ? 5.954   9.594   8.381   1.00 47.49  ? 302 PRO A O   1 
ATOM   328 C CB  . PRO A 1 49  ? 4.539   9.173   11.248  1.00 41.92  ? 302 PRO A CB  1 
ATOM   329 C CG  . PRO A 1 49  ? 4.702   7.792   11.831  1.00 40.53  ? 302 PRO A CG  1 
ATOM   330 C CD  . PRO A 1 49  ? 5.250   6.949   10.711  1.00 40.00  ? 302 PRO A CD  1 
ATOM   331 N N   . GLN A 1 50  ? 4.231   11.060  8.633   1.00 55.18  ? 303 GLN A N   1 
ATOM   332 C CA  . GLN A 1 50  ? 4.752   12.112  7.732   1.00 57.08  ? 303 GLN A CA  1 
ATOM   333 C C   . GLN A 1 50  ? 5.159   13.428  8.435   1.00 63.36  ? 303 GLN A C   1 
ATOM   334 O O   . GLN A 1 50  ? 4.290   14.273  8.778   1.00 63.29  ? 303 GLN A O   1 
ATOM   335 C CB  . GLN A 1 50  ? 3.741   12.371  6.619   1.00 65.18  ? 303 GLN A CB  1 
ATOM   336 C CG  . GLN A 1 50  ? 3.825   11.352  5.480   1.00 70.06  ? 303 GLN A CG  1 
ATOM   337 C CD  . GLN A 1 50  ? 5.026   11.532  4.537   1.00 74.36  ? 303 GLN A CD  1 
ATOM   338 O OE1 . GLN A 1 50  ? 5.881   12.422  4.700   1.00 86.19  ? 303 GLN A OE1 1 
ATOM   339 N NE2 . GLN A 1 50  ? 5.087   10.675  3.531   1.00 77.62  ? 303 GLN A NE2 1 
ATOM   340 N N   . GLY A 1 51  ? 6.484   13.607  8.597   1.00 64.52  ? 304 GLY A N   1 
ATOM   341 C CA  . GLY A 1 51  ? 7.050   14.489  9.621   1.00 57.20  ? 304 GLY A CA  1 
ATOM   342 C C   . GLY A 1 51  ? 6.169   14.362  10.867  1.00 64.79  ? 304 GLY A C   1 
ATOM   343 O O   . GLY A 1 51  ? 6.145   13.332  11.578  1.00 59.59  ? 304 GLY A O   1 
ATOM   344 N N   . ARG A 1 52  ? 5.385   15.411  11.079  1.00 64.85  ? 305 ARG A N   1 
ATOM   345 C CA  . ARG A 1 52  ? 4.550   15.529  12.247  1.00 65.84  ? 305 ARG A CA  1 
ATOM   346 C C   . ARG A 1 52  ? 3.108   15.256  11.833  1.00 65.12  ? 305 ARG A C   1 
ATOM   347 O O   . ARG A 1 52  ? 2.246   15.128  12.689  1.00 62.32  ? 305 ARG A O   1 
ATOM   348 C CB  . ARG A 1 52  ? 4.700   16.930  12.896  1.00 61.15  ? 305 ARG A CB  1 
ATOM   349 N N   . GLU A 1 53  ? 2.822   15.167  10.535  1.00 62.96  ? 306 GLU A N   1 
ATOM   350 C CA  . GLU A 1 53  ? 1.425   14.856  10.118  1.00 63.68  ? 306 GLU A CA  1 
ATOM   351 C C   . GLU A 1 53  ? 1.192   13.308  10.120  1.00 54.83  ? 306 GLU A C   1 
ATOM   352 O O   . GLU A 1 53  ? 2.153   12.521  10.030  1.00 45.01  ? 306 GLU A O   1 
ATOM   353 C CB  . GLU A 1 53  ? 0.998   15.595  8.798   1.00 65.72  ? 306 GLU A CB  1 
ATOM   354 N N   . PRO A 1 54  ? -0.072  12.862  10.281  1.00 51.11  ? 307 PRO A N   1 
ATOM   355 C CA  . PRO A 1 54  ? -0.193  11.399  10.288  1.00 43.33  ? 307 PRO A CA  1 
ATOM   356 C C   . PRO A 1 54  ? 0.212   10.770  8.935   1.00 42.51  ? 307 PRO A C   1 
ATOM   357 O O   . PRO A 1 54  ? 0.308   11.478  7.920   1.00 38.66  ? 307 PRO A O   1 
ATOM   358 C CB  . PRO A 1 54  ? -1.677  11.145  10.611  1.00 49.44  ? 307 PRO A CB  1 
ATOM   359 C CG  . PRO A 1 54  ? -2.374  12.489  10.658  1.00 52.54  ? 307 PRO A CG  1 
ATOM   360 C CD  . PRO A 1 54  ? -1.361  13.577  10.468  1.00 50.05  ? 307 PRO A CD  1 
ATOM   361 N N   . SER A 1 55  ? 0.443   9.449   8.926   1.00 36.81  ? 308 SER A N   1 
ATOM   362 C CA  . SER A 1 55  ? 0.890   8.729   7.727   1.00 38.26  ? 308 SER A CA  1 
ATOM   363 C C   . SER A 1 55  ? -0.118  8.841   6.606   1.00 37.90  ? 308 SER A C   1 
ATOM   364 O O   . SER A 1 55  ? -1.304  9.140   6.841   1.00 43.67  ? 308 SER A O   1 
ATOM   365 C CB  . SER A 1 55  ? 1.075   7.223   8.043   1.00 34.27  ? 308 SER A CB  1 
ATOM   366 O OG  . SER A 1 55  ? -0.170  6.661   8.417   1.00 36.67  ? 308 SER A OG  1 
ATOM   367 N N   . TYR A 1 56  ? 0.306   8.540   5.384   1.00 35.42  ? 309 TYR A N   1 
ATOM   368 C CA  . TYR A 1 56  ? -0.661  8.580   4.298   1.00 33.72  ? 309 TYR A CA  1 
ATOM   369 C C   . TYR A 1 56  ? -1.734  7.547   4.490   1.00 37.57  ? 309 TYR A C   1 
ATOM   370 O O   . TYR A 1 56  ? -2.875  7.756   4.078   1.00 40.30  ? 309 TYR A O   1 
ATOM   371 C CB  . TYR A 1 56  ? 0.001   8.516   2.926   1.00 36.96  ? 309 TYR A CB  1 
ATOM   372 C CG  . TYR A 1 56  ? 0.744   9.809   2.620   1.00 40.56  ? 309 TYR A CG  1 
ATOM   373 C CD1 . TYR A 1 56  ? 0.259   11.048  3.113   1.00 41.48  ? 309 TYR A CD1 1 
ATOM   374 C CD2 . TYR A 1 56  ? 1.932   9.816   1.875   1.00 39.65  ? 309 TYR A CD2 1 
ATOM   375 C CE1 . TYR A 1 56  ? 0.918   12.249  2.864   1.00 45.89  ? 309 TYR A CE1 1 
ATOM   376 C CE2 . TYR A 1 56  ? 2.598   11.027  1.604   1.00 42.42  ? 309 TYR A CE2 1 
ATOM   377 C CZ  . TYR A 1 56  ? 2.083   12.237  2.109   1.00 46.52  ? 309 TYR A CZ  1 
ATOM   378 O OH  . TYR A 1 56  ? 2.726   13.433  1.888   1.00 54.77  ? 309 TYR A OH  1 
ATOM   379 N N   . ALA A 1 57  ? -1.400  6.445   5.162   1.00 37.65  ? 310 ALA A N   1 
ATOM   380 C CA  . ALA A 1 57  ? -2.354  5.369   5.306   1.00 36.86  ? 310 ALA A CA  1 
ATOM   381 C C   . ALA A 1 57  ? -3.433  5.762   6.273   1.00 36.21  ? 310 ALA A C   1 
ATOM   382 O O   . ALA A 1 57  ? -4.585  5.383   6.056   1.00 40.64  ? 310 ALA A O   1 
ATOM   383 C CB  . ALA A 1 57  ? -1.689  4.086   5.768   1.00 39.38  ? 310 ALA A CB  1 
ATOM   384 N N   . ARG A 1 58  ? -3.061  6.470   7.345   1.00 35.64  ? 311 ARG A N   1 
ATOM   385 C CA  . ARG A 1 58  ? -4.034  6.964   8.359   1.00 38.35  ? 311 ARG A CA  1 
ATOM   386 C C   . ARG A 1 58  ? -4.935  8.049   7.703   1.00 40.68  ? 311 ARG A C   1 
ATOM   387 O O   . ARG A 1 58  ? -6.156  7.968   7.795   1.00 41.98  ? 311 ARG A O   1 
ATOM   388 C CB  . ARG A 1 58  ? -3.311  7.479   9.630   1.00 37.60  ? 311 ARG A CB  1 
ATOM   389 C CG  . ARG A 1 58  ? -4.190  7.765   10.860  1.00 43.76  ? 311 ARG A CG  1 
ATOM   390 N N   . GLN A 1 59  ? -4.331  9.004   6.978   1.00 39.05  ? 312 GLN A N   1 
ATOM   391 C CA  . GLN A 1 59  ? -5.103  10.070  6.318   1.00 40.76  ? 312 GLN A CA  1 
ATOM   392 C C   . GLN A 1 59  ? -6.135  9.509   5.295   1.00 41.85  ? 312 GLN A C   1 
ATOM   393 O O   . GLN A 1 59  ? -7.313  9.954   5.265   1.00 42.77  ? 312 GLN A O   1 
ATOM   394 C CB  . GLN A 1 59  ? -4.182  11.088  5.657   1.00 38.43  ? 312 GLN A CB  1 
ATOM   395 C CG  . GLN A 1 59  ? -3.306  11.913  6.601   1.00 41.28  ? 312 GLN A CG  1 
ATOM   396 C CD  . GLN A 1 59  ? -2.446  12.903  5.803   1.00 45.15  ? 312 GLN A CD  1 
ATOM   397 O OE1 . GLN A 1 59  ? -2.970  13.709  5.063   1.00 45.44  ? 312 GLN A OE1 1 
ATOM   398 N NE2 . GLN A 1 59  ? -1.135  12.797  5.910   1.00 42.12  ? 312 GLN A NE2 1 
ATOM   399 N N   . LEU A 1 60  ? -5.725  8.514   4.493   1.00 38.66  ? 313 LEU A N   1 
ATOM   400 C CA  . LEU A 1 60  ? -6.613  7.938   3.440   1.00 36.69  ? 313 LEU A CA  1 
ATOM   401 C C   . LEU A 1 60  ? -7.687  7.071   4.006   1.00 42.59  ? 313 LEU A C   1 
ATOM   402 O O   . LEU A 1 60  ? -8.788  7.001   3.476   1.00 47.17  ? 313 LEU A O   1 
ATOM   403 C CB  . LEU A 1 60  ? -5.842  7.093   2.475   1.00 31.84  ? 313 LEU A CB  1 
ATOM   404 C CG  . LEU A 1 60  ? -5.366  7.920   1.309   1.00 33.30  ? 313 LEU A CG  1 
ATOM   405 C CD1 . LEU A 1 60  ? -4.418  9.054   1.711   1.00 30.16  ? 313 LEU A CD1 1 
ATOM   406 C CD2 . LEU A 1 60  ? -4.803  7.037   0.209   1.00 31.21  ? 313 LEU A CD2 1 
ATOM   407 N N   . PHE A 1 61  ? -7.369  6.398   5.096   1.00 46.22  ? 314 PHE A N   1 
ATOM   408 C CA  . PHE A 1 61  ? -8.353  5.573   5.719   1.00 47.09  ? 314 PHE A CA  1 
ATOM   409 C C   . PHE A 1 61  ? -9.468  6.427   6.344   1.00 48.74  ? 314 PHE A C   1 
ATOM   410 O O   . PHE A 1 61  ? -10.633 6.091   6.172   1.00 47.52  ? 314 PHE A O   1 
ATOM   411 C CB  . PHE A 1 61  ? -7.687  4.677   6.740   1.00 45.01  ? 314 PHE A CB  1 
ATOM   412 C CG  . PHE A 1 61  ? -8.649  3.971   7.610   1.00 42.29  ? 314 PHE A CG  1 
ATOM   413 C CD1 . PHE A 1 61  ? -9.313  2.843   7.144   1.00 42.84  ? 314 PHE A CD1 1 
ATOM   414 C CD2 . PHE A 1 61  ? -8.907  4.440   8.892   1.00 43.31  ? 314 PHE A CD2 1 
ATOM   415 C CE1 . PHE A 1 61  ? -10.211 2.174   7.959   1.00 43.87  ? 314 PHE A CE1 1 
ATOM   416 C CE2 . PHE A 1 61  ? -9.809  3.780   9.708   1.00 42.13  ? 314 PHE A CE2 1 
ATOM   417 C CZ  . PHE A 1 61  ? -10.450 2.643   9.244   1.00 40.86  ? 314 PHE A CZ  1 
ATOM   418 N N   . GLN A 1 62  ? -9.114  7.511   7.051   1.00 45.60  ? 315 GLN A N   1 
ATOM   419 C CA  . GLN A 1 62  ? -10.106 8.466   7.596   1.00 45.01  ? 315 GLN A CA  1 
ATOM   420 C C   . GLN A 1 62  ? -10.917 9.101   6.462   1.00 46.13  ? 315 GLN A C   1 
ATOM   421 O O   . GLN A 1 62  ? -12.129 9.155   6.527   1.00 44.08  ? 315 GLN A O   1 
ATOM   422 C CB  . GLN A 1 62  ? -9.443  9.568   8.428   1.00 44.12  ? 315 GLN A CB  1 
ATOM   423 C CG  . GLN A 1 62  ? -10.390 10.270  9.417   1.00 51.87  ? 315 GLN A CG  1 
ATOM   424 N N   . GLU A 1 63  ? -10.254 9.536   5.388   1.00 50.06  ? 316 GLU A N   1 
ATOM   425 C CA  . GLU A 1 63  ? -10.980 10.125  4.260   1.00 43.24  ? 316 GLU A CA  1 
ATOM   426 C C   . GLU A 1 63  ? -11.868 9.101   3.570   1.00 42.44  ? 316 GLU A C   1 
ATOM   427 O O   . GLU A 1 63  ? -13.053 9.259   3.565   1.00 48.76  ? 316 GLU A O   1 
ATOM   428 C CB  . GLU A 1 63  ? -10.022 10.772  3.280   1.00 44.87  ? 316 GLU A CB  1 
ATOM   429 C CG  . GLU A 1 63  ? -10.676 11.287  2.019   1.00 57.15  ? 316 GLU A CG  1 
ATOM   430 C CD  . GLU A 1 63  ? -11.331 12.667  2.199   1.00 65.69  ? 316 GLU A CD  1 
ATOM   431 O OE1 . GLU A 1 63  ? -11.921 13.141  1.196   1.00 64.46  ? 316 GLU A OE1 1 
ATOM   432 O OE2 . GLU A 1 63  ? -11.255 13.271  3.309   1.00 53.32  ? 316 GLU A OE2 1 
ATOM   433 N N   . VAL A 1 64  ? -11.324 8.022   3.021   1.00 44.01  ? 317 VAL A N   1 
ATOM   434 C CA  . VAL A 1 64  ? -12.169 7.010   2.358   1.00 42.43  ? 317 VAL A CA  1 
ATOM   435 C C   . VAL A 1 64  ? -13.408 6.519   3.154   1.00 45.67  ? 317 VAL A C   1 
ATOM   436 O O   . VAL A 1 64  ? -14.406 6.097   2.540   1.00 49.76  ? 317 VAL A O   1 
ATOM   437 C CB  . VAL A 1 64  ? -11.345 5.800   1.880   1.00 43.34  ? 317 VAL A CB  1 
ATOM   438 C CG1 . VAL A 1 64  ? -11.213 4.765   2.984   1.00 41.96  ? 317 VAL A CG1 1 
ATOM   439 C CG2 . VAL A 1 64  ? -12.003 5.152   0.684   1.00 41.18  ? 317 VAL A CG2 1 
ATOM   440 N N   . MET A 1 65  ? -13.361 6.558   4.494   1.00 45.53  ? 318 MET A N   1 
ATOM   441 C CA  . MET A 1 65  ? -14.465 6.016   5.309   1.00 45.93  ? 318 MET A CA  1 
ATOM   442 C C   . MET A 1 65  ? -15.504 7.096   5.430   1.00 49.29  ? 318 MET A C   1 
ATOM   443 O O   . MET A 1 65  ? -16.701 6.820   5.439   1.00 48.47  ? 318 MET A O   1 
ATOM   444 C CB  . MET A 1 65  ? -14.011 5.576   6.710   1.00 45.57  ? 318 MET A CB  1 
ATOM   445 C CG  . MET A 1 65  ? -13.126 4.321   6.707   1.00 49.87  ? 318 MET A CG  1 
ATOM   446 S SD  . MET A 1 65  ? -14.006 2.868   6.124   1.00 55.79  ? 318 MET A SD  1 
ATOM   447 C CE  . MET A 1 65  ? -14.976 2.677   7.633   1.00 45.11  ? 318 MET A CE  1 
ATOM   448 N N   . THR A 1 66  ? -15.047 8.337   5.530   1.00 49.15  ? 319 THR A N   1 
ATOM   449 C CA  . THR A 1 66  ? -15.990 9.455   5.554   1.00 52.59  ? 319 THR A CA  1 
ATOM   450 C C   . THR A 1 66  ? -16.676 9.758   4.210   1.00 51.13  ? 319 THR A C   1 
ATOM   451 O O   . THR A 1 66  ? -17.883 9.924   4.187   1.00 50.69  ? 319 THR A O   1 
ATOM   452 C CB  . THR A 1 66  ? -15.360 10.697  6.127   1.00 50.51  ? 319 THR A CB  1 
ATOM   453 O OG1 . THR A 1 66  ? -14.723 10.312  7.334   1.00 51.13  ? 319 THR A OG1 1 
ATOM   454 C CG2 . THR A 1 66  ? -16.455 11.674  6.478   1.00 55.78  ? 319 THR A CG2 1 
ATOM   455 N N   . ARG A 1 67  ? -15.931 9.758   3.103   1.00 53.36  ? 320 ARG A N   1 
ATOM   456 C CA  . ARG A 1 67  ? -16.492 10.018  1.754   1.00 49.95  ? 320 ARG A CA  1 
ATOM   457 C C   . ARG A 1 67  ? -16.276 9.030   0.578   1.00 49.30  ? 320 ARG A C   1 
ATOM   458 O O   . ARG A 1 67  ? -16.644 9.373   -0.571  1.00 42.42  ? 320 ARG A O   1 
ATOM   459 C CB  . ARG A 1 67  ? -16.061 11.393  1.317   1.00 57.95  ? 320 ARG A CB  1 
ATOM   460 C CG  . ARG A 1 67  ? -14.888 11.877  2.125   1.00 65.40  ? 320 ARG A CG  1 
ATOM   461 C CD  . ARG A 1 67  ? -14.912 13.377  2.236   1.00 61.00  ? 320 ARG A CD  1 
ATOM   462 N NE  . ARG A 1 67  ? -16.048 13.870  2.975   1.00 51.89  ? 320 ARG A NE  1 
ATOM   463 C CZ  . ARG A 1 67  ? -15.936 14.452  4.166   1.00 63.45  ? 320 ARG A CZ  1 
ATOM   464 N NH1 . ARG A 1 67  ? -14.713 14.562  4.734   1.00 56.74  ? 320 ARG A NH1 1 
ATOM   465 N NH2 . ARG A 1 67  ? -17.043 14.910  4.788   1.00 58.25  ? 320 ARG A NH2 1 
ATOM   466 N N   . GLY A 1 68  ? -15.736 7.823   0.843   1.00 43.58  ? 321 GLY A N   1 
ATOM   467 C CA  . GLY A 1 68  ? -15.771 6.717   -0.140  1.00 39.31  ? 321 GLY A CA  1 
ATOM   468 C C   . GLY A 1 68  ? -14.627 6.781   -1.163  1.00 44.38  ? 321 GLY A C   1 
ATOM   469 O O   . GLY A 1 68  ? -14.421 5.855   -1.959  1.00 44.25  ? 321 GLY A O   1 
ATOM   470 N N   . THR A 1 69  ? -13.858 7.869   -1.163  1.00 44.97  ? 322 THR A N   1 
ATOM   471 C CA  . THR A 1 69  ? -12.632 7.912   -1.983  1.00 45.25  ? 322 THR A CA  1 
ATOM   472 C C   . THR A 1 69  ? -11.553 8.740   -1.286  1.00 41.84  ? 322 THR A C   1 
ATOM   473 O O   . THR A 1 69  ? -11.853 9.697   -0.541  1.00 36.96  ? 322 THR A O   1 
ATOM   474 C CB  . THR A 1 69  ? -12.910 8.409   -3.434  1.00 48.23  ? 322 THR A CB  1 
ATOM   475 O OG1 . THR A 1 69  ? -11.755 8.173   -4.242  1.00 53.74  ? 322 THR A OG1 1 
ATOM   476 C CG2 . THR A 1 69  ? -13.232 9.907   -3.458  1.00 45.97  ? 322 THR A CG2 1 
ATOM   477 N N   . ALA A 1 70  ? -10.298 8.360   -1.501  1.00 38.44  ? 323 ALA A N   1 
ATOM   478 C CA  . ALA A 1 70  ? -9.190  9.168   -0.990  1.00 38.68  ? 323 ALA A CA  1 
ATOM   479 C C   . ALA A 1 70  ? -8.006  8.948   -1.918  1.00 38.88  ? 323 ALA A C   1 
ATOM   480 O O   . ALA A 1 70  ? -8.052  8.017   -2.687  1.00 34.81  ? 323 ALA A O   1 
ATOM   481 C CB  . ALA A 1 70  ? -8.858  8.766   0.437   1.00 35.97  ? 323 ALA A CB  1 
ATOM   482 N N   . SER A 1 71  ? -6.982  9.816   -1.875  1.00 42.04  ? 324 SER A N   1 
ATOM   483 C CA  . SER A 1 71  ? -5.782  9.695   -2.731  1.00 41.46  ? 324 SER A CA  1 
ATOM   484 C C   . SER A 1 71  ? -4.566  10.374  -2.092  1.00 44.71  ? 324 SER A C   1 
ATOM   485 O O   . SER A 1 71  ? -4.665  11.471  -1.537  1.00 45.66  ? 324 SER A O   1 
ATOM   486 C CB  . SER A 1 71  ? -6.017  10.253  -4.147  1.00 45.10  ? 324 SER A CB  1 
ATOM   487 O OG  . SER A 1 71  ? -5.983  11.679  -4.199  1.00 47.18  ? 324 SER A OG  1 
ATOM   488 N N   . SER A 1 72  ? -3.411  9.726   -2.181  1.00 44.79  ? 325 SER A N   1 
ATOM   489 C CA  . SER A 1 72  ? -2.211  10.218  -1.498  1.00 42.99  ? 325 SER A CA  1 
ATOM   490 C C   . SER A 1 72  ? -1.273  10.871  -2.491  1.00 42.52  ? 325 SER A C   1 
ATOM   491 O O   . SER A 1 72  ? -1.315  10.553  -3.688  1.00 49.03  ? 325 SER A O   1 
ATOM   492 C CB  . SER A 1 72  ? -1.458  9.054   -0.851  1.00 44.73  ? 325 SER A CB  1 
ATOM   493 O OG  . SER A 1 72  ? -0.486  8.540   -1.749  1.00 40.19  ? 325 SER A OG  1 
ATOM   494 N N   . PRO A 1 73  ? -0.389  11.746  -2.010  1.00 35.30  ? 326 PRO A N   1 
ATOM   495 C CA  . PRO A 1 73  ? 0.670   12.214  -2.891  1.00 36.75  ? 326 PRO A CA  1 
ATOM   496 C C   . PRO A 1 73  ? 1.696   11.113  -3.098  1.00 41.21  ? 326 PRO A C   1 
ATOM   497 O O   . PRO A 1 73  ? 1.501   9.978   -2.618  1.00 42.72  ? 326 PRO A O   1 
ATOM   498 C CB  . PRO A 1 73  ? 1.310   13.316  -2.088  1.00 33.42  ? 326 PRO A CB  1 
ATOM   499 C CG  . PRO A 1 73  ? 1.135   12.854  -0.694  1.00 35.45  ? 326 PRO A CG  1 
ATOM   500 C CD  . PRO A 1 73  ? -0.265  12.289  -0.661  1.00 35.86  ? 326 PRO A CD  1 
ATOM   501 N N   . SER A 1 74  ? 2.786   11.437  -3.782  1.00 40.66  ? 327 SER A N   1 
ATOM   502 C CA  . SER A 1 74  ? 3.873   10.477  -3.944  1.00 42.69  ? 327 SER A CA  1 
ATOM   503 C C   . SER A 1 74  ? 4.607   10.302  -2.620  1.00 43.40  ? 327 SER A C   1 
ATOM   504 O O   . SER A 1 74  ? 4.779   11.269  -1.814  1.00 37.83  ? 327 SER A O   1 
ATOM   505 C CB  . SER A 1 74  ? 4.837   10.888  -5.085  1.00 45.48  ? 327 SER A CB  1 
ATOM   506 O OG  . SER A 1 74  ? 4.302   10.527  -6.382  1.00 53.39  ? 327 SER A OG  1 
ATOM   507 N N   . TYR A 1 75  ? 4.991   9.051   -2.365  1.00 35.84  ? 328 TYR A N   1 
ATOM   508 C CA  . TYR A 1 75  ? 5.920   8.803   -1.275  1.00 36.61  ? 328 TYR A CA  1 
ATOM   509 C C   . TYR A 1 75  ? 7.036   7.898   -1.733  1.00 38.33  ? 328 TYR A C   1 
ATOM   510 O O   . TYR A 1 75  ? 6.816   6.977   -2.568  1.00 41.86  ? 328 TYR A O   1 
ATOM   511 C CB  . TYR A 1 75  ? 5.203   8.256   -0.058  1.00 33.76  ? 328 TYR A CB  1 
ATOM   512 C CG  . TYR A 1 75  ? 4.301   7.074   -0.366  1.00 38.05  ? 328 TYR A CG  1 
ATOM   513 C CD1 . TYR A 1 75  ? 2.983   7.265   -0.771  1.00 36.02  ? 328 TYR A CD1 1 
ATOM   514 C CD2 . TYR A 1 75  ? 4.758   5.750   -0.222  1.00 37.01  ? 328 TYR A CD2 1 
ATOM   515 C CE1 . TYR A 1 75  ? 2.145   6.174   -1.030  1.00 38.72  ? 328 TYR A CE1 1 
ATOM   516 C CE2 . TYR A 1 75  ? 3.922   4.654   -0.483  1.00 35.51  ? 328 TYR A CE2 1 
ATOM   517 C CZ  . TYR A 1 75  ? 2.621   4.869   -0.884  1.00 39.71  ? 328 TYR A CZ  1 
ATOM   518 O OH  . TYR A 1 75  ? 1.793   3.798   -1.155  1.00 40.22  ? 328 TYR A OH  1 
ATOM   519 N N   . ARG A 1 76  ? 8.231   8.181   -1.210  1.00 42.01  ? 329 ARG A N   1 
ATOM   520 C CA  . ARG A 1 76  ? 9.483   7.467   -1.571  1.00 41.25  ? 329 ARG A CA  1 
ATOM   521 C C   . ARG A 1 76  ? 9.890   6.367   -0.568  1.00 42.37  ? 329 ARG A C   1 
ATOM   522 O O   . ARG A 1 76  ? 9.584   6.437   0.644   1.00 43.78  ? 329 ARG A O   1 
ATOM   523 C CB  . ARG A 1 76  ? 10.623  8.464   -1.765  1.00 44.44  ? 329 ARG A CB  1 
ATOM   524 C CG  . ARG A 1 76  ? 10.592  9.246   -3.083  1.00 46.95  ? 329 ARG A CG  1 
ATOM   525 C CD  . ARG A 1 76  ? 11.379  10.557  -2.932  1.00 54.89  ? 329 ARG A CD  1 
ATOM   526 N NE  . ARG A 1 76  ? 12.010  10.985  -4.186  1.00 59.86  ? 329 ARG A NE  1 
ATOM   527 N N   . PHE A 1 77  ? 10.571  5.336   -1.068  1.00 40.15  ? 330 PHE A N   1 
ATOM   528 C CA  . PHE A 1 77  ? 10.996  4.228   -0.223  1.00 39.11  ? 330 PHE A CA  1 
ATOM   529 C C   . PHE A 1 77  ? 12.145  3.593   -0.959  1.00 43.94  ? 330 PHE A C   1 
ATOM   530 O O   . PHE A 1 77  ? 12.324  3.878   -2.147  1.00 50.97  ? 330 PHE A O   1 
ATOM   531 C CB  . PHE A 1 77  ? 9.858   3.235   0.029   1.00 37.30  ? 330 PHE A CB  1 
ATOM   532 C CG  . PHE A 1 77  ? 9.247   2.687   -1.223  1.00 39.29  ? 330 PHE A CG  1 
ATOM   533 C CD1 . PHE A 1 77  ? 9.748   1.549   -1.811  1.00 38.30  ? 330 PHE A CD1 1 
ATOM   534 C CD2 . PHE A 1 77  ? 8.181   3.338   -1.842  1.00 41.67  ? 330 PHE A CD2 1 
ATOM   535 C CE1 . PHE A 1 77  ? 9.199   1.059   -2.980  1.00 40.53  ? 330 PHE A CE1 1 
ATOM   536 C CE2 . PHE A 1 77  ? 7.623   2.839   -3.009  1.00 42.72  ? 330 PHE A CE2 1 
ATOM   537 C CZ  . PHE A 1 77  ? 8.142   1.696   -3.584  1.00 39.29  ? 330 PHE A CZ  1 
ATOM   538 N N   . ILE A 1 78  ? 12.926  2.757   -0.269  1.00 44.35  ? 331 ILE A N   1 
ATOM   539 C CA  . ILE A 1 78  ? 14.267  2.372   -0.734  1.00 40.98  ? 331 ILE A CA  1 
ATOM   540 C C   . ILE A 1 78  ? 14.393  0.856   -0.741  1.00 42.84  ? 331 ILE A C   1 
ATOM   541 O O   . ILE A 1 78  ? 14.202  0.219   0.302   1.00 43.12  ? 331 ILE A O   1 
ATOM   542 C CB  . ILE A 1 78  ? 15.406  3.032   0.099   1.00 43.13  ? 331 ILE A CB  1 
ATOM   543 C CG1 . ILE A 1 78  ? 15.539  4.547   -0.224  1.00 42.33  ? 331 ILE A CG1 1 
ATOM   544 C CG2 . ILE A 1 78  ? 16.769  2.389   -0.187  1.00 38.01  ? 331 ILE A CG2 1 
ATOM   545 C CD1 . ILE A 1 78  ? 16.269  5.367   0.844   1.00 40.16  ? 331 ILE A CD1 1 
ATOM   546 N N   . LEU A 1 79  ? 14.688  0.269   -1.908  1.00 41.77  ? 332 LEU A N   1 
ATOM   547 C CA  . LEU A 1 79  ? 14.868  -1.198  -1.962  1.00 48.77  ? 332 LEU A CA  1 
ATOM   548 C C   . LEU A 1 79  ? 16.197  -1.655  -1.363  1.00 48.85  ? 332 LEU A C   1 
ATOM   549 O O   . LEU A 1 79  ? 17.148  -0.845  -1.157  1.00 42.85  ? 332 LEU A O   1 
ATOM   550 C CB  . LEU A 1 79  ? 14.729  -1.768  -3.374  1.00 48.48  ? 332 LEU A CB  1 
ATOM   551 C CG  . LEU A 1 79  ? 13.500  -1.399  -4.197  1.00 42.87  ? 332 LEU A CG  1 
ATOM   552 C CD1 . LEU A 1 79  ? 13.862  -1.707  -5.649  1.00 41.67  ? 332 LEU A CD1 1 
ATOM   553 C CD2 . LEU A 1 79  ? 12.302  -2.162  -3.674  1.00 33.72  ? 332 LEU A CD2 1 
ATOM   554 N N   . ASN A 1 80  ? 16.242  -2.955  -1.094  1.00 48.23  ? 333 ASN A N   1 
ATOM   555 C CA  . ASN A 1 80  ? 17.371  -3.584  -0.420  1.00 51.25  ? 333 ASN A CA  1 
ATOM   556 C C   . ASN A 1 80  ? 18.746  -3.200  -0.948  1.00 52.16  ? 333 ASN A C   1 
ATOM   557 O O   . ASN A 1 80  ? 19.713  -3.129  -0.169  1.00 56.22  ? 333 ASN A O   1 
ATOM   558 C CB  . ASN A 1 80  ? 17.198  -5.095  -0.389  1.00 48.25  ? 333 ASN A CB  1 
ATOM   559 C CG  . ASN A 1 80  ? 16.274  -5.523  0.709   1.00 52.14  ? 333 ASN A CG  1 
ATOM   560 O OD1 . ASN A 1 80  ? 15.865  -4.693  1.502   1.00 54.68  ? 333 ASN A OD1 1 
ATOM   561 N ND2 . ASN A 1 80  ? 15.920  -6.812  0.760   1.00 52.56  ? 333 ASN A ND2 1 
ATOM   562 N N   . ASP A 1 81  ? 18.817  -2.915  -2.244  1.00 50.64  ? 334 ASP A N   1 
ATOM   563 C CA  . ASP A 1 81  ? 20.080  -2.542  -2.870  1.00 55.20  ? 334 ASP A CA  1 
ATOM   564 C C   . ASP A 1 81  ? 20.232  -1.047  -2.929  1.00 53.96  ? 334 ASP A C   1 
ATOM   565 O O   . ASP A 1 81  ? 21.014  -0.539  -3.730  1.00 55.87  ? 334 ASP A O   1 
ATOM   566 C CB  . ASP A 1 81  ? 20.196  -3.123  -4.291  1.00 59.82  ? 334 ASP A CB  1 
ATOM   567 C CG  . ASP A 1 81  ? 18.968  -2.870  -5.123  1.00 65.16  ? 334 ASP A CG  1 
ATOM   568 O OD1 . ASP A 1 81  ? 17.980  -2.340  -4.588  1.00 75.50  ? 334 ASP A OD1 1 
ATOM   569 O OD2 . ASP A 1 81  ? 18.973  -3.222  -6.313  1.00 72.19  ? 334 ASP A OD2 1 
ATOM   570 N N   . GLY A 1 82  ? 19.505  -0.330  -2.078  1.00 52.22  ? 335 GLY A N   1 
ATOM   571 C CA  . GLY A 1 82  ? 19.436  1.126   -2.212  1.00 49.81  ? 335 GLY A CA  1 
ATOM   572 C C   . GLY A 1 82  ? 18.864  1.663   -3.533  1.00 50.06  ? 335 GLY A C   1 
ATOM   573 O O   . GLY A 1 82  ? 19.102  2.806   -3.845  1.00 53.46  ? 335 GLY A O   1 
ATOM   574 N N   . THR A 1 83  ? 18.105  0.898   -4.327  1.00 52.23  ? 336 THR A N   1 
ATOM   575 C CA  . THR A 1 83  ? 17.317  1.564   -5.382  1.00 55.00  ? 336 THR A CA  1 
ATOM   576 C C   . THR A 1 83  ? 16.202  2.420   -4.714  1.00 58.96  ? 336 THR A C   1 
ATOM   577 O O   . THR A 1 83  ? 15.430  1.936   -3.852  1.00 54.68  ? 336 THR A O   1 
ATOM   578 C CB  . THR A 1 83  ? 16.716  0.587   -6.428  1.00 59.72  ? 336 THR A CB  1 
ATOM   579 O OG1 . THR A 1 83  ? 17.764  -0.184  -7.017  1.00 64.60  ? 336 THR A OG1 1 
ATOM   580 C CG2 . THR A 1 83  ? 15.983  1.350   -7.563  1.00 56.04  ? 336 THR A CG2 1 
ATOM   581 N N   . MET A 1 84  ? 16.145  3.690   -5.112  1.00 61.14  ? 337 MET A N   1 
ATOM   582 C CA  . MET A 1 84  ? 15.109  4.640   -4.678  1.00 58.69  ? 337 MET A CA  1 
ATOM   583 C C   . MET A 1 84  ? 13.863  4.614   -5.584  1.00 51.18  ? 337 MET A C   1 
ATOM   584 O O   . MET A 1 84  ? 13.955  4.855   -6.776  1.00 47.24  ? 337 MET A O   1 
ATOM   585 C CB  . MET A 1 84  ? 15.707  6.043   -4.698  1.00 68.50  ? 337 MET A CB  1 
ATOM   586 C CG  . MET A 1 84  ? 14.718  7.186   -4.497  1.00 77.95  ? 337 MET A CG  1 
ATOM   587 S SD  . MET A 1 84  ? 14.578  7.542   -2.742  1.00 82.05  ? 337 MET A SD  1 
ATOM   588 C CE  . MET A 1 84  ? 14.662  9.347   -2.707  1.00 81.08  ? 337 MET A CE  1 
ATOM   589 N N   . LEU A 1 85  ? 12.694  4.357   -5.019  1.00 46.86  ? 338 LEU A N   1 
ATOM   590 C CA  . LEU A 1 85  ? 11.466  4.359   -5.806  1.00 44.91  ? 338 LEU A CA  1 
ATOM   591 C C   . LEU A 1 85  ? 10.448  5.356   -5.269  1.00 45.32  ? 338 LEU A C   1 
ATOM   592 O O   . LEU A 1 85  ? 10.576  5.827   -4.148  1.00 49.82  ? 338 LEU A O   1 
ATOM   593 C CB  . LEU A 1 85  ? 10.874  2.953   -5.768  1.00 42.44  ? 338 LEU A CB  1 
ATOM   594 C CG  . LEU A 1 85  ? 11.689  2.063   -6.690  1.00 46.19  ? 338 LEU A CG  1 
ATOM   595 C CD1 . LEU A 1 85  ? 11.026  0.705   -6.788  1.00 47.35  ? 338 LEU A CD1 1 
ATOM   596 C CD2 . LEU A 1 85  ? 11.884  2.685   -8.082  1.00 45.32  ? 338 LEU A CD2 1 
ATOM   597 N N   . SER A 1 86  ? 9.414   5.662   -6.032  1.00 42.21  ? 339 SER A N   1 
ATOM   598 C CA  . SER A 1 86  ? 8.304   6.332   -5.413  1.00 40.47  ? 339 SER A CA  1 
ATOM   599 C C   . SER A 1 86  ? 6.975   5.648   -5.786  1.00 43.27  ? 339 SER A C   1 
ATOM   600 O O   . SER A 1 86  ? 6.892   4.922   -6.784  1.00 42.18  ? 339 SER A O   1 
ATOM   601 C CB  . SER A 1 86  ? 8.331   7.826   -5.738  1.00 42.22  ? 339 SER A CB  1 
ATOM   602 O OG  . SER A 1 86  ? 7.615   8.101   -6.901  1.00 52.59  ? 339 SER A OG  1 
ATOM   603 N N   . ALA A 1 87  ? 5.951   5.834   -4.954  1.00 38.76  ? 340 ALA A N   1 
ATOM   604 C CA  . ALA A 1 87  ? 4.628   5.327   -5.271  1.00 36.21  ? 340 ALA A CA  1 
ATOM   605 C C   . ALA A 1 87  ? 3.565   6.306   -4.795  1.00 36.56  ? 340 ALA A C   1 
ATOM   606 O O   . ALA A 1 87  ? 3.870   7.240   -4.048  1.00 39.86  ? 340 ALA A O   1 
ATOM   607 C CB  . ALA A 1 87  ? 4.411   3.970   -4.621  1.00 35.15  ? 340 ALA A CB  1 
ATOM   608 N N   . HIS A 1 88  ? 2.329   6.096   -5.241  1.00 35.62  ? 341 HIS A N   1 
ATOM   609 C CA  . HIS A 1 88  ? 1.168   6.799   -4.704  1.00 37.68  ? 341 HIS A CA  1 
ATOM   610 C C   . HIS A 1 88  ? 0.009   5.860   -4.688  1.00 38.45  ? 341 HIS A C   1 
ATOM   611 O O   . HIS A 1 88  ? 0.013   4.887   -5.436  1.00 40.36  ? 341 HIS A O   1 
ATOM   612 C CB  . HIS A 1 88  ? 0.830   8.117   -5.465  1.00 39.82  ? 341 HIS A CB  1 
ATOM   613 C CG  . HIS A 1 88  ? 0.226   7.923   -6.852  1.00 36.61  ? 341 HIS A CG  1 
ATOM   614 N ND1 . HIS A 1 88  ? 0.998   7.750   -7.989  1.00 41.29  ? 341 HIS A ND1 1 
ATOM   615 C CD2 . HIS A 1 88  ? -1.102  7.897   -7.266  1.00 35.13  ? 341 HIS A CD2 1 
ATOM   616 C CE1 . HIS A 1 88  ? 0.184   7.597   -9.056  1.00 39.08  ? 341 HIS A CE1 1 
ATOM   617 N NE2 . HIS A 1 88  ? -1.106  7.685   -8.612  1.00 40.41  ? 341 HIS A NE2 1 
ATOM   618 N N   . THR A 1 89  ? -0.985  6.161   -3.837  1.00 35.38  ? 342 THR A N   1 
ATOM   619 C CA  . THR A 1 89  ? -2.107  5.283   -3.542  1.00 35.23  ? 342 THR A CA  1 
ATOM   620 C C   . THR A 1 89  ? -3.448  6.001   -3.807  1.00 39.23  ? 342 THR A C   1 
ATOM   621 O O   . THR A 1 89  ? -3.600  7.207   -3.546  1.00 40.69  ? 342 THR A O   1 
ATOM   622 C CB  . THR A 1 89  ? -1.965  4.763   -2.081  1.00 33.18  ? 342 THR A CB  1 
ATOM   623 O OG1 . THR A 1 89  ? -0.738  4.007   -1.959  1.00 34.48  ? 342 THR A OG1 1 
ATOM   624 C CG2 . THR A 1 89  ? -3.094  3.887   -1.682  1.00 29.90  ? 342 THR A CG2 1 
ATOM   625 N N   . ARG A 1 90  ? -4.410  5.268   -4.359  1.00 42.75  ? 343 ARG A N   1 
ATOM   626 C CA  . ARG A 1 90  ? -5.783  5.759   -4.589  1.00 43.87  ? 343 ARG A CA  1 
ATOM   627 C C   . ARG A 1 90  ? -6.643  4.682   -3.992  1.00 45.26  ? 343 ARG A C   1 
ATOM   628 O O   . ARG A 1 90  ? -6.364  3.494   -4.200  1.00 45.30  ? 343 ARG A O   1 
ATOM   629 C CB  . ARG A 1 90  ? -6.117  5.873   -6.087  1.00 46.34  ? 343 ARG A CB  1 
ATOM   630 C CG  . ARG A 1 90  ? -5.372  6.937   -6.902  1.00 51.20  ? 343 ARG A CG  1 
ATOM   631 C CD  . ARG A 1 90  ? -5.969  7.033   -8.322  1.00 56.15  ? 343 ARG A CD  1 
ATOM   632 N NE  . ARG A 1 90  ? -4.950  7.224   -9.366  1.00 61.67  ? 343 ARG A NE  1 
ATOM   633 N N   . CYS A 1 91  ? -7.668  5.051   -3.223  1.00 50.98  ? 344 CYS A N   1 
ATOM   634 C CA  . CYS A 1 91  ? -8.648  4.039   -2.775  1.00 54.23  ? 344 CYS A CA  1 
ATOM   635 C C   . CYS A 1 91  ? -10.088 4.516   -2.741  1.00 52.32  ? 344 CYS A C   1 
ATOM   636 O O   . CYS A 1 91  ? -10.354 5.702   -2.599  1.00 53.92  ? 344 CYS A O   1 
ATOM   637 C CB  . CYS A 1 91  ? -8.249  3.398   -1.440  1.00 57.89  ? 344 CYS A CB  1 
ATOM   638 S SG  . CYS A 1 91  ? -7.802  4.578   -0.164  1.00 60.59  ? 344 CYS A SG  1 
ATOM   639 N N   . LYS A 1 92  ? -10.980 3.541   -2.884  1.00 53.36  ? 345 LYS A N   1 
ATOM   640 C CA  . LYS A 1 92  ? -12.415 3.708   -3.029  1.00 52.75  ? 345 LYS A CA  1 
ATOM   641 C C   . LYS A 1 92  ? -13.031 2.713   -2.012  1.00 52.60  ? 345 LYS A C   1 
ATOM   642 O O   . LYS A 1 92  ? -12.479 1.625   -1.766  1.00 57.42  ? 345 LYS A O   1 
ATOM   643 C CB  . LYS A 1 92  ? -12.861 3.437   -4.500  1.00 43.93  ? 345 LYS A CB  1 
ATOM   644 N N   . LEU A 1 93  ? -14.135 3.110   -1.384  1.00 46.41  ? 346 LEU A N   1 
ATOM   645 C CA  . LEU A 1 93  ? -14.945 2.229   -0.527  1.00 49.57  ? 346 LEU A CA  1 
ATOM   646 C C   . LEU A 1 93  ? -15.945 1.459   -1.383  1.00 52.31  ? 346 LEU A C   1 
ATOM   647 O O   . LEU A 1 93  ? -16.768 2.088   -2.027  1.00 52.71  ? 346 LEU A O   1 
ATOM   648 C CB  . LEU A 1 93  ? -15.732 3.098   0.450   1.00 44.85  ? 346 LEU A CB  1 
ATOM   649 C CG  . LEU A 1 93  ? -16.455 2.530   1.661   1.00 45.57  ? 346 LEU A CG  1 
ATOM   650 C CD1 . LEU A 1 93  ? -15.626 1.456   2.360   1.00 43.20  ? 346 LEU A CD1 1 
ATOM   651 C CD2 . LEU A 1 93  ? -16.739 3.679   2.610   1.00 39.82  ? 346 LEU A CD2 1 
ATOM   652 N N   . CYS A 1 94  ? -15.880 0.129   -1.414  1.00 55.42  ? 347 CYS A N   1 
ATOM   653 C CA  . CYS A 1 94  ? -16.815 -0.675  -2.233  1.00 64.36  ? 347 CYS A CA  1 
ATOM   654 C C   . CYS A 1 94  ? -17.870 -1.415  -1.404  1.00 67.37  ? 347 CYS A C   1 
ATOM   655 O O   . CYS A 1 94  ? -17.622 -1.735  -0.236  1.00 65.58  ? 347 CYS A O   1 
ATOM   656 C CB  . CYS A 1 94  ? -16.041 -1.697  -3.057  1.00 67.51  ? 347 CYS A CB  1 
ATOM   657 S SG  . CYS A 1 94  ? -14.671 -0.963  -3.954  1.00 77.46  ? 347 CYS A SG  1 
ATOM   658 N N   . TYR A 1 95  ? -19.014 -1.732  -2.019  1.00 70.00  ? 348 TYR A N   1 
ATOM   659 C CA  . TYR A 1 95  ? -20.106 -2.358  -1.276  1.00 72.40  ? 348 TYR A CA  1 
ATOM   660 C C   . TYR A 1 95  ? -20.467 -3.833  -1.630  1.00 73.03  ? 348 TYR A C   1 
ATOM   661 O O   . TYR A 1 95  ? -20.940 -4.121  -2.714  1.00 86.09  ? 348 TYR A O   1 
ATOM   662 C CB  . TYR A 1 95  ? -21.305 -1.398  -1.213  1.00 67.94  ? 348 TYR A CB  1 
ATOM   663 C CG  . TYR A 1 95  ? -21.220 -0.430  -0.025  1.00 77.82  ? 348 TYR A CG  1 
ATOM   664 C CD1 . TYR A 1 95  ? -21.656 -0.835  1.251   1.00 89.39  ? 348 TYR A CD1 1 
ATOM   665 C CD2 . TYR A 1 95  ? -20.687 0.876   -0.152  1.00 73.04  ? 348 TYR A CD2 1 
ATOM   666 C CE1 . TYR A 1 95  ? -21.585 0.015   2.365   1.00 85.15  ? 348 TYR A CE1 1 
ATOM   667 C CE2 . TYR A 1 95  ? -20.621 1.740   0.955   1.00 72.66  ? 348 TYR A CE2 1 
ATOM   668 C CZ  . TYR A 1 95  ? -21.072 1.294   2.229   1.00 82.39  ? 348 TYR A CZ  1 
ATOM   669 O OH  . TYR A 1 95  ? -21.031 2.083   3.381   1.00 71.90  ? 348 TYR A OH  1 
ATOM   670 N N   . PRO A 1 96  ? -20.239 -4.767  -0.689  1.00 69.33  ? 349 PRO A N   1 
ATOM   671 C C   . GLN A 1 102 ? -18.559 -6.378  2.697   1.00 87.97  ? 355 GLN A C   1 
ATOM   672 O O   . GLN A 1 102 ? -18.864 -7.471  3.222   1.00 82.85  ? 355 GLN A O   1 
ATOM   673 N N   . PRO A 1 103 ? -18.572 -5.196  3.363   1.00 84.32  ? 356 PRO A N   1 
ATOM   674 C CA  . PRO A 1 103 ? -18.156 -3.829  2.878   1.00 77.81  ? 356 PRO A CA  1 
ATOM   675 C C   . PRO A 1 103 ? -16.621 -3.514  2.998   1.00 78.97  ? 356 PRO A C   1 
ATOM   676 O O   . PRO A 1 103 ? -16.040 -3.719  4.077   1.00 68.62  ? 356 PRO A O   1 
ATOM   677 C CB  . PRO A 1 103 ? -18.936 -2.892  3.804   1.00 70.84  ? 356 PRO A CB  1 
ATOM   678 C CG  . PRO A 1 103 ? -19.136 -3.689  5.084   1.00 78.04  ? 356 PRO A CG  1 
ATOM   679 C CD  . PRO A 1 103 ? -19.028 -5.171  4.774   1.00 79.63  ? 356 PRO A CD  1 
ATOM   680 N N   . PHE A 1 104 ? -15.967 -3.021  1.938   1.00 69.41  ? 357 PHE A N   1 
ATOM   681 C CA  . PHE A 1 104 ? -14.464 -3.002  1.929   1.00 67.89  ? 357 PHE A CA  1 
ATOM   682 C C   . PHE A 1 104 ? -13.710 -1.829  1.207   1.00 64.09  ? 357 PHE A C   1 
ATOM   683 O O   . PHE A 1 104 ? -14.315 -1.095  0.421   1.00 69.88  ? 357 PHE A O   1 
ATOM   684 C CB  . PHE A 1 104 ? -13.934 -4.373  1.448   1.00 62.59  ? 357 PHE A CB  1 
ATOM   685 C CG  . PHE A 1 104 ? -14.161 -4.637  -0.016  1.00 68.80  ? 357 PHE A CG  1 
ATOM   686 C CD1 . PHE A 1 104 ? -15.381 -5.182  -0.465  1.00 71.10  ? 357 PHE A CD1 1 
ATOM   687 C CD2 . PHE A 1 104 ? -13.164 -4.344  -0.962  1.00 72.42  ? 357 PHE A CD2 1 
ATOM   688 C CE1 . PHE A 1 104 ? -15.592 -5.430  -1.821  1.00 66.28  ? 357 PHE A CE1 1 
ATOM   689 C CE2 . PHE A 1 104 ? -13.371 -4.583  -2.327  1.00 76.01  ? 357 PHE A CE2 1 
ATOM   690 C CZ  . PHE A 1 104 ? -14.582 -5.134  -2.753  1.00 71.19  ? 357 PHE A CZ  1 
ATOM   691 N N   . ILE A 1 105 ? -12.394 -1.677  1.459   1.00 54.89  ? 358 ILE A N   1 
ATOM   692 C CA  . ILE A 1 105 ? -11.567 -0.620  0.816   1.00 44.55  ? 358 ILE A CA  1 
ATOM   693 C C   . ILE A 1 105 ? -10.608 -1.166  -0.243  1.00 43.28  ? 358 ILE A C   1 
ATOM   694 O O   . ILE A 1 105 ? -9.650  -1.891  0.040   1.00 40.32  ? 358 ILE A O   1 
ATOM   695 C CB  . ILE A 1 105 ? -10.788 0.209   1.856   1.00 40.37  ? 358 ILE A CB  1 
ATOM   696 C CG1 . ILE A 1 105 ? -11.742 0.770   2.885   1.00 42.10  ? 358 ILE A CG1 1 
ATOM   697 C CG2 . ILE A 1 105 ? -10.098 1.396   1.227   1.00 38.90  ? 358 ILE A CG2 1 
ATOM   698 C CD1 . ILE A 1 105 ? -11.013 1.344   4.084   1.00 42.08  ? 358 ILE A CD1 1 
ATOM   699 N N   . MET A 1 106 ? -10.856 -0.803  -1.483  1.00 44.84  ? 359 MET A N   1 
ATOM   700 C CA  . MET A 1 106 ? -9.988  -1.262  -2.543  1.00 50.16  ? 359 MET A CA  1 
ATOM   701 C C   . MET A 1 106 ? -8.968  -0.185  -2.705  1.00 50.06  ? 359 MET A C   1 
ATOM   702 O O   . MET A 1 106 ? -9.349  0.961   -2.901  1.00 50.85  ? 359 MET A O   1 
ATOM   703 C CB  . MET A 1 106 ? -10.749 -1.406  -3.851  1.00 59.98  ? 359 MET A CB  1 
ATOM   704 C CG  . MET A 1 106 ? -9.986  -2.178  -4.916  1.00 73.27  ? 359 MET A CG  1 
ATOM   705 S SD  . MET A 1 106 ? -9.994  -3.949  -4.526  1.00 105.60 ? 359 MET A SD  1 
ATOM   706 C CE  . MET A 1 106 ? -8.507  -4.549  -5.354  1.00 88.54  ? 359 MET A CE  1 
ATOM   707 N N   . GLY A 1 107 ? -7.684  -0.532  -2.587  1.00 49.19  ? 360 GLY A N   1 
ATOM   708 C CA  . GLY A 1 107 ? -6.589  0.422   -2.825  1.00 41.33  ? 360 GLY A CA  1 
ATOM   709 C C   . GLY A 1 107 ? -5.728  -0.026  -3.978  1.00 39.76  ? 360 GLY A C   1 
ATOM   710 O O   . GLY A 1 107 ? -5.459  -1.212  -4.117  1.00 40.03  ? 360 GLY A O   1 
ATOM   711 N N   . ILE A 1 108 ? -5.298  0.911   -4.819  1.00 42.73  ? 361 ILE A N   1 
ATOM   712 C CA  . ILE A 1 108 ? -4.248  0.630   -5.827  1.00 46.93  ? 361 ILE A CA  1 
ATOM   713 C C   . ILE A 1 108 ? -2.948  1.426   -5.529  1.00 45.07  ? 361 ILE A C   1 
ATOM   714 O O   . ILE A 1 108 ? -3.014  2.541   -5.038  1.00 45.55  ? 361 ILE A O   1 
ATOM   715 C CB  . ILE A 1 108 ? -4.755  0.878   -7.269  1.00 47.72  ? 361 ILE A CB  1 
ATOM   716 C CG1 . ILE A 1 108 ? -3.681  0.569   -8.336  1.00 48.56  ? 361 ILE A CG1 1 
ATOM   717 C CG2 . ILE A 1 108 ? -5.212  2.297   -7.425  1.00 45.59  ? 361 ILE A CG2 1 
ATOM   718 N N   . HIS A 1 109 ? -1.772  0.867   -5.826  1.00 45.70  ? 362 HIS A N   1 
ATOM   719 C CA  . HIS A 1 109 ? -0.509  1.520   -5.494  1.00 39.14  ? 362 HIS A CA  1 
ATOM   720 C C   . HIS A 1 109 ? 0.314   1.533   -6.728  1.00 43.94  ? 362 HIS A C   1 
ATOM   721 O O   . HIS A 1 109 ? 0.781   0.472   -7.168  1.00 47.33  ? 362 HIS A O   1 
ATOM   722 C CB  . HIS A 1 109 ? 0.134   0.717   -4.383  1.00 37.93  ? 362 HIS A CB  1 
ATOM   723 C CG  . HIS A 1 109 ? -0.816  0.452   -3.228  1.00 38.63  ? 362 HIS A CG  1 
ATOM   724 N ND1 . HIS A 1 109 ? -0.939  1.298   -2.169  1.00 37.46  ? 362 HIS A ND1 1 
ATOM   725 C CD2 . HIS A 1 109 ? -1.752  -0.567  -3.017  1.00 42.11  ? 362 HIS A CD2 1 
ATOM   726 C CE1 . HIS A 1 109 ? -1.882  0.838   -1.313  1.00 37.71  ? 362 HIS A CE1 1 
ATOM   727 N NE2 . HIS A 1 109 ? -2.383  -0.309  -1.813  1.00 36.33  ? 362 HIS A NE2 1 
ATOM   728 N N   . ILE A 1 110 ? 0.448   2.709   -7.352  1.00 40.92  ? 363 ILE A N   1 
ATOM   729 C CA  . ILE A 1 110 ? 1.175   2.818   -8.613  1.00 40.28  ? 363 ILE A CA  1 
ATOM   730 C C   . ILE A 1 110 ? 2.601   3.179   -8.312  1.00 40.72  ? 363 ILE A C   1 
ATOM   731 O O   . ILE A 1 110 ? 2.859   4.154   -7.639  1.00 46.99  ? 363 ILE A O   1 
ATOM   732 C CB  . ILE A 1 110 ? 0.579   3.911   -9.563  1.00 44.17  ? 363 ILE A CB  1 
ATOM   733 C CG1 . ILE A 1 110 ? -0.872  3.585   -10.015 1.00 41.57  ? 363 ILE A CG1 1 
ATOM   734 C CG2 . ILE A 1 110 ? 1.452   4.093   -10.825 1.00 42.79  ? 363 ILE A CG2 1 
ATOM   735 C CD1 . ILE A 1 110 ? -1.983  4.008   -9.082  1.00 43.77  ? 363 ILE A CD1 1 
ATOM   736 N N   . ILE A 1 111 ? 3.535   2.416   -8.848  1.00 47.73  ? 364 ILE A N   1 
ATOM   737 C CA  . ILE A 1 111 ? 4.968   2.703   -8.707  1.00 48.80  ? 364 ILE A CA  1 
ATOM   738 C C   . ILE A 1 111 ? 5.438   3.634   -9.809  1.00 53.64  ? 364 ILE A C   1 
ATOM   739 O O   . ILE A 1 111 ? 5.438   3.242   -10.987 1.00 52.63  ? 364 ILE A O   1 
ATOM   740 C CB  . ILE A 1 111 ? 5.824   1.410   -8.804  1.00 50.57  ? 364 ILE A CB  1 
ATOM   741 C CG1 . ILE A 1 111 ? 5.209   0.231   -7.997  1.00 47.95  ? 364 ILE A CG1 1 
ATOM   742 C CG2 . ILE A 1 111 ? 7.279   1.709   -8.488  1.00 50.38  ? 364 ILE A CG2 1 
ATOM   743 C CD1 . ILE A 1 111 ? 4.969   0.484   -6.512  1.00 43.76  ? 364 ILE A CD1 1 
ATOM   744 N N   A ASP A 1 112 ? 5.751   4.886   -9.468  0.50 58.49  ? 365 ASP A N   1 
ATOM   745 N N   B ASP A 1 112 ? 5.851   4.839   -9.407  0.50 58.45  ? 365 ASP A N   1 
ATOM   746 C CA  A ASP A 1 112 ? 6.490   5.705   -10.417 0.50 61.77  ? 365 ASP A CA  1 
ATOM   747 C CA  B ASP A 1 112 ? 6.449   5.845   -10.286 0.50 61.84  ? 365 ASP A CA  1 
ATOM   748 C C   A ASP A 1 112 ? 7.939   5.315   -10.246 0.50 68.16  ? 365 ASP A C   1 
ATOM   749 C C   B ASP A 1 112 ? 7.999   5.602   -10.315 0.50 70.46  ? 365 ASP A C   1 
ATOM   750 O O   A ASP A 1 112 ? 8.514   5.331   -9.148  0.50 70.35  ? 365 ASP A O   1 
ATOM   751 O O   B ASP A 1 112 ? 8.711   6.012   -9.386  0.50 76.09  ? 365 ASP A O   1 
ATOM   752 C CB  A ASP A 1 112 ? 6.313   7.215   -10.271 0.50 54.27  ? 365 ASP A CB  1 
ATOM   753 C CB  B ASP A 1 112 ? 6.111   7.273   -9.776  0.50 53.11  ? 365 ASP A CB  1 
ATOM   754 C CG  A ASP A 1 112 ? 6.934   7.978   -11.450 0.50 54.59  ? 365 ASP A CG  1 
ATOM   755 C CG  B ASP A 1 112 ? 4.786   7.355   -8.928  0.50 54.32  ? 365 ASP A CG  1 
ATOM   756 O OD1 A ASP A 1 112 ? 8.059   7.629   -11.884 0.50 45.63  ? 365 ASP A OD1 1 
ATOM   757 O OD1 B ASP A 1 112 ? 3.813   6.589   -9.152  0.50 49.56  ? 365 ASP A OD1 1 
ATOM   758 O OD2 A ASP A 1 112 ? 6.278   8.909   -11.964 0.50 53.43  ? 365 ASP A OD2 1 
ATOM   759 O OD2 B ASP A 1 112 ? 4.707   8.233   -8.021  0.50 47.29  ? 365 ASP A OD2 1 
ATOM   760 N N   . ARG A 1 113 ? 8.522   4.933   -11.353 1.00 70.30  ? 366 ARG A N   1 
ATOM   761 C CA  . ARG A 1 113 ? 9.886   4.460   -11.311 1.00 75.67  ? 366 ARG A CA  1 
ATOM   762 C C   . ARG A 1 113 ? 10.878  5.473   -11.909 1.00 78.67  ? 366 ARG A C   1 
ATOM   763 O O   . ARG A 1 113 ? 12.103  5.327   -11.769 1.00 75.03  ? 366 ARG A O   1 
ATOM   764 C CB  . ARG A 1 113 ? 9.961   3.069   -11.957 1.00 75.55  ? 366 ARG A CB  1 
ATOM   765 C CG  . ARG A 1 113 ? 11.080  2.208   -11.398 1.00 75.43  ? 366 ARG A CG  1 
ATOM   766 C CD  . ARG A 1 113 ? 10.913  0.754   -11.810 1.00 81.14  ? 366 ARG A CD  1 
ATOM   767 N NE  . ARG A 1 113 ? 11.832  -0.143  -11.093 1.00 77.67  ? 366 ARG A NE  1 
ATOM   768 C CZ  . ARG A 1 113 ? 11.464  -1.179  -10.325 1.00 70.85  ? 366 ARG A CZ  1 
ATOM   769 N NH1 . ARG A 1 113 ? 10.188  -1.492  -10.162 1.00 65.54  ? 366 ARG A NH1 1 
ATOM   770 N NH2 . ARG A 1 113 ? 12.383  -1.918  -9.714  1.00 69.05  ? 366 ARG A NH2 1 
ATOM   771 N N   . LEU B 2 12  ? -6.167  3.089   13.619  1.00 57.11  ? 794 LEU B N   1 
ATOM   772 C CA  . LEU B 2 12  ? -5.512  2.288   12.501  1.00 66.00  ? 794 LEU B CA  1 
ATOM   773 C C   . LEU B 2 12  ? -4.133  1.718   12.852  1.00 63.35  ? 794 LEU B C   1 
ATOM   774 O O   . LEU B 2 12  ? -3.262  2.414   13.335  1.00 70.05  ? 794 LEU B O   1 
ATOM   775 C CB  . LEU B 2 12  ? -5.386  3.089   11.200  1.00 56.73  ? 794 LEU B CB  1 
ATOM   776 C CG  . LEU B 2 12  ? -4.718  2.421   9.988   1.00 52.49  ? 794 LEU B CG  1 
ATOM   777 C CD1 . LEU B 2 12  ? -5.706  1.506   9.343   1.00 50.05  ? 794 LEU B CD1 1 
ATOM   778 C CD2 . LEU B 2 12  ? -4.242  3.371   8.898   1.00 45.79  ? 794 LEU B CD2 1 
ATOM   779 N N   . LEU B 2 13  ? -3.945  0.443   12.556  1.00 61.32  ? 795 LEU B N   1 
ATOM   780 C CA  . LEU B 2 13  ? -2.775  -0.303  13.002  1.00 58.36  ? 795 LEU B CA  1 
ATOM   781 C C   . LEU B 2 13  ? -2.062  -0.810  11.785  1.00 54.30  ? 795 LEU B C   1 
ATOM   782 O O   . LEU B 2 13  ? -2.694  -1.418  10.912  1.00 50.45  ? 795 LEU B O   1 
ATOM   783 C CB  . LEU B 2 13  ? -3.229  -1.507  13.840  1.00 57.40  ? 795 LEU B CB  1 
ATOM   784 C CG  . LEU B 2 13  ? -2.248  -2.288  14.688  1.00 57.97  ? 795 LEU B CG  1 
ATOM   785 C CD1 . LEU B 2 13  ? -2.159  -1.517  15.983  1.00 63.06  ? 795 LEU B CD1 1 
ATOM   786 C CD2 . LEU B 2 13  ? -2.818  -3.676  14.952  1.00 60.19  ? 795 LEU B CD2 1 
ATOM   787 N N   . PRO B 2 14  ? -0.752  -0.574  11.710  1.00 50.31  ? 796 PRO B N   1 
ATOM   788 C CA  . PRO B 2 14  ? 0.041   -1.011  10.559  1.00 55.81  ? 796 PRO B CA  1 
ATOM   789 C C   . PRO B 2 14  ? 0.240   -2.516  10.563  1.00 55.35  ? 796 PRO B C   1 
ATOM   790 O O   . PRO B 2 14  ? 0.220   -3.120  11.623  1.00 67.45  ? 796 PRO B O   1 
ATOM   791 C CB  . PRO B 2 14  ? 1.397   -0.329  10.759  1.00 52.35  ? 796 PRO B CB  1 
ATOM   792 C CG  . PRO B 2 14  ? 1.198   0.606   11.900  1.00 59.11  ? 796 PRO B CG  1 
ATOM   793 C CD  . PRO B 2 14  ? 0.071   0.070   12.730  1.00 55.88  ? 796 PRO B CD  1 
ATOM   794 N N   . PRO B 2 15  ? 0.456   -3.114  9.391   1.00 49.77  ? 797 PRO B N   1 
ATOM   795 C CA  . PRO B 2 15  ? 0.701   -4.555  9.338   1.00 50.63  ? 797 PRO B CA  1 
ATOM   796 C C   . PRO B 2 15  ? 2.117   -4.900  9.757   1.00 55.61  ? 797 PRO B C   1 
ATOM   797 O O   . PRO B 2 15  ? 3.034   -4.136  9.509   1.00 61.68  ? 797 PRO B O   1 
ATOM   798 C CB  . PRO B 2 15  ? 0.495   -4.889  7.859   1.00 46.95  ? 797 PRO B CB  1 
ATOM   799 C CG  . PRO B 2 15  ? 0.762   -3.603  7.125   1.00 43.52  ? 797 PRO B CG  1 
ATOM   800 C CD  . PRO B 2 15  ? 0.287   -2.521  8.050   1.00 46.77  ? 797 PRO B CD  1 
ATOM   801 N N   . THR B 2 16  ? 2.287   -6.050  10.381  1.00 49.86  ? 798 THR B N   1 
ATOM   802 C CA  . THR B 2 16  ? 3.585   -6.507  10.798  1.00 44.94  ? 798 THR B CA  1 
ATOM   803 C C   . THR B 2 16  ? 4.177   -7.339  9.670   1.00 43.22  ? 798 THR B C   1 
ATOM   804 O O   . THR B 2 16  ? 3.463   -7.814  8.797   1.00 41.82  ? 798 THR B O   1 
ATOM   805 C CB  . THR B 2 16  ? 3.373   -7.421  12.010  1.00 50.65  ? 798 THR B CB  1 
ATOM   806 O OG1 . THR B 2 16  ? 2.612   -8.575  11.596  1.00 53.85  ? 798 THR B OG1 1 
ATOM   807 C CG2 . THR B 2 16  ? 2.578   -6.697  13.097  1.00 41.16  ? 798 THR B CG2 1 
ATOM   808 N N   . GLU B 2 17  ? 5.478   -7.572  9.710   1.00 44.71  ? 799 GLU B N   1 
ATOM   809 C CA  . GLU B 2 17  ? 6.121   -8.476  8.747   1.00 45.08  ? 799 GLU B CA  1 
ATOM   810 C C   . GLU B 2 17  ? 5.480   -9.887  8.645   1.00 45.53  ? 799 GLU B C   1 
ATOM   811 O O   . GLU B 2 17  ? 5.553   -10.513 7.585   1.00 54.40  ? 799 GLU B O   1 
ATOM   812 C CB  . GLU B 2 17  ? 7.656   -8.541  8.981   1.00 41.04  ? 799 GLU B CB  1 
ATOM   813 N N   . GLN B 2 18  ? 4.853   -10.396 9.712   1.00 47.82  ? 800 GLN B N   1 
ATOM   814 C CA  . GLN B 2 18  ? 4.263   -11.754 9.654   1.00 47.31  ? 800 GLN B CA  1 
ATOM   815 C C   . GLN B 2 18  ? 2.954   -11.661 8.903   1.00 49.47  ? 800 GLN B C   1 
ATOM   816 O O   . GLN B 2 18  ? 2.671   -12.510 8.060   1.00 57.93  ? 800 GLN B O   1 
ATOM   817 C CB  . GLN B 2 18  ? 4.025   -12.376 11.027  1.00 41.21  ? 800 GLN B CB  1 
ATOM   818 N N   . ASP B 2 19  ? 2.178   -10.620 9.198   1.00 48.13  ? 801 ASP B N   1 
ATOM   819 C CA  . ASP B 2 19  ? 0.927   -10.304 8.471   1.00 48.42  ? 801 ASP B CA  1 
ATOM   820 C C   . ASP B 2 19  ? 1.157   -10.301 6.963   1.00 49.46  ? 801 ASP B C   1 
ATOM   821 O O   . ASP B 2 19  ? 0.354   -10.844 6.201   1.00 54.20  ? 801 ASP B O   1 
ATOM   822 C CB  . ASP B 2 19  ? 0.402   -8.914  8.836   1.00 48.51  ? 801 ASP B CB  1 
ATOM   823 C CG  . ASP B 2 19  ? -0.189  -8.803  10.258  1.00 62.91  ? 801 ASP B CG  1 
ATOM   824 O OD1 . ASP B 2 19  ? -0.344  -9.830  10.989  1.00 71.12  ? 801 ASP B OD1 1 
ATOM   825 O OD2 . ASP B 2 19  ? -0.510  -7.633  10.637  1.00 60.58  ? 801 ASP B OD2 1 
ATOM   826 N N   . LEU B 2 20  ? 2.259   -9.684  6.539   1.00 45.64  ? 802 LEU B N   1 
ATOM   827 C CA  . LEU B 2 20  ? 2.542   -9.561  5.124   1.00 46.30  ? 802 LEU B CA  1 
ATOM   828 C C   . LEU B 2 20  ? 2.976   -10.881 4.544   1.00 50.44  ? 802 LEU B C   1 
ATOM   829 O O   . LEU B 2 20  ? 2.608   -11.224 3.420   1.00 59.50  ? 802 LEU B O   1 
ATOM   830 C CB  . LEU B 2 20  ? 3.611   -8.493  4.853   1.00 43.40  ? 802 LEU B CB  1 
ATOM   831 C CG  . LEU B 2 20  ? 3.179   -7.024  4.961   1.00 45.02  ? 802 LEU B CG  1 
ATOM   832 C CD1 . LEU B 2 20  ? 4.376   -6.144  4.722   1.00 39.03  ? 802 LEU B CD1 1 
ATOM   833 C CD2 . LEU B 2 20  ? 2.055   -6.651  4.002   1.00 41.20  ? 802 LEU B CD2 1 
ATOM   834 N N   . THR B 2 21  ? 3.778   -11.616 5.295   1.00 46.84  ? 803 THR B N   1 
ATOM   835 C CA  . THR B 2 21  ? 4.025   -12.986 4.930   1.00 48.71  ? 803 THR B CA  1 
ATOM   836 C C   . THR B 2 21  ? 2.695   -13.763 4.695   1.00 50.35  ? 803 THR B C   1 
ATOM   837 O O   . THR B 2 21  ? 2.485   -14.277 3.583   1.00 54.47  ? 803 THR B O   1 
ATOM   838 C CB  . THR B 2 21  ? 4.957   -13.617 5.954   1.00 53.94  ? 803 THR B CB  1 
ATOM   839 O OG1 . THR B 2 21  ? 6.184   -12.863 5.969   1.00 42.37  ? 803 THR B OG1 1 
ATOM   840 C CG2 . THR B 2 21  ? 5.258   -15.059 5.595   1.00 45.51  ? 803 THR B CG2 1 
ATOM   841 N N   . LYS B 2 22  ? 1.784   -13.796 5.677   1.00 50.02  ? 804 LYS B N   1 
ATOM   842 C CA  . LYS B 2 22  ? 0.402   -14.337 5.465   1.00 49.17  ? 804 LYS B CA  1 
ATOM   843 C C   . LYS B 2 22  ? -0.129  -13.913 4.078   1.00 52.55  ? 804 LYS B C   1 
ATOM   844 O O   . LYS B 2 22  ? -0.144  -14.738 3.165   1.00 52.71  ? 804 LYS B O   1 
ATOM   845 C CB  . LYS B 2 22  ? -0.547  -13.942 6.625   1.00 56.84  ? 804 LYS B CB  1 
ATOM   846 C CG  . LYS B 2 22  ? -1.821  -14.777 6.843   1.00 53.02  ? 804 LYS B CG  1 
ATOM   847 N N   . LEU B 2 23  ? -0.464  -12.626 3.893   1.00 52.87  ? 805 LEU B N   1 
ATOM   848 C CA  . LEU B 2 23  ? -0.999  -12.082 2.613   1.00 48.70  ? 805 LEU B CA  1 
ATOM   849 C C   . LEU B 2 23  ? -0.349  -12.548 1.313   1.00 52.96  ? 805 LEU B C   1 
ATOM   850 O O   . LEU B 2 23  ? -1.015  -12.793 0.293   1.00 55.17  ? 805 LEU B O   1 
ATOM   851 C CB  . LEU B 2 23  ? -0.894  -10.564 2.620   1.00 46.54  ? 805 LEU B CB  1 
ATOM   852 C CG  . LEU B 2 23  ? -1.947  -9.777  3.409   1.00 48.88  ? 805 LEU B CG  1 
ATOM   853 C CD1 . LEU B 2 23  ? -3.291  -10.481 3.456   1.00 45.67  ? 805 LEU B CD1 1 
ATOM   854 C CD2 . LEU B 2 23  ? -1.493  -9.551  4.819   1.00 48.86  ? 805 LEU B CD2 1 
ATOM   855 N N   . LEU B 2 24  ? 0.966   -12.603 1.328   1.00 52.97  ? 806 LEU B N   1 
ATOM   856 C CA  . LEU B 2 24  ? 1.695   -12.939 0.124   1.00 56.51  ? 806 LEU B CA  1 
ATOM   857 C C   . LEU B 2 24  ? 1.708   -14.444 -0.137  1.00 62.01  ? 806 LEU B C   1 
ATOM   858 O O   . LEU B 2 24  ? 1.850   -14.848 -1.282  1.00 71.03  ? 806 LEU B O   1 
ATOM   859 C CB  . LEU B 2 24  ? 3.127   -12.402 0.206   1.00 53.33  ? 806 LEU B CB  1 
ATOM   860 C CG  . LEU B 2 24  ? 3.211   -10.880 0.308   1.00 50.58  ? 806 LEU B CG  1 
ATOM   861 C CD1 . LEU B 2 24  ? 4.632   -10.373 0.413   1.00 45.28  ? 806 LEU B CD1 1 
ATOM   862 C CD2 . LEU B 2 24  ? 2.526   -10.290 -0.905  1.00 48.39  ? 806 LEU B CD2 1 
ATOM   863 N N   . LEU B 2 25  ? 1.585   -15.265 0.910   1.00 65.60  ? 807 LEU B N   1 
ATOM   864 C CA  . LEU B 2 25  ? 1.402   -16.728 0.753   1.00 75.35  ? 807 LEU B CA  1 
ATOM   865 C C   . LEU B 2 25  ? 0.008   -17.047 0.121   1.00 81.01  ? 807 LEU B C   1 
ATOM   866 O O   . LEU B 2 25  ? -0.056  -17.703 -0.924  1.00 82.19  ? 807 LEU B O   1 
ATOM   867 C CB  . LEU B 2 25  ? 1.669   -17.507 2.061   1.00 66.39  ? 807 LEU B CB  1 
ATOM   868 N N   . GLU B 2 26  ? -1.090  -16.569 0.708   1.00 75.57  ? 808 GLU B N   1 
ATOM   869 C CA  . GLU B 2 26  ? -2.364  -16.517 -0.030  1.00 77.92  ? 808 GLU B CA  1 
ATOM   870 C C   . GLU B 2 26  ? -2.213  -15.644 -1.284  1.00 79.64  ? 808 GLU B C   1 
ATOM   871 O O   . GLU B 2 26  ? -2.793  -15.922 -2.340  1.00 78.19  ? 808 GLU B O   1 
ATOM   872 C CB  . GLU B 2 26  ? -3.453  -15.912 0.834   1.00 80.64  ? 808 GLU B CB  1 
ATOM   873 C CG  . GLU B 2 26  ? -3.473  -16.419 2.271   1.00 92.94  ? 808 GLU B CG  1 
ATOM   874 C CD  . GLU B 2 26  ? -3.933  -15.355 3.269   1.00 104.45 ? 808 GLU B CD  1 
ATOM   875 O OE1 . GLU B 2 26  ? -4.337  -14.243 2.834   1.00 110.84 ? 808 GLU B OE1 1 
ATOM   876 O OE2 . GLU B 2 26  ? -3.881  -15.625 4.495   1.00 103.99 ? 808 GLU B OE2 1 
HETATM 877 O O   . HOH C 3 .   ? 6.959   3.190   11.485  1.00 44.38  ? 401 HOH A O   1 
HETATM 878 O O   . HOH C 3 .   ? -17.245 9.483   -3.001  1.00 49.53  ? 402 HOH A O   1 
HETATM 879 O O   . HOH C 3 .   ? 0.242   4.668   10.006  1.00 42.19  ? 403 HOH A O   1 
HETATM 880 O O   . HOH C 3 .   ? -5.331  3.191   4.890   1.00 41.33  ? 404 HOH A O   1 
HETATM 881 O O   . HOH C 3 .   ? -10.202 10.233  -5.097  1.00 41.57  ? 405 HOH A O   1 
HETATM 882 O O   . HOH C 3 .   ? -7.016  -1.148  0.391   1.00 45.52  ? 406 HOH A O   1 
HETATM 883 O O   . HOH C 3 .   ? -8.884  12.097  -3.755  1.00 46.26  ? 407 HOH A O   1 
HETATM 884 O O   . HOH D 3 .   ? 6.912   -13.539 8.134   1.00 48.45  ? 901 HOH B O   1 
# 
